data_4UMP
#
_entry.id   4UMP
#
_cell.length_a   65.822
_cell.length_b   74.968
_cell.length_c   77.088
_cell.angle_alpha   86.47
_cell.angle_beta   70.06
_cell.angle_gamma   89.94
#
_symmetry.space_group_name_H-M   'P 1'
#
loop_
_entity.id
_entity.type
_entity.pdbx_description
1 polymer 'MATERNAL EMBRYONIC LEUCINE ZIPPER KINASE'
2 non-polymer 3-(isoquinolin-7-yl)prop-2-yn-1-ol
3 water water
#
_entity_poly.entity_id   1
_entity_poly.type   'polypeptide(L)'
_entity_poly.pdbx_seq_one_letter_code
;MGSSHHHHHHSSGLVPRGSHMKDYDELLKYYELHETIGTGGFAKVKLACHILTGEMVAIKIMDKNTLGSDLPRIKTEIEA
LKNLRHQHICQLYHVLETANKIFMVLEYCPGGELFDYIISQDRLSEEETRVVFRQIVSAVAYVHSQGYAHRDLKPENLLF
DEYHKLKLIDFGLCAKPKGNKDYHLQACCGALAYAAPELIQGKSYLGSEADVWSMGILLYVLMCGFLPFDDDTAAALVAK
IMRGKYDVPKWLSPSSILLLQQMLQVDPKKRISMKNLLNHPWIMQDYNYPVEWQSKNPFIHLDDDCVTELSVHHRNNRQT
MEDLISLWQYDHLTATYLLLLAKKARGKPVRLRLSS
;
_entity_poly.pdbx_strand_id   A,B,C,D
#
loop_
_chem_comp.id
_chem_comp.type
_chem_comp.name
_chem_comp.formula
5QM non-polymer 3-(isoquinolin-7-yl)prop-2-yn-1-ol 'C12 H9 N O'
#
# COMPACT_ATOMS: atom_id res chain seq x y z
N MET A 21 -4.98 25.98 -13.71
CA MET A 21 -6.18 25.76 -14.53
C MET A 21 -7.38 26.50 -13.94
N LYS A 22 -8.05 27.34 -14.76
CA LYS A 22 -9.24 28.13 -14.40
C LYS A 22 -10.47 27.24 -14.13
N ASP A 23 -10.47 26.00 -14.69
CA ASP A 23 -11.47 24.95 -14.51
C ASP A 23 -11.54 24.41 -13.07
N TYR A 24 -10.48 24.63 -12.27
CA TYR A 24 -10.29 24.07 -10.93
C TYR A 24 -10.13 25.14 -9.84
N ASP A 25 -10.25 26.43 -10.19
CA ASP A 25 -10.03 27.54 -9.26
C ASP A 25 -11.05 27.63 -8.12
N GLU A 26 -12.36 27.55 -8.47
CA GLU A 26 -13.45 27.61 -7.48
C GLU A 26 -13.51 26.31 -6.68
N LEU A 27 -13.33 25.15 -7.37
CA LEU A 27 -13.28 23.84 -6.71
C LEU A 27 -12.23 23.83 -5.59
N LEU A 28 -11.01 24.33 -5.88
CA LEU A 28 -9.87 24.19 -4.98
C LEU A 28 -9.87 25.23 -3.85
N LYS A 29 -10.82 26.21 -3.86
CA LYS A 29 -11.12 27.05 -2.70
C LYS A 29 -11.72 26.21 -1.56
N TYR A 30 -12.42 25.12 -1.90
CA TYR A 30 -13.29 24.38 -0.99
C TYR A 30 -12.78 22.99 -0.67
N TYR A 31 -12.11 22.35 -1.63
CA TYR A 31 -11.73 20.93 -1.63
C TYR A 31 -10.26 20.73 -1.96
N GLU A 32 -9.60 19.86 -1.17
CA GLU A 32 -8.24 19.39 -1.42
C GLU A 32 -8.39 18.10 -2.23
N LEU A 33 -8.04 18.16 -3.51
CA LEU A 33 -8.19 17.06 -4.46
C LEU A 33 -7.16 15.96 -4.17
N HIS A 34 -7.62 14.71 -4.16
CA HIS A 34 -6.75 13.52 -4.03
C HIS A 34 -6.81 12.72 -5.35
N GLU A 35 -6.60 11.41 -5.29
CA GLU A 35 -6.48 10.59 -6.51
C GLU A 35 -7.82 10.11 -7.08
N THR A 36 -7.80 9.73 -8.37
CA THR A 36 -8.86 9.03 -9.10
C THR A 36 -9.18 7.69 -8.42
N ILE A 37 -10.45 7.50 -8.05
CA ILE A 37 -10.89 6.29 -7.35
C ILE A 37 -11.89 5.49 -8.19
N GLY A 38 -12.37 6.05 -9.28
CA GLY A 38 -13.38 5.35 -10.05
C GLY A 38 -14.07 6.12 -11.14
N THR A 39 -15.31 5.74 -11.34
CA THR A 39 -16.10 6.13 -12.50
C THR A 39 -17.56 6.27 -12.10
N GLY A 40 -18.22 7.24 -12.68
CA GLY A 40 -19.66 7.43 -12.52
C GLY A 40 -20.23 8.00 -13.78
N GLY A 41 -21.02 7.22 -14.51
CA GLY A 41 -21.64 7.68 -15.75
C GLY A 41 -20.70 8.37 -16.72
N PHE A 42 -19.57 7.69 -17.04
CA PHE A 42 -18.48 8.08 -17.97
C PHE A 42 -17.61 9.23 -17.45
N ALA A 43 -18.07 9.90 -16.36
CA ALA A 43 -17.33 10.85 -15.57
C ALA A 43 -16.33 10.15 -14.64
N LYS A 44 -15.15 10.76 -14.46
CA LYS A 44 -14.10 10.37 -13.53
C LYS A 44 -14.57 10.72 -12.12
N VAL A 45 -14.27 9.86 -11.15
CA VAL A 45 -14.50 10.15 -9.73
C VAL A 45 -13.16 10.23 -9.02
N LYS A 46 -12.92 11.33 -8.31
CA LYS A 46 -11.70 11.54 -7.52
C LYS A 46 -12.04 11.63 -6.05
N LEU A 47 -11.16 11.09 -5.21
CA LEU A 47 -11.18 11.35 -3.77
C LEU A 47 -10.87 12.85 -3.50
N ALA A 48 -11.56 13.49 -2.55
CA ALA A 48 -11.16 14.80 -2.08
C ALA A 48 -11.44 15.02 -0.59
N CYS A 49 -10.87 16.08 0.00
CA CYS A 49 -11.15 16.53 1.37
C CYS A 49 -11.89 17.88 1.31
N HIS A 50 -13.07 17.99 1.94
CA HIS A 50 -13.75 19.29 2.12
C HIS A 50 -12.97 20.03 3.26
N ILE A 51 -12.34 21.17 2.91
CA ILE A 51 -11.36 21.90 3.73
C ILE A 51 -11.92 22.37 5.09
N LEU A 52 -13.11 23.03 5.08
CA LEU A 52 -13.76 23.57 6.28
C LEU A 52 -14.06 22.53 7.33
N THR A 53 -14.52 21.33 6.90
CA THR A 53 -14.97 20.30 7.84
C THR A 53 -13.85 19.26 8.12
N GLY A 54 -12.84 19.18 7.25
CA GLY A 54 -11.91 18.05 7.18
C GLY A 54 -12.50 16.73 6.65
N GLU A 55 -13.79 16.72 6.21
CA GLU A 55 -14.45 15.45 5.83
C GLU A 55 -14.10 15.03 4.43
N MET A 56 -13.91 13.71 4.22
CA MET A 56 -13.64 13.09 2.92
C MET A 56 -14.90 12.98 2.07
N VAL A 57 -14.74 13.30 0.78
CA VAL A 57 -15.79 13.38 -0.24
C VAL A 57 -15.33 12.62 -1.55
N ALA A 58 -16.30 12.26 -2.41
CA ALA A 58 -16.10 11.78 -3.77
C ALA A 58 -16.48 12.93 -4.73
N ILE A 59 -15.61 13.27 -5.68
CA ILE A 59 -15.96 14.31 -6.65
C ILE A 59 -16.03 13.70 -8.02
N LYS A 60 -17.22 13.77 -8.62
CA LYS A 60 -17.52 13.32 -9.99
C LYS A 60 -17.21 14.51 -10.90
N ILE A 61 -16.31 14.33 -11.89
CA ILE A 61 -15.87 15.38 -12.83
C ILE A 61 -16.43 15.10 -14.25
N MET A 62 -17.37 15.95 -14.71
CA MET A 62 -17.95 15.92 -16.04
C MET A 62 -17.27 16.94 -16.90
N ASP A 63 -16.88 16.53 -18.12
CA ASP A 63 -16.48 17.41 -19.21
C ASP A 63 -17.69 17.65 -20.10
N LYS A 64 -18.11 18.92 -20.23
CA LYS A 64 -19.31 19.31 -20.98
C LYS A 64 -19.02 19.65 -22.48
N ASN A 65 -17.94 19.04 -23.03
CA ASN A 65 -17.51 19.16 -24.42
C ASN A 65 -17.24 17.76 -25.00
N THR A 66 -17.11 16.75 -24.11
CA THR A 66 -16.78 15.37 -24.45
C THR A 66 -17.84 14.43 -23.88
N ASP A 70 -24.27 12.97 -23.29
CA ASP A 70 -25.06 12.52 -22.14
C ASP A 70 -25.30 13.65 -21.11
N LEU A 71 -25.41 14.91 -21.60
CA LEU A 71 -25.75 16.13 -20.82
C LEU A 71 -27.16 16.04 -20.16
N PRO A 72 -28.24 15.53 -20.84
CA PRO A 72 -29.55 15.39 -20.16
C PRO A 72 -29.55 14.39 -18.99
N ARG A 73 -28.69 13.36 -19.06
CA ARG A 73 -28.47 12.33 -18.04
C ARG A 73 -27.90 12.95 -16.77
N ILE A 74 -26.90 13.85 -16.92
CA ILE A 74 -26.24 14.59 -15.83
C ILE A 74 -27.29 15.41 -15.07
N LYS A 75 -28.13 16.16 -15.80
CA LYS A 75 -29.14 17.09 -15.28
C LYS A 75 -30.30 16.39 -14.57
N THR A 76 -30.76 15.22 -15.10
CA THR A 76 -31.79 14.35 -14.48
C THR A 76 -31.28 13.78 -13.15
N GLU A 77 -30.01 13.32 -13.11
CA GLU A 77 -29.36 12.84 -11.89
C GLU A 77 -29.34 13.91 -10.81
N ILE A 78 -28.74 15.08 -11.10
CA ILE A 78 -28.61 16.27 -10.25
C ILE A 78 -29.96 16.69 -9.68
N GLU A 79 -30.97 16.80 -10.54
CA GLU A 79 -32.33 17.19 -10.15
C GLU A 79 -33.05 16.14 -9.26
N ALA A 80 -32.80 14.82 -9.47
CA ALA A 80 -33.32 13.76 -8.60
C ALA A 80 -32.61 13.82 -7.25
N LEU A 81 -31.25 13.92 -7.25
CA LEU A 81 -30.40 13.99 -6.04
C LEU A 81 -30.60 15.26 -5.21
N LYS A 82 -31.10 16.34 -5.83
CA LYS A 82 -31.56 17.55 -5.15
C LYS A 82 -32.83 17.28 -4.33
N ASN A 83 -33.73 16.40 -4.82
CA ASN A 83 -34.99 16.08 -4.15
C ASN A 83 -34.99 14.80 -3.32
N LEU A 84 -33.95 13.99 -3.46
CA LEU A 84 -33.84 12.76 -2.70
C LEU A 84 -32.77 12.92 -1.65
N ARG A 85 -33.04 12.44 -0.44
CA ARG A 85 -32.21 12.56 0.74
C ARG A 85 -32.64 11.40 1.64
N HIS A 86 -31.72 10.45 1.85
CA HIS A 86 -32.00 9.20 2.52
C HIS A 86 -30.68 8.56 2.95
N GLN A 87 -30.72 7.75 4.01
CA GLN A 87 -29.61 6.97 4.58
C GLN A 87 -29.01 5.89 3.62
N HIS A 88 -29.75 5.48 2.59
CA HIS A 88 -29.26 4.48 1.64
C HIS A 88 -29.17 5.02 0.20
N ILE A 89 -29.16 6.35 0.05
CA ILE A 89 -28.88 7.06 -1.23
C ILE A 89 -27.64 7.89 -1.03
N CYS A 90 -26.60 7.65 -1.86
CA CYS A 90 -25.36 8.41 -1.85
C CYS A 90 -25.65 9.89 -2.06
N GLN A 91 -25.36 10.67 -1.00
CA GLN A 91 -25.67 12.08 -0.83
C GLN A 91 -24.92 13.03 -1.75
N LEU A 92 -25.68 13.86 -2.47
CA LEU A 92 -25.19 15.05 -3.15
C LEU A 92 -25.01 16.20 -2.18
N TYR A 93 -23.79 16.78 -2.18
CA TYR A 93 -23.42 17.88 -1.29
C TYR A 93 -23.40 19.23 -2.01
N HIS A 94 -22.90 19.23 -3.27
CA HIS A 94 -22.43 20.44 -3.94
C HIS A 94 -22.35 20.19 -5.46
N VAL A 95 -22.99 21.06 -6.22
CA VAL A 95 -22.79 21.11 -7.67
C VAL A 95 -22.02 22.40 -7.99
N LEU A 96 -20.88 22.27 -8.67
CA LEU A 96 -20.12 23.36 -9.29
C LEU A 96 -20.15 23.19 -10.81
N GLU A 97 -20.25 24.30 -11.52
CA GLU A 97 -20.21 24.29 -12.99
C GLU A 97 -19.29 25.41 -13.47
N THR A 98 -18.34 25.06 -14.35
CA THR A 98 -17.40 26.04 -14.93
C THR A 98 -17.59 26.17 -16.47
N ALA A 99 -16.49 26.53 -17.18
CA ALA A 99 -16.39 26.65 -18.63
C ALA A 99 -16.62 25.29 -19.28
N ASN A 100 -15.76 24.33 -18.93
CA ASN A 100 -15.73 23.02 -19.58
C ASN A 100 -16.01 21.88 -18.62
N LYS A 101 -16.57 22.18 -17.41
CA LYS A 101 -16.75 21.17 -16.36
C LYS A 101 -18.07 21.29 -15.56
N ILE A 102 -18.60 20.14 -15.09
CA ILE A 102 -19.58 20.00 -13.99
C ILE A 102 -18.96 19.09 -12.91
N PHE A 103 -18.85 19.60 -11.68
CA PHE A 103 -18.44 18.85 -10.51
C PHE A 103 -19.67 18.51 -9.67
N MET A 104 -19.80 17.23 -9.29
CA MET A 104 -20.76 16.77 -8.31
C MET A 104 -19.94 16.29 -7.11
N VAL A 105 -20.13 16.94 -5.94
CA VAL A 105 -19.50 16.55 -4.69
C VAL A 105 -20.48 15.62 -3.99
N LEU A 106 -20.02 14.39 -3.74
CA LEU A 106 -20.87 13.30 -3.28
C LEU A 106 -20.31 12.64 -2.02
N GLU A 107 -21.16 11.84 -1.36
CA GLU A 107 -20.83 11.06 -0.16
C GLU A 107 -19.77 10.00 -0.50
N TYR A 108 -18.65 10.01 0.25
CA TYR A 108 -17.56 9.08 0.02
C TYR A 108 -17.97 7.68 0.44
N CYS A 109 -17.94 6.71 -0.52
CA CYS A 109 -18.24 5.28 -0.29
C CYS A 109 -16.96 4.42 -0.55
N PRO A 110 -16.07 4.25 0.46
CA PRO A 110 -14.80 3.51 0.20
C PRO A 110 -14.95 1.99 0.09
N GLY A 111 -16.14 1.45 0.39
CA GLY A 111 -16.39 0.02 0.48
C GLY A 111 -16.55 -0.73 -0.82
N GLY A 112 -16.45 -0.03 -1.94
CA GLY A 112 -16.60 -0.64 -3.26
C GLY A 112 -18.04 -0.82 -3.67
N GLU A 113 -18.24 -1.51 -4.81
CA GLU A 113 -19.58 -1.86 -5.33
C GLU A 113 -20.05 -3.18 -4.76
N LEU A 114 -21.35 -3.33 -4.61
CA LEU A 114 -21.99 -4.62 -4.34
C LEU A 114 -21.54 -5.69 -5.39
N PHE A 115 -21.28 -5.29 -6.67
CA PHE A 115 -20.76 -6.17 -7.73
C PHE A 115 -19.48 -6.87 -7.29
N ASP A 116 -18.51 -6.10 -6.80
CA ASP A 116 -17.20 -6.54 -6.32
C ASP A 116 -17.30 -7.58 -5.23
N TYR A 117 -18.21 -7.34 -4.30
CA TYR A 117 -18.57 -8.13 -3.14
C TYR A 117 -19.15 -9.51 -3.53
N ILE A 118 -20.05 -9.52 -4.54
CA ILE A 118 -20.68 -10.71 -5.11
C ILE A 118 -19.60 -11.57 -5.77
N ILE A 119 -18.72 -10.96 -6.60
CA ILE A 119 -17.78 -11.71 -7.42
C ILE A 119 -16.56 -12.23 -6.60
N SER A 120 -16.25 -11.61 -5.43
CA SER A 120 -15.13 -11.98 -4.54
C SER A 120 -15.38 -13.25 -3.70
N GLN A 121 -16.58 -13.40 -3.16
CA GLN A 121 -17.13 -14.66 -2.67
C GLN A 121 -17.67 -15.31 -3.96
N ASP A 122 -18.23 -16.54 -3.93
CA ASP A 122 -18.87 -16.98 -5.19
C ASP A 122 -20.20 -16.18 -5.32
N ARG A 123 -21.01 -16.29 -4.28
CA ARG A 123 -22.31 -15.67 -4.04
C ARG A 123 -22.28 -15.34 -2.56
N LEU A 124 -23.42 -14.85 -2.00
CA LEU A 124 -23.60 -14.68 -0.56
C LEU A 124 -24.60 -15.70 -0.03
N SER A 125 -24.51 -16.03 1.28
CA SER A 125 -25.46 -16.87 1.99
C SER A 125 -26.78 -16.11 2.10
N GLU A 126 -27.87 -16.81 2.38
CA GLU A 126 -29.20 -16.21 2.53
C GLU A 126 -29.20 -15.16 3.57
N GLU A 127 -28.53 -15.42 4.71
CA GLU A 127 -28.43 -14.53 5.86
C GLU A 127 -27.70 -13.22 5.49
N GLU A 128 -26.58 -13.34 4.74
CA GLU A 128 -25.82 -12.23 4.21
C GLU A 128 -26.62 -11.40 3.21
N THR A 129 -27.45 -12.03 2.33
CA THR A 129 -28.13 -11.22 1.31
C THR A 129 -29.37 -10.56 1.91
N ARG A 130 -29.96 -11.10 3.02
CA ARG A 130 -31.03 -10.42 3.78
C ARG A 130 -30.53 -9.09 4.30
N VAL A 131 -29.33 -9.08 4.96
CA VAL A 131 -28.66 -7.90 5.53
C VAL A 131 -28.58 -6.75 4.50
N VAL A 132 -28.02 -7.08 3.35
CA VAL A 132 -27.78 -6.22 2.20
C VAL A 132 -29.11 -5.83 1.50
N PHE A 133 -30.01 -6.80 1.28
CA PHE A 133 -31.26 -6.64 0.53
C PHE A 133 -32.29 -5.78 1.23
N ARG A 134 -32.34 -5.83 2.57
CA ARG A 134 -33.15 -4.93 3.41
C ARG A 134 -32.75 -3.46 3.25
N GLN A 135 -31.46 -3.18 3.00
CA GLN A 135 -30.97 -1.84 2.67
C GLN A 135 -31.40 -1.38 1.27
N ILE A 136 -31.27 -2.26 0.25
CA ILE A 136 -31.80 -2.02 -1.11
C ILE A 136 -33.29 -1.73 -1.05
N VAL A 137 -34.10 -2.53 -0.32
CA VAL A 137 -35.55 -2.33 -0.19
C VAL A 137 -35.88 -0.96 0.42
N SER A 138 -35.24 -0.61 1.58
CA SER A 138 -35.31 0.69 2.22
C SER A 138 -35.16 1.85 1.25
N ALA A 139 -34.05 1.87 0.46
CA ALA A 139 -33.73 2.93 -0.49
C ALA A 139 -34.76 3.07 -1.62
N VAL A 140 -35.16 1.96 -2.25
CA VAL A 140 -36.10 1.91 -3.38
C VAL A 140 -37.53 2.27 -2.92
N ALA A 141 -38.00 1.71 -1.78
CA ALA A 141 -39.23 2.14 -1.13
C ALA A 141 -39.28 3.66 -0.86
N TYR A 142 -38.17 4.27 -0.37
CA TYR A 142 -38.07 5.73 -0.26
C TYR A 142 -38.13 6.47 -1.63
N VAL A 143 -37.34 6.05 -2.64
CA VAL A 143 -37.36 6.59 -4.02
C VAL A 143 -38.81 6.67 -4.52
N HIS A 144 -39.57 5.56 -4.36
CA HIS A 144 -40.94 5.39 -4.85
C HIS A 144 -41.97 6.26 -4.15
N SER A 145 -41.77 6.52 -2.84
CA SER A 145 -42.60 7.40 -2.02
C SER A 145 -42.45 8.88 -2.46
N GLN A 146 -41.32 9.20 -3.08
CA GLN A 146 -41.03 10.53 -3.63
C GLN A 146 -41.51 10.74 -5.09
N GLY A 147 -42.16 9.73 -5.66
CA GLY A 147 -42.70 9.76 -7.01
C GLY A 147 -41.69 9.43 -8.11
N TYR A 148 -40.59 8.77 -7.73
CA TYR A 148 -39.55 8.37 -8.69
C TYR A 148 -39.53 6.84 -8.84
N ALA A 149 -38.99 6.38 -9.95
CA ALA A 149 -38.53 5.01 -10.17
C ALA A 149 -37.05 5.21 -10.64
N HIS A 150 -36.08 4.45 -10.10
CA HIS A 150 -34.65 4.54 -10.45
C HIS A 150 -34.33 4.07 -11.88
N ARG A 151 -35.07 3.05 -12.37
CA ARG A 151 -35.04 2.54 -13.74
C ARG A 151 -33.67 2.02 -14.19
N ASP A 152 -32.74 1.78 -13.23
CA ASP A 152 -31.43 1.18 -13.51
C ASP A 152 -30.83 0.44 -12.31
N LEU A 153 -31.66 -0.27 -11.51
CA LEU A 153 -31.18 -1.02 -10.33
C LEU A 153 -30.33 -2.21 -10.79
N LYS A 154 -29.09 -2.27 -10.29
CA LYS A 154 -28.05 -3.25 -10.64
C LYS A 154 -26.96 -3.21 -9.55
N PRO A 155 -26.12 -4.26 -9.40
CA PRO A 155 -25.13 -4.27 -8.29
C PRO A 155 -23.98 -3.28 -8.42
N GLU A 156 -23.66 -2.87 -9.65
CA GLU A 156 -22.68 -1.81 -9.93
C GLU A 156 -23.13 -0.46 -9.37
N ASN A 157 -24.48 -0.25 -9.24
CA ASN A 157 -25.16 0.97 -8.78
C ASN A 157 -25.50 0.99 -7.27
N LEU A 158 -24.86 0.12 -6.50
CA LEU A 158 -24.89 0.14 -5.03
C LEU A 158 -23.46 0.08 -4.54
N LEU A 159 -23.12 0.99 -3.61
CA LEU A 159 -21.77 1.16 -3.10
C LEU A 159 -21.84 1.05 -1.59
N PHE A 160 -20.79 0.48 -0.96
CA PHE A 160 -20.71 0.45 0.50
C PHE A 160 -20.02 1.66 1.04
N ASP A 161 -20.60 2.25 2.10
CA ASP A 161 -19.98 3.40 2.80
C ASP A 161 -18.89 2.89 3.79
N GLU A 162 -18.33 3.76 4.70
CA GLU A 162 -17.24 3.36 5.62
C GLU A 162 -17.73 2.36 6.68
N TYR A 163 -19.03 2.32 6.91
CA TYR A 163 -19.69 1.50 7.92
C TYR A 163 -20.28 0.26 7.29
N HIS A 164 -19.83 -0.12 6.06
CA HIS A 164 -20.33 -1.23 5.22
C HIS A 164 -21.89 -1.25 5.15
N LYS A 165 -22.49 -0.08 4.83
CA LYS A 165 -23.91 0.20 4.54
C LYS A 165 -24.06 0.70 3.09
N LEU A 166 -25.06 0.17 2.36
CA LEU A 166 -25.31 0.45 0.94
C LEU A 166 -25.83 1.86 0.66
N LYS A 167 -25.36 2.42 -0.45
CA LYS A 167 -25.72 3.73 -0.93
C LYS A 167 -26.02 3.57 -2.42
N LEU A 168 -27.26 3.91 -2.82
CA LEU A 168 -27.73 3.91 -4.19
C LEU A 168 -27.19 5.14 -4.95
N ILE A 169 -26.55 4.87 -6.12
CA ILE A 169 -25.98 5.82 -7.10
C ILE A 169 -26.69 5.73 -8.47
N ASP A 170 -26.20 6.51 -9.45
CA ASP A 170 -26.65 6.58 -10.84
C ASP A 170 -28.15 6.87 -11.04
N PHE A 171 -28.52 8.15 -10.95
CA PHE A 171 -29.91 8.59 -11.01
C PHE A 171 -30.17 9.23 -12.36
N GLY A 172 -29.34 8.86 -13.35
CA GLY A 172 -29.40 9.33 -14.75
C GLY A 172 -30.64 8.93 -15.55
N LEU A 173 -31.29 7.81 -15.21
CA LEU A 173 -32.64 7.43 -15.69
C LEU A 173 -33.60 7.58 -14.47
N CYS A 174 -34.82 8.14 -14.63
CA CYS A 174 -35.67 8.48 -13.46
C CYS A 174 -37.18 8.61 -13.79
N ALA A 175 -38.01 8.99 -12.76
CA ALA A 175 -39.43 9.32 -12.95
C ALA A 175 -39.82 10.61 -12.24
N GLY A 190 -31.79 1.02 -18.75
CA GLY A 190 -30.78 0.34 -17.94
C GLY A 190 -30.21 -0.93 -18.56
N ALA A 191 -29.57 -1.80 -17.71
CA ALA A 191 -29.03 -3.10 -18.11
C ALA A 191 -30.19 -4.02 -18.54
N LEU A 192 -30.08 -4.69 -19.72
CA LEU A 192 -31.13 -5.56 -20.28
C LEU A 192 -31.44 -6.73 -19.36
N ALA A 193 -30.41 -7.35 -18.75
CA ALA A 193 -30.54 -8.44 -17.78
C ALA A 193 -31.40 -8.10 -16.53
N TYR A 194 -31.44 -6.79 -16.13
CA TYR A 194 -32.17 -6.27 -14.97
C TYR A 194 -33.53 -5.63 -15.33
N ALA A 195 -33.77 -5.39 -16.63
CA ALA A 195 -35.03 -4.85 -17.19
C ALA A 195 -36.26 -5.80 -17.14
N ALA A 196 -37.40 -5.25 -16.68
CA ALA A 196 -38.67 -5.97 -16.53
C ALA A 196 -39.28 -6.28 -17.90
N PRO A 197 -40.10 -7.39 -18.04
CA PRO A 197 -40.74 -7.69 -19.33
C PRO A 197 -41.46 -6.50 -19.97
N GLU A 198 -42.35 -5.85 -19.19
CA GLU A 198 -43.19 -4.73 -19.63
C GLU A 198 -42.38 -3.49 -20.04
N LEU A 199 -41.15 -3.38 -19.53
CA LEU A 199 -40.19 -2.33 -19.84
C LEU A 199 -39.55 -2.55 -21.21
N ILE A 200 -39.25 -3.79 -21.56
CA ILE A 200 -38.69 -4.18 -22.86
C ILE A 200 -39.75 -4.04 -23.99
N GLN A 201 -41.05 -4.28 -23.66
CA GLN A 201 -42.22 -4.06 -24.57
C GLN A 201 -42.52 -2.55 -24.76
N GLY A 202 -42.30 -1.77 -23.71
CA GLY A 202 -42.68 -0.36 -23.67
C GLY A 202 -44.10 -0.14 -23.15
N LYS A 203 -44.59 -1.05 -22.30
CA LYS A 203 -45.92 -0.98 -21.72
C LYS A 203 -45.90 -1.16 -20.20
N GLY A 207 -44.69 2.21 -13.50
CA GLY A 207 -43.25 2.41 -13.67
C GLY A 207 -42.39 1.96 -12.50
N SER A 208 -42.97 1.90 -11.31
CA SER A 208 -42.31 1.51 -10.08
C SER A 208 -42.27 -0.02 -9.90
N GLU A 209 -43.22 -0.77 -10.55
CA GLU A 209 -43.28 -2.24 -10.54
C GLU A 209 -42.07 -2.86 -11.23
N ALA A 210 -41.54 -2.17 -12.27
CA ALA A 210 -40.33 -2.57 -12.97
C ALA A 210 -39.09 -2.58 -12.05
N ASP A 211 -39.00 -1.65 -11.08
CA ASP A 211 -37.98 -1.66 -10.03
C ASP A 211 -38.01 -2.93 -9.15
N VAL A 212 -39.20 -3.40 -8.74
CA VAL A 212 -39.41 -4.66 -8.01
C VAL A 212 -38.83 -5.87 -8.78
N TRP A 213 -39.18 -6.01 -10.09
CA TRP A 213 -38.55 -7.01 -10.94
C TRP A 213 -37.01 -6.94 -10.85
N SER A 214 -36.42 -5.74 -11.05
CA SER A 214 -34.95 -5.46 -10.97
C SER A 214 -34.28 -5.85 -9.63
N MET A 215 -34.96 -5.65 -8.49
CA MET A 215 -34.59 -6.13 -7.12
C MET A 215 -34.67 -7.68 -6.99
N GLY A 216 -35.59 -8.31 -7.71
CA GLY A 216 -35.68 -9.77 -7.89
C GLY A 216 -34.45 -10.36 -8.56
N ILE A 217 -34.04 -9.79 -9.69
CA ILE A 217 -32.80 -10.13 -10.42
C ILE A 217 -31.64 -9.95 -9.44
N LEU A 218 -31.57 -8.78 -8.78
CA LEU A 218 -30.59 -8.53 -7.74
C LEU A 218 -30.57 -9.58 -6.64
N LEU A 219 -31.76 -9.92 -6.03
CA LEU A 219 -31.88 -10.98 -5.03
C LEU A 219 -31.28 -12.31 -5.50
N TYR A 220 -31.57 -12.72 -6.75
CA TYR A 220 -31.03 -13.90 -7.37
C TYR A 220 -29.48 -13.86 -7.51
N VAL A 221 -28.92 -12.87 -8.25
CA VAL A 221 -27.46 -12.66 -8.44
C VAL A 221 -26.66 -12.68 -7.11
N LEU A 222 -27.22 -12.12 -6.03
CA LEU A 222 -26.66 -12.16 -4.67
C LEU A 222 -26.52 -13.59 -4.12
N MET A 223 -27.61 -14.40 -4.22
CA MET A 223 -27.62 -15.76 -3.68
C MET A 223 -27.07 -16.82 -4.62
N CYS A 224 -26.93 -16.48 -5.93
CA CYS A 224 -26.52 -17.43 -6.95
C CYS A 224 -25.10 -17.13 -7.51
N GLY A 225 -24.81 -15.85 -7.72
CA GLY A 225 -23.55 -15.42 -8.29
C GLY A 225 -23.57 -15.29 -9.79
N PHE A 226 -24.70 -15.67 -10.41
CA PHE A 226 -25.02 -15.55 -11.84
C PHE A 226 -26.46 -15.03 -11.94
N LEU A 227 -26.80 -14.38 -13.07
CA LEU A 227 -28.10 -13.80 -13.45
C LEU A 227 -29.12 -14.90 -13.73
N PRO A 228 -30.46 -14.72 -13.45
CA PRO A 228 -31.45 -15.75 -13.83
C PRO A 228 -31.73 -15.90 -15.33
N PHE A 229 -31.49 -14.81 -16.10
CA PHE A 229 -31.65 -14.69 -17.55
C PHE A 229 -30.35 -14.16 -18.10
N ASP A 230 -29.69 -14.94 -18.95
CA ASP A 230 -28.44 -14.48 -19.54
C ASP A 230 -28.22 -15.14 -20.90
N ASP A 231 -27.85 -14.35 -21.93
CA ASP A 231 -27.49 -14.88 -23.22
C ASP A 231 -26.41 -14.04 -23.92
N ASP A 232 -25.88 -14.59 -25.04
CA ASP A 232 -24.83 -13.99 -25.88
C ASP A 232 -25.37 -12.94 -26.86
N THR A 233 -26.68 -12.93 -27.11
CA THR A 233 -27.35 -11.92 -27.95
C THR A 233 -28.45 -11.22 -27.15
N ALA A 234 -28.88 -10.06 -27.64
CA ALA A 234 -29.92 -9.27 -26.95
C ALA A 234 -31.29 -9.90 -27.15
N ALA A 235 -31.59 -10.43 -28.39
CA ALA A 235 -32.84 -11.10 -28.75
C ALA A 235 -33.09 -12.39 -27.95
N ALA A 236 -32.02 -13.19 -27.72
CA ALA A 236 -32.10 -14.37 -26.86
C ALA A 236 -32.24 -14.04 -25.38
N LEU A 237 -31.62 -12.93 -24.90
CA LEU A 237 -31.83 -12.42 -23.55
C LEU A 237 -33.30 -11.97 -23.37
N VAL A 238 -33.80 -11.08 -24.25
CA VAL A 238 -35.21 -10.62 -24.31
C VAL A 238 -36.24 -11.78 -24.23
N ALA A 239 -36.09 -12.81 -25.07
CA ALA A 239 -36.98 -13.98 -25.16
C ALA A 239 -36.96 -14.79 -23.86
N LYS A 240 -35.77 -14.95 -23.24
CA LYS A 240 -35.61 -15.54 -21.90
C LYS A 240 -36.41 -14.79 -20.84
N ILE A 241 -36.35 -13.44 -20.85
CA ILE A 241 -37.05 -12.53 -19.91
C ILE A 241 -38.58 -12.61 -20.09
N MET A 242 -39.04 -12.65 -21.36
CA MET A 242 -40.46 -12.80 -21.73
C MET A 242 -41.09 -14.11 -21.26
N ARG A 243 -40.33 -15.23 -21.31
CA ARG A 243 -40.78 -16.55 -20.84
C ARG A 243 -40.88 -16.60 -19.34
N GLY A 244 -39.87 -16.04 -18.68
CA GLY A 244 -39.81 -15.90 -17.23
C GLY A 244 -39.32 -17.14 -16.51
N LYS A 245 -38.69 -18.05 -17.25
CA LYS A 245 -38.17 -19.32 -16.75
C LYS A 245 -36.70 -19.16 -16.37
N TYR A 246 -36.40 -19.59 -15.18
CA TYR A 246 -35.05 -19.52 -14.64
C TYR A 246 -34.74 -20.77 -13.83
N ASP A 247 -33.44 -21.09 -13.74
CA ASP A 247 -32.98 -22.20 -12.93
C ASP A 247 -33.10 -21.82 -11.47
N VAL A 248 -33.52 -22.79 -10.67
CA VAL A 248 -33.56 -22.65 -9.23
C VAL A 248 -32.41 -23.57 -8.72
N PRO A 249 -31.23 -23.00 -8.38
CA PRO A 249 -30.16 -23.82 -7.81
C PRO A 249 -30.51 -24.49 -6.48
N LYS A 250 -29.80 -25.60 -6.19
CA LYS A 250 -30.04 -26.54 -5.07
C LYS A 250 -29.91 -25.85 -3.71
N TRP A 251 -28.94 -24.94 -3.57
CA TRP A 251 -28.60 -24.24 -2.36
C TRP A 251 -29.63 -23.20 -1.91
N LEU A 252 -30.54 -22.79 -2.82
CA LEU A 252 -31.65 -21.88 -2.51
C LEU A 252 -32.66 -22.55 -1.58
N SER A 253 -32.95 -21.88 -0.45
CA SER A 253 -33.99 -22.30 0.49
C SER A 253 -35.38 -22.13 -0.11
N PRO A 254 -36.40 -22.92 0.30
CA PRO A 254 -37.78 -22.65 -0.15
C PRO A 254 -38.29 -21.23 0.06
N SER A 255 -37.93 -20.58 1.19
CA SER A 255 -38.25 -19.16 1.49
C SER A 255 -37.73 -18.22 0.42
N SER A 256 -36.43 -18.36 0.05
CA SER A 256 -35.79 -17.66 -1.07
C SER A 256 -36.56 -17.83 -2.38
N ILE A 257 -36.93 -19.09 -2.71
CA ILE A 257 -37.64 -19.49 -3.95
C ILE A 257 -39.02 -18.81 -4.02
N LEU A 258 -39.79 -18.84 -2.92
CA LEU A 258 -41.07 -18.15 -2.81
C LEU A 258 -40.95 -16.65 -3.11
N LEU A 259 -40.05 -15.94 -2.38
CA LEU A 259 -39.80 -14.52 -2.62
C LEU A 259 -39.40 -14.23 -4.05
N LEU A 260 -38.53 -15.06 -4.65
CA LEU A 260 -38.12 -14.94 -6.07
C LEU A 260 -39.27 -15.07 -7.07
N GLN A 261 -40.21 -15.99 -6.84
CA GLN A 261 -41.40 -16.17 -7.69
C GLN A 261 -42.35 -14.96 -7.59
N GLN A 262 -42.45 -14.33 -6.40
CA GLN A 262 -43.30 -13.15 -6.16
C GLN A 262 -42.73 -11.88 -6.79
N MET A 263 -41.39 -11.77 -6.83
CA MET A 263 -40.72 -10.60 -7.43
C MET A 263 -40.47 -10.77 -8.89
N LEU A 264 -40.22 -12.04 -9.32
CA LEU A 264 -39.93 -12.35 -10.72
C LEU A 264 -41.16 -12.88 -11.43
N GLN A 265 -42.33 -12.24 -11.16
CA GLN A 265 -43.58 -12.36 -11.91
C GLN A 265 -43.47 -11.55 -13.20
N VAL A 266 -43.67 -12.20 -14.37
CA VAL A 266 -43.58 -11.55 -15.68
C VAL A 266 -44.74 -10.52 -15.80
N ASP A 267 -45.94 -10.89 -15.27
CA ASP A 267 -47.12 -10.02 -15.14
C ASP A 267 -46.93 -8.98 -13.99
N PRO A 268 -46.77 -7.67 -14.30
CA PRO A 268 -46.50 -6.67 -13.22
C PRO A 268 -47.70 -6.38 -12.30
N LYS A 269 -48.92 -6.79 -12.72
CA LYS A 269 -50.12 -6.79 -11.89
C LYS A 269 -50.09 -7.95 -10.87
N LYS A 270 -49.29 -9.00 -11.17
CA LYS A 270 -49.10 -10.16 -10.30
C LYS A 270 -47.85 -10.02 -9.40
N ARG A 271 -46.98 -9.03 -9.68
CA ARG A 271 -45.75 -8.81 -8.92
C ARG A 271 -46.04 -8.40 -7.47
N ILE A 272 -45.14 -8.79 -6.52
CA ILE A 272 -45.24 -8.36 -5.12
C ILE A 272 -45.19 -6.82 -5.03
N SER A 273 -46.07 -6.23 -4.21
CA SER A 273 -46.13 -4.79 -4.01
C SER A 273 -45.00 -4.37 -3.07
N MET A 274 -44.61 -3.06 -3.09
CA MET A 274 -43.67 -2.51 -2.12
C MET A 274 -44.18 -2.75 -0.69
N LYS A 275 -45.50 -2.52 -0.45
CA LYS A 275 -46.16 -2.73 0.84
C LYS A 275 -45.93 -4.14 1.41
N ASN A 276 -46.11 -5.19 0.61
CA ASN A 276 -45.98 -6.57 1.05
C ASN A 276 -44.53 -7.07 1.04
N LEU A 277 -43.65 -6.44 0.22
CA LEU A 277 -42.22 -6.68 0.27
C LEU A 277 -41.61 -6.22 1.61
N LEU A 278 -42.04 -5.05 2.13
CA LEU A 278 -41.54 -4.44 3.38
C LEU A 278 -41.65 -5.33 4.63
N ASN A 279 -42.72 -6.11 4.74
CA ASN A 279 -42.94 -7.06 5.84
C ASN A 279 -43.07 -8.52 5.35
N HIS A 280 -42.51 -8.82 4.16
CA HIS A 280 -42.45 -10.18 3.67
C HIS A 280 -41.79 -11.12 4.73
N PRO A 281 -42.35 -12.35 4.95
CA PRO A 281 -41.70 -13.33 5.86
C PRO A 281 -40.18 -13.58 5.64
N TRP A 282 -39.68 -13.64 4.36
CA TRP A 282 -38.25 -13.74 4.01
C TRP A 282 -37.48 -12.51 4.55
N ILE A 283 -38.03 -11.31 4.34
CA ILE A 283 -37.48 -10.01 4.73
C ILE A 283 -37.33 -9.87 6.29
N MET A 284 -38.24 -10.50 7.04
CA MET A 284 -38.32 -10.37 8.48
C MET A 284 -37.75 -11.56 9.30
N GLN A 285 -37.24 -12.60 8.64
CA GLN A 285 -36.82 -13.88 9.24
C GLN A 285 -35.90 -13.76 10.50
N ASP A 286 -34.75 -13.04 10.39
CA ASP A 286 -33.81 -12.89 11.52
C ASP A 286 -34.01 -11.57 12.30
N TYR A 287 -34.93 -10.71 11.83
CA TYR A 287 -35.21 -9.34 12.30
C TYR A 287 -36.71 -9.33 12.33
N ASN A 288 -37.32 -9.50 13.45
CA ASN A 288 -38.77 -9.62 13.43
C ASN A 288 -39.45 -8.23 13.50
N TYR A 289 -38.98 -7.30 12.63
CA TYR A 289 -39.53 -5.99 12.35
C TYR A 289 -39.42 -5.66 10.85
N PRO A 290 -40.41 -4.96 10.24
CA PRO A 290 -40.32 -4.67 8.79
C PRO A 290 -39.25 -3.63 8.43
N VAL A 291 -38.89 -3.56 7.14
CA VAL A 291 -37.90 -2.62 6.61
C VAL A 291 -38.35 -1.18 6.92
N GLU A 292 -37.46 -0.42 7.58
CA GLU A 292 -37.64 0.99 7.85
C GLU A 292 -37.10 1.78 6.63
N TRP A 293 -38.02 2.25 5.77
CA TRP A 293 -37.73 2.89 4.48
C TRP A 293 -37.74 4.42 4.59
N GLN A 294 -38.49 4.96 5.56
CA GLN A 294 -38.68 6.40 5.77
CA GLN A 294 -38.68 6.39 5.80
C GLN A 294 -37.32 7.04 6.08
N SER A 295 -37.03 8.18 5.41
CA SER A 295 -35.75 8.89 5.53
C SER A 295 -35.50 9.41 6.95
N LYS A 296 -34.26 9.20 7.44
CA LYS A 296 -33.79 9.75 8.72
C LYS A 296 -33.00 11.07 8.47
N ASN A 297 -33.01 11.54 7.19
CA ASN A 297 -32.16 12.65 6.71
C ASN A 297 -33.03 13.81 6.21
N PRO A 298 -33.38 14.82 7.04
CA PRO A 298 -34.44 15.77 6.63
C PRO A 298 -33.99 16.94 5.75
N PHE A 299 -34.97 17.52 5.07
CA PHE A 299 -34.81 18.77 4.33
C PHE A 299 -35.30 19.91 5.23
N ILE A 300 -36.24 19.59 6.14
CA ILE A 300 -36.94 20.61 6.91
C ILE A 300 -36.29 20.83 8.28
N HIS A 301 -36.21 19.81 9.17
CA HIS A 301 -35.53 20.00 10.46
C HIS A 301 -34.03 20.28 10.29
N LEU A 302 -33.56 21.35 10.96
CA LEU A 302 -32.18 21.83 10.96
C LEU A 302 -31.54 21.57 12.32
N ASP A 303 -30.35 20.95 12.32
CA ASP A 303 -29.62 20.68 13.54
C ASP A 303 -29.05 22.00 14.11
N ASP A 304 -29.46 22.34 15.34
CA ASP A 304 -29.10 23.56 16.06
C ASP A 304 -27.60 23.73 16.28
N ASP A 305 -26.89 22.63 16.67
CA ASP A 305 -25.43 22.57 16.83
C ASP A 305 -24.67 22.98 15.54
N CYS A 306 -25.18 22.55 14.37
CA CYS A 306 -24.64 22.86 13.04
C CYS A 306 -24.94 24.28 12.66
N VAL A 307 -26.19 24.74 12.88
CA VAL A 307 -26.61 26.12 12.61
C VAL A 307 -25.79 27.11 13.48
N THR A 308 -25.55 26.79 14.79
CA THR A 308 -24.76 27.66 15.69
C THR A 308 -23.27 27.67 15.26
N GLU A 309 -22.72 26.51 14.83
CA GLU A 309 -21.36 26.49 14.27
C GLU A 309 -21.26 27.21 12.90
N LEU A 310 -22.32 27.13 12.08
CA LEU A 310 -22.36 27.84 10.79
C LEU A 310 -22.46 29.34 11.03
N SER A 311 -23.25 29.75 12.06
CA SER A 311 -23.43 31.15 12.48
C SER A 311 -22.09 31.79 12.92
N VAL A 312 -21.27 31.05 13.71
CA VAL A 312 -19.95 31.52 14.19
C VAL A 312 -18.91 31.59 13.07
N HIS A 313 -19.01 30.71 12.04
CA HIS A 313 -18.19 30.79 10.84
C HIS A 313 -18.62 32.02 10.02
N HIS A 314 -19.94 32.23 9.83
CA HIS A 314 -20.47 33.28 8.96
C HIS A 314 -20.43 34.70 9.58
N ARG A 315 -20.46 34.78 10.93
CA ARG A 315 -20.57 36.00 11.77
C ARG A 315 -21.95 36.64 11.63
N ASN A 316 -22.97 35.86 11.97
CA ASN A 316 -24.35 36.29 11.81
C ASN A 316 -25.26 35.68 12.88
N ASN A 317 -26.54 36.07 12.88
CA ASN A 317 -27.55 35.51 13.78
C ASN A 317 -28.38 34.47 13.04
N ARG A 318 -28.99 33.54 13.79
CA ARG A 318 -29.92 32.53 13.28
C ARG A 318 -31.07 33.17 12.48
N GLN A 319 -31.84 32.35 11.75
CA GLN A 319 -32.98 32.83 10.95
C GLN A 319 -32.48 33.54 9.68
N THR A 320 -31.29 34.16 9.76
CA THR A 320 -30.54 34.58 8.58
C THR A 320 -29.76 33.35 8.10
N MET A 321 -29.16 32.60 9.05
CA MET A 321 -28.39 31.38 8.83
C MET A 321 -29.32 30.22 8.46
N GLU A 322 -30.42 30.02 9.23
CA GLU A 322 -31.42 29.00 8.93
C GLU A 322 -32.05 29.22 7.55
N ASP A 323 -32.49 30.47 7.26
CA ASP A 323 -33.12 30.81 5.97
C ASP A 323 -32.19 30.53 4.81
N LEU A 324 -30.87 30.80 5.01
CA LEU A 324 -29.78 30.54 4.08
C LEU A 324 -29.62 29.01 3.86
N ILE A 325 -29.52 28.22 4.98
CA ILE A 325 -29.42 26.76 4.95
C ILE A 325 -30.64 26.13 4.25
N SER A 326 -31.86 26.64 4.55
CA SER A 326 -33.15 26.10 4.07
C SER A 326 -33.42 26.32 2.58
N LEU A 327 -32.65 27.25 1.95
CA LEU A 327 -32.66 27.46 0.50
C LEU A 327 -32.17 26.24 -0.32
N TRP A 328 -31.30 25.35 0.31
CA TRP A 328 -30.70 24.12 -0.29
C TRP A 328 -30.27 24.31 -1.74
N GLN A 329 -29.32 25.21 -1.96
CA GLN A 329 -28.88 25.56 -3.33
C GLN A 329 -27.85 24.61 -3.92
N TYR A 330 -27.28 23.69 -3.11
CA TYR A 330 -26.21 22.72 -3.46
C TYR A 330 -24.95 23.48 -3.88
N ASP A 331 -24.63 24.44 -3.03
CA ASP A 331 -23.48 25.33 -3.05
C ASP A 331 -22.59 24.94 -1.88
N HIS A 332 -21.55 25.75 -1.57
CA HIS A 332 -20.60 25.46 -0.49
C HIS A 332 -21.29 25.39 0.90
N LEU A 333 -22.39 26.15 1.08
CA LEU A 333 -23.17 26.13 2.28
C LEU A 333 -23.86 24.79 2.54
N THR A 334 -24.58 24.22 1.55
CA THR A 334 -25.29 22.95 1.83
C THR A 334 -24.26 21.85 2.06
N ALA A 335 -23.13 21.88 1.31
CA ALA A 335 -22.00 20.96 1.46
C ALA A 335 -21.51 20.98 2.91
N THR A 336 -21.12 22.16 3.44
CA THR A 336 -20.64 22.41 4.79
C THR A 336 -21.68 22.04 5.86
N TYR A 337 -22.97 22.44 5.67
CA TYR A 337 -24.02 22.03 6.61
C TYR A 337 -24.17 20.52 6.72
N LEU A 338 -24.30 19.82 5.56
CA LEU A 338 -24.52 18.39 5.52
C LEU A 338 -23.29 17.62 5.97
N LEU A 339 -22.08 18.12 5.65
CA LEU A 339 -20.87 17.47 6.15
C LEU A 339 -20.63 17.75 7.64
N LEU A 340 -21.04 18.92 8.17
CA LEU A 340 -21.02 19.19 9.62
C LEU A 340 -21.96 18.24 10.36
N LEU A 341 -23.16 18.02 9.78
CA LEU A 341 -24.15 17.05 10.25
C LEU A 341 -23.60 15.60 10.26
N ALA A 342 -22.80 15.22 9.24
CA ALA A 342 -22.13 13.93 9.10
C ALA A 342 -20.93 13.77 10.05
N LYS A 343 -20.16 14.88 10.25
CA LYS A 343 -19.15 15.00 11.32
C LYS A 343 -19.78 14.73 12.70
N LYS A 344 -20.86 15.44 13.07
CA LYS A 344 -21.61 15.26 14.33
C LYS A 344 -22.09 13.82 14.52
N ALA A 345 -22.60 13.18 13.45
CA ALA A 345 -23.13 11.81 13.43
C ALA A 345 -22.07 10.74 13.66
N ARG A 346 -20.79 11.06 13.42
CA ARG A 346 -19.68 10.14 13.71
C ARG A 346 -19.06 10.41 15.12
N GLY A 347 -19.64 11.37 15.86
CA GLY A 347 -19.28 11.64 17.24
C GLY A 347 -18.30 12.78 17.42
N LYS A 348 -17.48 13.03 16.38
CA LYS A 348 -16.48 14.10 16.29
C LYS A 348 -17.09 15.49 16.57
N PRO A 349 -16.30 16.52 17.02
CA PRO A 349 -16.92 17.80 17.37
C PRO A 349 -17.58 18.51 16.21
N VAL A 350 -18.71 19.19 16.47
CA VAL A 350 -19.44 19.95 15.46
C VAL A 350 -18.71 21.29 15.27
N ARG A 351 -17.47 21.20 14.73
CA ARG A 351 -16.53 22.31 14.53
C ARG A 351 -16.01 22.43 13.08
N LEU A 352 -15.70 23.69 12.68
CA LEU A 352 -15.24 24.18 11.38
C LEU A 352 -13.79 24.73 11.47
N ARG A 353 -13.06 24.78 10.29
CA ARG A 353 -11.70 25.27 10.02
C ARG A 353 -10.65 24.17 10.08
N MET B 21 19.08 14.57 8.15
CA MET B 21 17.97 15.42 8.58
C MET B 21 16.68 15.18 7.73
N LYS B 22 15.64 16.03 7.90
CA LYS B 22 14.37 16.13 7.14
C LYS B 22 13.42 14.98 7.36
N ASP B 23 13.90 13.72 7.25
CA ASP B 23 13.12 12.55 7.66
C ASP B 23 13.06 12.37 9.19
N TYR B 24 13.91 13.07 9.95
CA TYR B 24 14.07 12.92 11.39
C TYR B 24 14.01 14.25 12.17
N ASP B 25 13.80 15.38 11.50
CA ASP B 25 13.76 16.71 12.10
C ASP B 25 12.57 16.93 13.05
N GLU B 26 11.35 16.55 12.61
CA GLU B 26 10.14 16.66 13.43
C GLU B 26 10.15 15.61 14.57
N LEU B 27 10.60 14.37 14.31
CA LEU B 27 10.79 13.31 15.30
C LEU B 27 11.67 13.79 16.46
N LEU B 28 12.81 14.42 16.13
CA LEU B 28 13.81 14.71 17.15
C LEU B 28 13.55 16.04 17.87
N LYS B 29 12.45 16.75 17.55
CA LYS B 29 11.84 17.81 18.39
C LYS B 29 11.20 17.16 19.63
N TYR B 30 10.72 15.91 19.49
CA TYR B 30 9.87 15.27 20.50
C TYR B 30 10.52 14.09 21.18
N TYR B 31 11.38 13.37 20.44
CA TYR B 31 11.97 12.08 20.83
C TYR B 31 13.50 12.10 20.80
N GLU B 32 14.08 11.47 21.83
CA GLU B 32 15.50 11.19 21.89
C GLU B 32 15.67 9.73 21.51
N LEU B 33 16.21 9.50 20.31
CA LEU B 33 16.37 8.18 19.72
C LEU B 33 17.49 7.39 20.43
N HIS B 34 17.20 6.14 20.78
CA HIS B 34 18.16 5.20 21.35
C HIS B 34 18.40 4.04 20.36
N GLU B 35 18.82 2.86 20.84
CA GLU B 35 19.20 1.75 19.94
C GLU B 35 18.01 0.95 19.37
N THR B 36 18.27 0.25 18.23
CA THR B 36 17.42 -0.78 17.61
C THR B 36 17.18 -1.94 18.60
N ILE B 37 15.92 -2.22 18.88
CA ILE B 37 15.53 -3.24 19.85
C ILE B 37 14.76 -4.36 19.21
N GLY B 38 14.37 -4.20 17.95
CA GLY B 38 13.58 -5.25 17.32
C GLY B 38 12.95 -4.94 15.99
N THR B 39 11.79 -5.55 15.83
CA THR B 39 11.12 -5.66 14.55
C THR B 39 9.61 -5.65 14.76
N GLY B 40 8.92 -4.97 13.86
CA GLY B 40 7.46 -4.92 13.79
C GLY B 40 7.00 -5.54 12.48
N GLY B 41 6.24 -4.79 11.69
CA GLY B 41 5.82 -5.27 10.37
C GLY B 41 6.89 -5.00 9.34
N PHE B 42 7.96 -5.85 9.32
CA PHE B 42 9.18 -5.69 8.51
C PHE B 42 9.97 -4.43 8.90
N ALA B 43 9.30 -3.51 9.60
CA ALA B 43 9.79 -2.24 10.11
C ALA B 43 10.70 -2.47 11.32
N LYS B 44 11.75 -1.64 11.40
CA LYS B 44 12.69 -1.56 12.51
C LYS B 44 11.97 -0.93 13.70
N VAL B 45 12.25 -1.43 14.91
CA VAL B 45 11.79 -0.81 16.15
C VAL B 45 12.99 -0.31 16.93
N LYS B 46 12.93 0.96 17.36
CA LYS B 46 13.97 1.59 18.16
C LYS B 46 13.43 1.98 19.52
N LEU B 47 14.25 1.80 20.58
CA LEU B 47 13.96 2.37 21.90
C LEU B 47 14.23 3.89 21.84
N ALA B 48 13.36 4.70 22.45
CA ALA B 48 13.45 6.15 22.44
C ALA B 48 12.90 6.76 23.74
N CYS B 49 13.16 8.04 23.96
CA CYS B 49 12.65 8.77 25.11
C CYS B 49 11.76 9.90 24.62
N HIS B 50 10.54 10.01 25.18
CA HIS B 50 9.70 11.20 24.96
C HIS B 50 10.27 12.35 25.81
N ILE B 51 10.88 13.39 25.17
CA ILE B 51 11.63 14.49 25.81
C ILE B 51 10.82 15.19 26.94
N LEU B 52 9.56 15.60 26.66
CA LEU B 52 8.68 16.30 27.61
C LEU B 52 8.40 15.53 28.90
N THR B 53 7.97 14.25 28.81
CA THR B 53 7.62 13.45 29.99
C THR B 53 8.82 12.69 30.58
N GLY B 54 9.87 12.45 29.79
CA GLY B 54 10.97 11.55 30.12
C GLY B 54 10.64 10.07 30.00
N GLU B 55 9.43 9.71 29.52
CA GLU B 55 8.98 8.32 29.40
C GLU B 55 9.57 7.62 28.20
N MET B 56 9.98 6.35 28.41
CA MET B 56 10.49 5.46 27.37
C MET B 56 9.38 4.92 26.49
N VAL B 57 9.66 4.84 25.18
CA VAL B 57 8.73 4.47 24.10
C VAL B 57 9.41 3.56 23.08
N ALA B 58 8.64 2.79 22.32
CA ALA B 58 9.10 2.00 21.16
C ALA B 58 8.73 2.79 19.89
N ILE B 59 9.69 3.00 18.99
CA ILE B 59 9.36 3.69 17.73
C ILE B 59 9.58 2.73 16.59
N LYS B 60 8.52 2.46 15.86
CA LYS B 60 8.48 1.64 14.65
C LYS B 60 8.75 2.58 13.47
N ILE B 61 9.80 2.28 12.66
CA ILE B 61 10.22 3.09 11.50
C ILE B 61 9.94 2.35 10.18
N MET B 62 9.02 2.87 9.33
CA MET B 62 8.70 2.37 7.97
C MET B 62 9.29 3.27 6.88
N ASP B 63 10.15 2.74 5.96
CA ASP B 63 10.54 3.49 4.74
C ASP B 63 9.41 3.42 3.69
N LYS B 64 9.02 4.58 3.10
CA LYS B 64 7.82 4.73 2.27
C LYS B 64 7.93 4.33 0.80
N ASN B 65 9.16 4.22 0.25
CA ASN B 65 9.30 3.84 -1.17
C ASN B 65 9.72 2.37 -1.36
N THR B 66 10.51 1.80 -0.43
CA THR B 66 11.03 0.44 -0.65
C THR B 66 10.14 -0.68 -0.04
N LEU B 67 9.24 -0.35 0.91
CA LEU B 67 8.42 -1.37 1.62
C LEU B 67 7.38 -2.06 0.71
N GLY B 68 6.70 -1.27 -0.10
CA GLY B 68 5.84 -1.74 -1.18
C GLY B 68 4.52 -2.36 -0.77
N SER B 69 4.38 -3.70 -0.97
CA SER B 69 3.17 -4.52 -0.76
C SER B 69 2.58 -4.44 0.66
N ASP B 70 3.38 -3.96 1.63
CA ASP B 70 2.96 -3.80 3.03
C ASP B 70 2.63 -2.36 3.40
N LEU B 71 2.56 -1.42 2.41
CA LEU B 71 1.97 -0.11 2.69
C LEU B 71 0.48 -0.23 3.17
N PRO B 72 -0.41 -1.06 2.54
CA PRO B 72 -1.77 -1.24 3.08
C PRO B 72 -1.81 -1.89 4.47
N ARG B 73 -0.78 -2.72 4.79
CA ARG B 73 -0.57 -3.41 6.07
C ARG B 73 -0.32 -2.39 7.19
N ILE B 74 0.52 -1.37 6.91
CA ILE B 74 0.89 -0.27 7.83
C ILE B 74 -0.38 0.54 8.18
N LYS B 75 -1.18 0.89 7.16
CA LYS B 75 -2.39 1.72 7.26
C LYS B 75 -3.53 1.02 8.01
N THR B 76 -3.69 -0.32 7.81
CA THR B 76 -4.64 -1.18 8.55
C THR B 76 -4.31 -1.26 10.04
N GLU B 77 -3.01 -1.43 10.38
CA GLU B 77 -2.53 -1.40 11.75
C GLU B 77 -2.86 -0.09 12.45
N ILE B 78 -2.40 1.06 11.86
CA ILE B 78 -2.58 2.44 12.34
C ILE B 78 -4.04 2.74 12.61
N GLU B 79 -4.92 2.41 11.65
CA GLU B 79 -6.35 2.64 11.75
C GLU B 79 -7.03 1.77 12.82
N ALA B 80 -6.55 0.51 13.05
CA ALA B 80 -7.03 -0.33 14.15
C ALA B 80 -6.61 0.27 15.48
N LEU B 81 -5.31 0.58 15.62
CA LEU B 81 -4.70 1.18 16.82
C LEU B 81 -5.25 2.59 17.17
N LYS B 82 -5.80 3.33 16.18
CA LYS B 82 -6.52 4.58 16.48
C LYS B 82 -7.85 4.29 17.21
N ASN B 83 -8.54 3.21 16.81
CA ASN B 83 -9.83 2.81 17.41
C ASN B 83 -9.76 1.81 18.57
N LEU B 84 -8.62 1.15 18.80
CA LEU B 84 -8.37 0.18 19.86
C LEU B 84 -7.50 0.83 20.92
N ARG B 85 -7.85 0.63 22.20
CA ARG B 85 -7.25 1.30 23.35
C ARG B 85 -7.64 0.50 24.59
N HIS B 86 -6.66 -0.25 25.15
CA HIS B 86 -6.94 -1.31 26.13
C HIS B 86 -5.70 -1.63 26.92
N GLN B 87 -5.85 -2.01 28.21
CA GLN B 87 -4.79 -2.42 29.13
C GLN B 87 -3.90 -3.60 28.61
N HIS B 88 -4.41 -4.40 27.67
CA HIS B 88 -3.68 -5.54 27.14
C HIS B 88 -3.40 -5.42 25.64
N ILE B 89 -3.48 -4.19 25.11
CA ILE B 89 -3.14 -3.84 23.73
C ILE B 89 -2.03 -2.82 23.80
N CYS B 90 -0.90 -3.10 23.13
CA CYS B 90 0.21 -2.15 23.05
C CYS B 90 -0.26 -0.83 22.40
N GLN B 91 -0.24 0.24 23.19
CA GLN B 91 -0.75 1.57 22.90
C GLN B 91 0.01 2.35 21.83
N LEU B 92 -0.74 2.83 20.81
CA LEU B 92 -0.30 3.86 19.86
C LEU B 92 -0.38 5.24 20.47
N TYR B 93 0.75 5.96 20.45
CA TYR B 93 0.84 7.32 20.98
C TYR B 93 0.80 8.40 19.92
N HIS B 94 1.46 8.16 18.77
CA HIS B 94 1.89 9.20 17.83
C HIS B 94 2.20 8.56 16.48
N VAL B 95 1.59 9.10 15.41
CA VAL B 95 1.97 8.79 14.04
C VAL B 95 2.61 10.06 13.45
N LEU B 96 3.82 9.93 12.92
CA LEU B 96 4.51 10.92 12.10
C LEU B 96 4.72 10.36 10.69
N GLU B 97 4.57 11.17 9.67
CA GLU B 97 4.83 10.79 8.28
C GLU B 97 5.66 11.88 7.61
N THR B 98 6.80 11.50 7.00
CA THR B 98 7.71 12.44 6.30
C THR B 98 7.76 12.18 4.79
N ALA B 99 8.89 12.50 4.14
CA ALA B 99 9.14 12.25 2.72
C ALA B 99 9.20 10.76 2.42
N ASN B 100 10.09 10.06 3.14
CA ASN B 100 10.38 8.66 2.87
C ASN B 100 10.12 7.78 4.08
N LYS B 101 9.37 8.29 5.12
CA LYS B 101 9.15 7.55 6.36
C LYS B 101 7.74 7.67 6.97
N ILE B 102 7.29 6.60 7.68
CA ILE B 102 6.19 6.59 8.67
C ILE B 102 6.76 6.13 10.02
N PHE B 103 6.56 6.95 11.06
CA PHE B 103 6.90 6.59 12.44
C PHE B 103 5.63 6.28 13.22
N MET B 104 5.62 5.15 13.92
CA MET B 104 4.60 4.83 14.92
C MET B 104 5.29 4.83 16.28
N VAL B 105 4.82 5.69 17.18
CA VAL B 105 5.33 5.77 18.55
C VAL B 105 4.39 4.92 19.39
N LEU B 106 4.95 3.87 19.99
CA LEU B 106 4.18 2.85 20.69
C LEU B 106 4.63 2.66 22.14
N GLU B 107 3.82 1.94 22.92
CA GLU B 107 4.06 1.58 24.31
C GLU B 107 5.28 0.69 24.40
N TYR B 108 6.30 1.08 25.18
CA TYR B 108 7.49 0.26 25.38
C TYR B 108 7.16 -0.95 26.26
N CYS B 109 7.55 -2.15 25.76
CA CYS B 109 7.32 -3.44 26.40
C CYS B 109 8.66 -4.17 26.56
N PRO B 110 9.40 -3.89 27.67
CA PRO B 110 10.74 -4.47 27.83
C PRO B 110 10.82 -5.96 28.24
N GLY B 111 9.69 -6.59 28.57
CA GLY B 111 9.64 -7.93 29.17
C GLY B 111 9.81 -9.07 28.19
N GLY B 112 9.98 -8.73 26.90
CA GLY B 112 10.13 -9.71 25.82
C GLY B 112 8.82 -10.29 25.36
N GLU B 113 8.88 -11.30 24.50
CA GLU B 113 7.70 -11.96 23.91
C GLU B 113 7.28 -13.14 24.74
N LEU B 114 5.99 -13.50 24.69
CA LEU B 114 5.50 -14.74 25.25
C LEU B 114 6.26 -15.96 24.63
N PHE B 115 6.69 -15.86 23.34
CA PHE B 115 7.52 -16.85 22.65
C PHE B 115 8.79 -17.18 23.45
N ASP B 116 9.54 -16.16 23.84
CA ASP B 116 10.78 -16.24 24.61
C ASP B 116 10.62 -16.95 25.93
N TYR B 117 9.51 -16.65 26.63
CA TYR B 117 9.06 -17.20 27.90
C TYR B 117 8.76 -18.69 27.77
N ILE B 118 8.05 -19.12 26.69
CA ILE B 118 7.71 -20.51 26.35
C ILE B 118 8.99 -21.31 26.10
N ILE B 119 9.92 -20.76 25.29
CA ILE B 119 11.09 -21.53 24.85
C ILE B 119 12.17 -21.63 25.97
N SER B 120 12.17 -20.72 26.96
CA SER B 120 13.15 -20.69 28.06
C SER B 120 12.85 -21.79 29.12
N GLN B 121 11.60 -22.32 29.11
CA GLN B 121 11.01 -23.20 30.13
C GLN B 121 10.45 -24.52 29.60
N ASP B 122 10.04 -25.39 30.54
CA ASP B 122 9.15 -26.52 30.28
C ASP B 122 7.70 -26.01 30.29
N ARG B 123 6.78 -26.86 29.78
CA ARG B 123 5.34 -26.68 29.93
C ARG B 123 5.00 -25.94 31.25
N LEU B 124 4.21 -24.84 31.14
CA LEU B 124 3.70 -24.09 32.31
C LEU B 124 2.70 -24.98 33.01
N SER B 125 2.52 -24.76 34.31
CA SER B 125 1.47 -25.41 35.11
C SER B 125 0.12 -24.88 34.63
N GLU B 126 -0.97 -25.66 34.85
CA GLU B 126 -2.34 -25.23 34.53
C GLU B 126 -2.62 -23.81 35.06
N GLU B 127 -2.27 -23.57 36.32
CA GLU B 127 -2.47 -22.33 37.09
C GLU B 127 -1.69 -21.12 36.51
N GLU B 128 -0.43 -21.34 36.08
CA GLU B 128 0.41 -20.36 35.39
C GLU B 128 -0.17 -19.98 34.05
N THR B 129 -0.63 -21.00 33.28
CA THR B 129 -1.28 -20.80 31.99
C THR B 129 -2.41 -19.81 32.16
N ARG B 130 -3.32 -20.05 33.11
CA ARG B 130 -4.53 -19.24 33.36
C ARG B 130 -4.26 -17.78 33.66
N VAL B 131 -3.19 -17.48 34.44
CA VAL B 131 -2.74 -16.13 34.75
C VAL B 131 -2.48 -15.34 33.45
N VAL B 132 -1.63 -15.91 32.60
CA VAL B 132 -1.27 -15.40 31.29
C VAL B 132 -2.48 -15.43 30.27
N PHE B 133 -3.25 -16.53 30.24
CA PHE B 133 -4.32 -16.81 29.28
C PHE B 133 -5.55 -15.91 29.48
N ARG B 134 -5.88 -15.55 30.73
CA ARG B 134 -6.92 -14.59 31.09
C ARG B 134 -6.60 -13.19 30.56
N GLN B 135 -5.31 -12.83 30.44
CA GLN B 135 -4.88 -11.56 29.80
C GLN B 135 -5.07 -11.60 28.28
N ILE B 136 -4.70 -12.73 27.61
CA ILE B 136 -4.98 -13.00 26.18
C ILE B 136 -6.47 -12.90 25.91
N VAL B 137 -7.31 -13.54 26.73
CA VAL B 137 -8.78 -13.53 26.55
C VAL B 137 -9.35 -12.10 26.65
N SER B 138 -8.93 -11.34 27.68
CA SER B 138 -9.27 -9.95 27.91
C SER B 138 -9.05 -9.08 26.67
N ALA B 139 -7.85 -9.12 26.10
CA ALA B 139 -7.44 -8.34 24.95
C ALA B 139 -8.24 -8.69 23.68
N VAL B 140 -8.37 -10.00 23.36
CA VAL B 140 -9.07 -10.51 22.17
C VAL B 140 -10.59 -10.25 22.28
N ALA B 141 -11.21 -10.44 23.49
CA ALA B 141 -12.63 -10.10 23.70
C ALA B 141 -12.89 -8.61 23.49
N TYR B 142 -11.95 -7.75 23.94
CA TYR B 142 -12.02 -6.34 23.61
C TYR B 142 -11.90 -6.06 22.09
N VAL B 143 -10.86 -6.59 21.41
CA VAL B 143 -10.69 -6.50 19.93
C VAL B 143 -12.00 -6.85 19.20
N HIS B 144 -12.62 -8.02 19.57
CA HIS B 144 -13.83 -8.58 18.96
C HIS B 144 -15.04 -7.68 19.18
N SER B 145 -15.20 -7.10 20.40
CA SER B 145 -16.28 -6.16 20.79
C SER B 145 -16.23 -4.83 19.95
N GLN B 146 -15.03 -4.49 19.42
CA GLN B 146 -14.79 -3.32 18.57
C GLN B 146 -14.94 -3.64 17.08
N GLY B 147 -15.45 -4.83 16.75
CA GLY B 147 -15.74 -5.27 15.40
C GLY B 147 -14.52 -5.71 14.61
N TYR B 148 -13.43 -6.07 15.32
CA TYR B 148 -12.19 -6.52 14.68
C TYR B 148 -11.94 -8.00 14.97
N ALA B 149 -11.10 -8.60 14.13
CA ALA B 149 -10.43 -9.89 14.34
C ALA B 149 -8.94 -9.62 14.13
N HIS B 150 -8.10 -10.17 14.99
CA HIS B 150 -6.65 -10.00 14.94
C HIS B 150 -6.01 -10.81 13.80
N ARG B 151 -6.45 -12.07 13.62
CA ARG B 151 -6.09 -13.00 12.52
C ARG B 151 -4.62 -13.55 12.57
N ASP B 152 -3.82 -13.06 13.51
CA ASP B 152 -2.41 -13.44 13.61
C ASP B 152 -1.94 -13.62 15.09
N LEU B 153 -2.84 -14.20 15.94
CA LEU B 153 -2.52 -14.54 17.33
C LEU B 153 -1.52 -15.69 17.38
N LYS B 154 -0.41 -15.44 18.06
CA LYS B 154 0.75 -16.30 18.21
C LYS B 154 1.60 -15.73 19.34
N PRO B 155 2.53 -16.49 19.94
CA PRO B 155 3.22 -15.95 21.12
C PRO B 155 4.26 -14.85 20.82
N GLU B 156 4.67 -14.69 19.54
CA GLU B 156 5.52 -13.58 19.08
C GLU B 156 4.77 -12.24 19.06
N ASN B 157 3.40 -12.29 18.95
CA ASN B 157 2.56 -11.08 18.97
C ASN B 157 2.03 -10.71 20.40
N LEU B 158 2.57 -11.36 21.45
CA LEU B 158 2.34 -10.93 22.84
C LEU B 158 3.62 -10.54 23.57
N LEU B 159 3.76 -9.27 23.98
CA LEU B 159 4.91 -8.82 24.78
C LEU B 159 4.53 -8.62 26.22
N PHE B 160 5.49 -8.79 27.15
CA PHE B 160 5.35 -8.40 28.56
C PHE B 160 5.80 -6.95 28.78
N ASP B 161 5.04 -6.17 29.54
CA ASP B 161 5.52 -4.87 29.95
C ASP B 161 6.42 -4.94 31.23
N GLU B 162 6.74 -3.77 31.83
CA GLU B 162 7.63 -3.71 33.00
C GLU B 162 6.98 -4.33 34.28
N TYR B 163 5.63 -4.37 34.37
CA TYR B 163 4.84 -4.98 35.45
C TYR B 163 4.53 -6.47 35.20
N HIS B 164 5.12 -7.07 34.13
CA HIS B 164 4.93 -8.46 33.70
C HIS B 164 3.54 -8.71 33.09
N LYS B 165 2.87 -7.67 32.58
CA LYS B 165 1.56 -7.84 31.92
C LYS B 165 1.68 -7.92 30.41
N LEU B 166 0.86 -8.78 29.79
CA LEU B 166 0.86 -8.96 28.35
C LEU B 166 0.18 -7.82 27.59
N LYS B 167 0.75 -7.48 26.40
CA LYS B 167 0.27 -6.44 25.47
C LYS B 167 0.22 -7.02 24.09
N LEU B 168 -0.90 -6.86 23.42
CA LEU B 168 -1.15 -7.36 22.08
C LEU B 168 -0.63 -6.40 21.01
N ILE B 169 0.23 -6.94 20.12
CA ILE B 169 0.81 -6.20 19.01
C ILE B 169 0.41 -6.80 17.68
N ASP B 170 0.89 -6.13 16.60
CA ASP B 170 0.93 -6.44 15.22
C ASP B 170 -0.47 -6.72 14.65
N PHE B 171 -1.13 -5.60 14.25
CA PHE B 171 -2.50 -5.49 13.71
C PHE B 171 -2.54 -5.32 12.15
N GLY B 172 -1.42 -5.56 11.49
CA GLY B 172 -1.25 -5.40 10.04
C GLY B 172 -2.08 -6.36 9.23
N LEU B 173 -2.07 -7.63 9.69
CA LEU B 173 -3.10 -8.63 9.41
C LEU B 173 -4.10 -8.35 10.49
N CYS B 174 -5.25 -7.89 10.04
CA CYS B 174 -6.33 -7.37 10.84
C CYS B 174 -7.56 -7.81 10.07
N ALA B 175 -8.76 -7.44 10.55
CA ALA B 175 -9.93 -7.25 9.69
C ALA B 175 -11.15 -6.82 10.48
N LYS B 176 -12.07 -6.10 9.82
CA LYS B 176 -13.45 -5.97 10.27
C LYS B 176 -14.24 -7.13 9.62
N PRO B 177 -14.62 -8.23 10.36
CA PRO B 177 -15.41 -9.29 9.71
C PRO B 177 -16.81 -8.88 9.27
N LYS B 178 -17.41 -7.88 9.94
CA LYS B 178 -18.70 -7.33 9.51
C LYS B 178 -18.57 -5.99 8.76
N GLY B 179 -17.33 -5.52 8.55
CA GLY B 179 -17.05 -4.33 7.76
C GLY B 179 -16.76 -4.56 6.28
N ASN B 180 -16.24 -3.52 5.62
CA ASN B 180 -15.77 -3.51 4.25
C ASN B 180 -14.57 -4.48 4.07
N LYS B 181 -14.58 -5.30 2.99
CA LYS B 181 -13.48 -6.25 2.71
C LYS B 181 -12.17 -5.56 2.23
N ASP B 182 -11.02 -6.18 2.58
CA ASP B 182 -9.66 -5.76 2.22
C ASP B 182 -8.94 -6.94 1.56
N CYS B 189 -3.40 -14.16 6.93
CA CYS B 189 -3.32 -15.61 7.18
C CYS B 189 -2.63 -15.96 8.52
N GLY B 190 -1.43 -15.42 8.72
CA GLY B 190 -0.62 -15.63 9.92
C GLY B 190 0.26 -16.86 9.90
N ALA B 191 0.74 -17.29 11.11
CA ALA B 191 1.52 -18.53 11.30
C ALA B 191 0.63 -19.73 11.02
N LEU B 192 1.14 -20.70 10.23
CA LEU B 192 0.35 -21.86 9.78
C LEU B 192 -0.12 -22.75 10.94
N ALA B 193 0.75 -22.98 11.92
CA ALA B 193 0.45 -23.76 13.12
C ALA B 193 -0.72 -23.17 13.97
N TYR B 194 -0.94 -21.86 13.90
CA TYR B 194 -1.96 -21.09 14.65
C TYR B 194 -3.22 -20.79 13.86
N ALA B 195 -3.16 -20.99 12.53
CA ALA B 195 -4.27 -20.78 11.59
C ALA B 195 -5.44 -21.78 11.73
N ALA B 196 -6.67 -21.26 11.78
CA ALA B 196 -7.89 -22.05 11.86
C ALA B 196 -8.16 -22.83 10.57
N PRO B 197 -8.83 -24.01 10.61
CA PRO B 197 -9.14 -24.75 9.36
C PRO B 197 -9.75 -23.90 8.26
N GLU B 198 -10.83 -23.14 8.59
CA GLU B 198 -11.60 -22.31 7.67
C GLU B 198 -10.77 -21.18 7.06
N LEU B 199 -9.71 -20.78 7.76
CA LEU B 199 -8.75 -19.75 7.35
C LEU B 199 -7.80 -20.28 6.25
N ILE B 200 -7.37 -21.56 6.38
CA ILE B 200 -6.49 -22.23 5.42
C ILE B 200 -7.27 -22.59 4.13
N GLN B 201 -8.53 -23.01 4.24
CA GLN B 201 -9.47 -23.01 3.13
C GLN B 201 -10.01 -21.55 2.91
N GLY B 202 -11.10 -21.40 2.15
CA GLY B 202 -11.81 -20.13 2.00
C GLY B 202 -13.20 -20.19 2.61
N LYS B 203 -13.51 -19.27 3.54
CA LYS B 203 -14.81 -19.17 4.19
C LYS B 203 -15.13 -17.72 4.54
N GLY B 207 -13.30 -13.30 9.96
CA GLY B 207 -13.97 -14.13 10.96
C GLY B 207 -13.30 -14.07 12.32
N SER B 208 -14.10 -13.88 13.37
CA SER B 208 -13.65 -13.75 14.75
C SER B 208 -13.46 -15.12 15.43
N GLU B 209 -14.11 -16.16 14.86
CA GLU B 209 -14.07 -17.54 15.37
C GLU B 209 -12.67 -18.13 15.18
N ALA B 210 -11.97 -17.68 14.10
CA ALA B 210 -10.60 -18.07 13.82
C ALA B 210 -9.64 -17.67 14.97
N ASP B 211 -9.90 -16.55 15.68
CA ASP B 211 -9.09 -16.11 16.83
C ASP B 211 -9.26 -17.03 18.02
N VAL B 212 -10.48 -17.47 18.32
CA VAL B 212 -10.77 -18.49 19.32
C VAL B 212 -9.94 -19.79 19.10
N TRP B 213 -9.94 -20.34 17.85
CA TRP B 213 -9.07 -21.45 17.47
C TRP B 213 -7.61 -21.13 17.87
N SER B 214 -7.06 -19.98 17.42
CA SER B 214 -5.67 -19.53 17.69
C SER B 214 -5.36 -19.43 19.19
N MET B 215 -6.33 -18.97 19.99
CA MET B 215 -6.26 -18.97 21.46
C MET B 215 -6.22 -20.40 21.98
N GLY B 216 -6.96 -21.32 21.33
CA GLY B 216 -6.89 -22.75 21.62
C GLY B 216 -5.53 -23.43 21.41
N ILE B 217 -4.76 -22.97 20.40
CA ILE B 217 -3.43 -23.48 20.04
C ILE B 217 -2.41 -22.94 21.04
N LEU B 218 -2.55 -21.62 21.35
CA LEU B 218 -1.82 -20.93 22.42
C LEU B 218 -2.04 -21.63 23.77
N LEU B 219 -3.32 -21.89 24.17
CA LEU B 219 -3.67 -22.66 25.38
C LEU B 219 -2.94 -24.00 25.47
N TYR B 220 -2.88 -24.76 24.38
CA TYR B 220 -2.22 -26.05 24.32
C TYR B 220 -0.71 -25.95 24.52
N VAL B 221 0.03 -25.18 23.67
CA VAL B 221 1.49 -25.01 23.79
C VAL B 221 1.93 -24.47 25.17
N LEU B 222 1.08 -23.69 25.88
CA LEU B 222 1.37 -23.21 27.25
C LEU B 222 1.38 -24.32 28.27
N MET B 223 0.37 -25.23 28.20
CA MET B 223 0.22 -26.35 29.12
C MET B 223 1.04 -27.59 28.73
N CYS B 224 1.38 -27.75 27.46
CA CYS B 224 2.04 -28.97 26.92
C CYS B 224 3.50 -28.75 26.57
N GLY B 225 3.84 -27.56 26.08
CA GLY B 225 5.21 -27.25 25.67
C GLY B 225 5.52 -27.56 24.23
N PHE B 226 4.53 -28.09 23.52
CA PHE B 226 4.58 -28.45 22.11
C PHE B 226 3.24 -28.08 21.47
N LEU B 227 3.25 -27.92 20.14
CA LEU B 227 2.05 -27.59 19.35
C LEU B 227 1.08 -28.80 19.13
N PRO B 228 -0.28 -28.61 19.12
CA PRO B 228 -1.18 -29.76 18.89
C PRO B 228 -1.08 -30.35 17.47
N PHE B 229 -0.73 -29.49 16.49
CA PHE B 229 -0.53 -29.82 15.07
C PHE B 229 0.86 -29.28 14.67
N ASP B 230 1.78 -30.18 14.31
CA ASP B 230 3.15 -29.83 13.94
C ASP B 230 3.73 -30.86 12.99
N ASP B 231 4.36 -30.41 11.90
CA ASP B 231 5.03 -31.31 10.96
C ASP B 231 6.28 -30.69 10.34
N ASP B 232 7.05 -31.54 9.58
CA ASP B 232 8.29 -31.23 8.85
C ASP B 232 8.02 -30.54 7.51
N THR B 233 6.78 -30.62 6.98
CA THR B 233 6.36 -29.90 5.78
C THR B 233 5.10 -29.07 6.08
N ALA B 234 4.84 -28.04 5.27
CA ALA B 234 3.64 -27.22 5.40
C ALA B 234 2.36 -27.99 5.02
N ALA B 235 2.43 -28.84 3.97
CA ALA B 235 1.29 -29.65 3.49
C ALA B 235 0.82 -30.71 4.52
N ALA B 236 1.78 -31.34 5.23
CA ALA B 236 1.46 -32.24 6.34
C ALA B 236 0.96 -31.53 7.59
N LEU B 237 1.43 -30.29 7.86
CA LEU B 237 0.85 -29.42 8.90
C LEU B 237 -0.63 -29.08 8.56
N VAL B 238 -0.90 -28.54 7.34
CA VAL B 238 -2.25 -28.24 6.83
C VAL B 238 -3.25 -29.41 7.01
N ALA B 239 -2.88 -30.62 6.54
CA ALA B 239 -3.68 -31.83 6.62
C ALA B 239 -3.99 -32.24 8.06
N LYS B 240 -2.98 -32.13 8.95
CA LYS B 240 -3.14 -32.29 10.41
C LYS B 240 -4.21 -31.36 11.02
N ILE B 241 -4.19 -30.06 10.63
CA ILE B 241 -5.14 -29.02 11.07
C ILE B 241 -6.56 -29.30 10.58
N MET B 242 -6.68 -29.76 9.32
CA MET B 242 -7.97 -30.12 8.71
C MET B 242 -8.64 -31.33 9.39
N ARG B 243 -7.83 -32.36 9.79
CA ARG B 243 -8.31 -33.55 10.53
C ARG B 243 -8.72 -33.27 11.97
N GLY B 244 -8.00 -32.34 12.63
CA GLY B 244 -8.33 -31.81 13.97
C GLY B 244 -8.02 -32.75 15.10
N LYS B 245 -7.21 -33.77 14.84
CA LYS B 245 -6.81 -34.80 15.81
C LYS B 245 -5.50 -34.41 16.48
N TYR B 246 -5.48 -34.45 17.79
CA TYR B 246 -4.30 -34.08 18.56
C TYR B 246 -4.13 -34.98 19.81
N ASP B 247 -2.91 -35.08 20.30
CA ASP B 247 -2.61 -35.81 21.51
C ASP B 247 -3.14 -35.06 22.70
N VAL B 248 -3.71 -35.81 23.63
CA VAL B 248 -4.12 -35.29 24.91
C VAL B 248 -3.10 -35.90 25.91
N PRO B 249 -2.04 -35.13 26.31
CA PRO B 249 -1.10 -35.65 27.32
C PRO B 249 -1.75 -35.96 28.66
N LYS B 250 -1.11 -36.89 29.41
CA LYS B 250 -1.59 -37.49 30.67
C LYS B 250 -1.76 -36.44 31.78
N TRP B 251 -0.84 -35.47 31.83
CA TRP B 251 -0.78 -34.41 32.84
C TRP B 251 -1.92 -33.37 32.74
N LEU B 252 -2.61 -33.32 31.58
CA LEU B 252 -3.75 -32.42 31.35
C LEU B 252 -4.91 -32.86 32.22
N SER B 253 -5.46 -31.92 33.02
CA SER B 253 -6.64 -32.12 33.84
C SER B 253 -7.86 -32.27 32.95
N PRO B 254 -8.92 -32.99 33.39
CA PRO B 254 -10.18 -32.99 32.61
C PRO B 254 -10.75 -31.63 32.22
N SER B 255 -10.68 -30.64 33.12
CA SER B 255 -11.06 -29.23 32.88
C SER B 255 -10.32 -28.63 31.66
N SER B 256 -8.97 -28.77 31.63
CA SER B 256 -8.13 -28.39 30.50
C SER B 256 -8.57 -29.04 29.18
N ILE B 257 -8.84 -30.36 29.22
CA ILE B 257 -9.25 -31.20 28.07
C ILE B 257 -10.57 -30.72 27.50
N LEU B 258 -11.56 -30.49 28.37
CA LEU B 258 -12.85 -29.95 27.97
C LEU B 258 -12.72 -28.61 27.25
N LEU B 259 -12.02 -27.62 27.86
CA LEU B 259 -11.78 -26.31 27.23
C LEU B 259 -11.09 -26.45 25.89
N LEU B 260 -10.07 -27.33 25.78
CA LEU B 260 -9.36 -27.57 24.50
C LEU B 260 -10.24 -28.12 23.38
N GLN B 261 -11.15 -29.05 23.71
CA GLN B 261 -12.10 -29.61 22.75
C GLN B 261 -13.10 -28.54 22.24
N GLN B 262 -13.49 -27.61 23.12
CA GLN B 262 -14.43 -26.52 22.81
C GLN B 262 -13.78 -25.47 21.93
N MET B 263 -12.47 -25.21 22.12
CA MET B 263 -11.75 -24.18 21.36
C MET B 263 -11.16 -24.72 20.09
N LEU B 264 -10.74 -26.00 20.13
CA LEU B 264 -10.14 -26.67 18.98
C LEU B 264 -11.14 -27.54 18.22
N GLN B 265 -12.37 -27.01 18.05
CA GLN B 265 -13.39 -27.49 17.12
C GLN B 265 -13.04 -27.03 15.69
N VAL B 266 -12.92 -27.98 14.75
CA VAL B 266 -12.57 -27.70 13.34
C VAL B 266 -13.72 -26.88 12.66
N ASP B 267 -14.99 -27.15 13.00
CA ASP B 267 -16.17 -26.43 12.49
C ASP B 267 -16.35 -25.15 13.29
N PRO B 268 -16.08 -23.94 12.70
CA PRO B 268 -16.08 -22.69 13.50
C PRO B 268 -17.42 -22.32 14.16
N LYS B 269 -18.52 -22.97 13.70
CA LYS B 269 -19.89 -22.86 14.21
C LYS B 269 -20.06 -23.68 15.49
N LYS B 270 -19.24 -24.74 15.66
CA LYS B 270 -19.20 -25.61 16.84
C LYS B 270 -18.23 -25.12 17.96
N ARG B 271 -17.37 -24.12 17.66
CA ARG B 271 -16.36 -23.55 18.57
C ARG B 271 -17.03 -22.75 19.64
N ILE B 272 -16.45 -22.80 20.87
CA ILE B 272 -16.85 -21.97 21.99
C ILE B 272 -16.94 -20.46 21.58
N SER B 273 -18.01 -19.78 22.00
CA SER B 273 -18.14 -18.34 21.76
C SER B 273 -17.20 -17.55 22.68
N MET B 274 -16.98 -16.25 22.37
CA MET B 274 -16.30 -15.36 23.32
C MET B 274 -17.09 -15.25 24.61
N LYS B 275 -18.45 -15.10 24.50
CA LYS B 275 -19.36 -15.02 25.66
C LYS B 275 -19.17 -16.15 26.66
N ASN B 276 -19.11 -17.41 26.19
CA ASN B 276 -18.97 -18.58 27.08
C ASN B 276 -17.51 -18.87 27.48
N LEU B 277 -16.54 -18.41 26.69
CA LEU B 277 -15.13 -18.41 27.08
C LEU B 277 -14.87 -17.52 28.31
N LEU B 278 -15.48 -16.33 28.38
CA LEU B 278 -15.26 -15.32 29.43
C LEU B 278 -15.57 -15.81 30.84
N ASN B 279 -16.62 -16.64 30.98
CA ASN B 279 -17.01 -17.23 32.27
C ASN B 279 -16.93 -18.77 32.25
N HIS B 280 -16.11 -19.32 31.32
CA HIS B 280 -15.83 -20.75 31.31
C HIS B 280 -15.35 -21.24 32.69
N PRO B 281 -15.86 -22.39 33.21
CA PRO B 281 -15.36 -22.95 34.50
C PRO B 281 -13.83 -23.06 34.68
N TRP B 282 -13.10 -23.43 33.61
CA TRP B 282 -11.64 -23.52 33.63
C TRP B 282 -11.04 -22.14 33.86
N ILE B 283 -11.56 -21.10 33.13
CA ILE B 283 -11.12 -19.69 33.16
C ILE B 283 -11.28 -19.09 34.60
N MET B 284 -12.37 -19.49 35.27
CA MET B 284 -12.76 -18.94 36.57
C MET B 284 -12.29 -19.74 37.79
N GLN B 285 -11.68 -20.89 37.54
CA GLN B 285 -10.96 -21.68 38.53
C GLN B 285 -9.94 -20.76 39.22
N ASP B 286 -9.93 -20.74 40.58
CA ASP B 286 -9.07 -19.95 41.46
C ASP B 286 -9.35 -18.41 41.50
N TYR B 287 -10.04 -17.83 40.49
CA TYR B 287 -10.41 -16.40 40.47
C TYR B 287 -11.85 -16.13 40.95
N ASN B 288 -12.80 -16.98 40.52
CA ASN B 288 -14.25 -16.99 40.84
C ASN B 288 -14.98 -15.70 40.42
N TYR B 289 -14.42 -15.02 39.40
CA TYR B 289 -15.02 -13.92 38.63
C TYR B 289 -14.63 -14.02 37.15
N PRO B 290 -15.52 -13.67 36.19
CA PRO B 290 -15.15 -13.84 34.77
C PRO B 290 -14.10 -12.83 34.28
N VAL B 291 -13.50 -13.08 33.10
CA VAL B 291 -12.49 -12.20 32.51
C VAL B 291 -13.09 -10.82 32.32
N GLU B 292 -12.42 -9.80 32.89
CA GLU B 292 -12.73 -8.38 32.69
C GLU B 292 -12.02 -7.91 31.43
N TRP B 293 -12.78 -7.82 30.34
CA TRP B 293 -12.31 -7.54 28.98
C TRP B 293 -12.46 -6.06 28.65
N GLN B 294 -13.44 -5.38 29.26
CA GLN B 294 -13.74 -3.99 28.95
C GLN B 294 -12.58 -3.09 29.34
N SER B 295 -12.26 -2.14 28.44
CA SER B 295 -11.13 -1.24 28.55
C SER B 295 -11.20 -0.32 29.76
N LYS B 296 -10.07 -0.19 30.45
CA LYS B 296 -9.88 0.75 31.57
C LYS B 296 -9.18 2.04 31.05
N ASN B 297 -9.03 2.16 29.72
CA ASN B 297 -8.26 3.21 29.04
C ASN B 297 -9.19 4.06 28.13
N PRO B 298 -9.79 5.17 28.62
CA PRO B 298 -10.92 5.79 27.89
C PRO B 298 -10.55 6.73 26.74
N PHE B 299 -11.48 6.93 25.81
CA PHE B 299 -11.40 7.99 24.78
C PHE B 299 -12.13 9.25 25.29
N ILE B 300 -13.08 9.07 26.25
CA ILE B 300 -14.06 10.08 26.71
C ILE B 300 -13.59 10.78 27.99
N HIS B 301 -13.48 10.08 29.14
CA HIS B 301 -12.99 10.69 30.36
C HIS B 301 -11.52 11.12 30.23
N LEU B 302 -11.26 12.38 30.59
CA LEU B 302 -9.95 13.03 30.57
C LEU B 302 -9.45 13.24 32.01
N ASP B 303 -8.23 12.79 32.33
CA ASP B 303 -7.62 13.01 33.64
C ASP B 303 -7.29 14.49 33.84
N ASP B 304 -7.91 15.09 34.89
CA ASP B 304 -7.79 16.49 35.28
C ASP B 304 -6.36 16.93 35.60
N ASP B 305 -5.58 16.11 36.35
CA ASP B 305 -4.15 16.32 36.67
C ASP B 305 -3.27 16.46 35.41
N CYS B 306 -3.56 15.66 34.35
CA CYS B 306 -2.89 15.69 33.05
C CYS B 306 -3.30 16.90 32.24
N VAL B 307 -4.62 17.21 32.19
CA VAL B 307 -5.16 18.39 31.52
C VAL B 307 -4.61 19.68 32.17
N THR B 308 -4.51 19.74 33.53
CA THR B 308 -4.00 20.93 34.23
C THR B 308 -2.47 21.05 34.03
N GLU B 309 -1.70 19.94 34.05
CA GLU B 309 -0.28 19.98 33.69
C GLU B 309 -0.08 20.40 32.22
N LEU B 310 -0.93 19.90 31.29
CA LEU B 310 -0.88 20.26 29.86
C LEU B 310 -1.26 21.69 29.61
N SER B 311 -2.20 22.22 30.39
CA SER B 311 -2.64 23.61 30.35
C SER B 311 -1.52 24.58 30.75
N VAL B 312 -0.86 24.37 31.92
CA VAL B 312 0.24 25.21 32.43
C VAL B 312 1.41 25.23 31.44
N HIS B 313 1.72 24.08 30.79
CA HIS B 313 2.84 23.97 29.88
C HIS B 313 2.61 24.78 28.60
N HIS B 314 1.46 24.56 27.92
CA HIS B 314 1.10 25.20 26.65
C HIS B 314 0.50 26.61 26.82
N ARG B 315 0.43 27.10 28.07
CA ARG B 315 -0.04 28.44 28.48
C ARG B 315 -1.45 28.78 27.91
N ASN B 316 -2.33 27.77 27.84
CA ASN B 316 -3.73 27.93 27.44
C ASN B 316 -4.67 27.31 28.48
N ASN B 317 -5.99 27.55 28.33
CA ASN B 317 -6.99 27.11 29.32
C ASN B 317 -7.35 25.60 29.18
N ARG B 318 -8.37 25.11 29.94
CA ARG B 318 -8.86 23.74 29.83
C ARG B 318 -10.01 23.60 28.82
N GLN B 319 -10.78 24.67 28.53
CA GLN B 319 -11.86 24.61 27.53
C GLN B 319 -11.31 24.38 26.13
N THR B 320 -10.07 24.82 25.88
CA THR B 320 -9.39 24.59 24.60
C THR B 320 -8.37 23.45 24.72
N MET B 321 -7.75 23.24 25.91
CA MET B 321 -6.83 22.11 26.13
C MET B 321 -7.59 20.79 26.03
N GLU B 322 -8.75 20.67 26.73
CA GLU B 322 -9.65 19.51 26.69
C GLU B 322 -10.20 19.24 25.28
N ASP B 323 -10.60 20.30 24.54
CA ASP B 323 -11.10 20.22 23.16
C ASP B 323 -10.01 19.74 22.21
N LEU B 324 -8.77 20.21 22.45
CA LEU B 324 -7.54 19.84 21.74
C LEU B 324 -7.19 18.35 21.96
N ILE B 325 -7.17 17.91 23.26
CA ILE B 325 -6.94 16.51 23.69
C ILE B 325 -7.96 15.56 23.06
N SER B 326 -9.25 15.95 23.06
CA SER B 326 -10.39 15.14 22.63
C SER B 326 -10.48 14.91 21.12
N LEU B 327 -9.73 15.73 20.33
CA LEU B 327 -9.53 15.53 18.90
C LEU B 327 -8.80 14.21 18.54
N TRP B 328 -7.97 13.64 19.47
CA TRP B 328 -7.17 12.40 19.31
C TRP B 328 -6.56 12.25 17.93
N GLN B 329 -5.68 13.18 17.56
CA GLN B 329 -5.09 13.23 16.21
C GLN B 329 -3.87 12.32 16.03
N TYR B 330 -3.36 11.75 17.14
CA TYR B 330 -2.15 10.91 17.23
C TYR B 330 -0.94 11.71 16.76
N ASP B 331 -0.88 12.93 17.32
CA ASP B 331 0.16 13.94 17.17
C ASP B 331 0.89 14.01 18.52
N HIS B 332 1.77 15.00 18.71
CA HIS B 332 2.55 15.16 19.94
C HIS B 332 1.69 15.35 21.17
N LEU B 333 0.52 15.99 21.02
CA LEU B 333 -0.42 16.20 22.10
C LEU B 333 -1.00 14.88 22.64
N THR B 334 -1.48 13.98 21.74
CA THR B 334 -1.95 12.63 22.07
C THR B 334 -0.88 11.89 22.87
N ALA B 335 0.38 11.91 22.39
CA ALA B 335 1.49 11.16 22.98
C ALA B 335 1.85 11.70 24.36
N THR B 336 1.93 13.04 24.52
CA THR B 336 2.18 13.71 25.79
C THR B 336 1.05 13.47 26.81
N TYR B 337 -0.23 13.60 26.38
CA TYR B 337 -1.38 13.30 27.26
C TYR B 337 -1.36 11.87 27.77
N LEU B 338 -1.24 10.89 26.85
CA LEU B 338 -1.25 9.46 27.16
C LEU B 338 -0.03 9.03 27.95
N LEU B 339 1.13 9.61 27.65
CA LEU B 339 2.34 9.31 28.43
C LEU B 339 2.34 10.00 29.80
N LEU B 340 1.72 11.19 29.93
CA LEU B 340 1.51 11.82 31.24
C LEU B 340 0.60 10.98 32.13
N LEU B 341 -0.48 10.45 31.52
CA LEU B 341 -1.41 9.50 32.13
C LEU B 341 -0.71 8.21 32.59
N ALA B 342 0.25 7.69 31.80
CA ALA B 342 1.10 6.54 32.13
C ALA B 342 2.13 6.84 33.21
N LYS B 343 2.69 8.07 33.25
CA LYS B 343 3.60 8.59 34.27
C LYS B 343 2.92 8.72 35.64
N LYS B 344 1.63 9.15 35.63
CA LYS B 344 0.75 9.24 36.81
C LYS B 344 0.39 7.84 37.35
N ALA B 345 0.11 6.88 36.44
CA ALA B 345 -0.24 5.48 36.76
C ALA B 345 0.95 4.68 37.33
N ARG B 346 2.18 5.14 37.08
CA ARG B 346 3.42 4.55 37.55
C ARG B 346 3.68 4.79 39.03
N GLY B 347 3.31 5.97 39.54
CA GLY B 347 3.69 6.42 40.87
C GLY B 347 4.85 7.40 40.80
N LYS B 348 4.81 8.25 39.75
CA LYS B 348 5.72 9.36 39.48
C LYS B 348 4.91 10.65 39.30
N PRO B 349 5.50 11.86 39.50
CA PRO B 349 4.67 13.09 39.43
C PRO B 349 4.14 13.39 38.03
N VAL B 350 2.94 14.01 37.96
CA VAL B 350 2.33 14.48 36.71
C VAL B 350 3.10 15.78 36.30
N ARG B 351 4.29 15.62 35.64
CA ARG B 351 5.24 16.70 35.33
C ARG B 351 5.88 16.64 33.93
N LEU B 352 5.74 17.76 33.17
CA LEU B 352 6.39 18.05 31.88
C LEU B 352 7.72 18.80 32.10
N ARG B 353 8.40 19.24 31.01
CA ARG B 353 9.58 20.14 31.07
C ARG B 353 9.70 20.98 29.80
N MET C 21 8.30 -27.26 19.55
CA MET C 21 8.11 -26.84 18.15
C MET C 21 9.21 -27.38 17.18
N LYS C 22 8.81 -28.04 16.04
CA LYS C 22 9.73 -28.68 15.05
C LYS C 22 10.51 -27.69 14.16
N ASP C 23 10.04 -26.46 14.09
CA ASP C 23 10.72 -25.35 13.43
C ASP C 23 12.01 -24.93 14.16
N TYR C 24 12.13 -25.29 15.47
CA TYR C 24 13.22 -24.84 16.33
C TYR C 24 14.07 -25.97 16.91
N ASP C 25 13.79 -27.23 16.54
CA ASP C 25 14.43 -28.41 17.12
C ASP C 25 15.92 -28.51 16.75
N GLU C 26 16.26 -28.33 15.44
CA GLU C 26 17.65 -28.36 14.98
C GLU C 26 18.45 -27.15 15.47
N LEU C 27 17.86 -25.95 15.43
CA LEU C 27 18.51 -24.75 15.92
C LEU C 27 18.82 -24.83 17.44
N LEU C 28 17.93 -25.43 18.24
CA LEU C 28 18.12 -25.47 19.69
C LEU C 28 19.06 -26.59 20.14
N LYS C 29 19.49 -27.46 19.21
CA LYS C 29 20.60 -28.42 19.45
C LYS C 29 21.92 -27.66 19.60
N TYR C 30 22.04 -26.51 18.91
CA TYR C 30 23.30 -25.81 18.72
C TYR C 30 23.36 -24.47 19.43
N TYR C 31 22.19 -23.79 19.59
CA TYR C 31 22.07 -22.40 20.06
C TYR C 31 21.07 -22.23 21.18
N GLU C 32 21.46 -21.47 22.22
CA GLU C 32 20.58 -21.06 23.30
C GLU C 32 20.03 -19.69 22.92
N LEU C 33 18.74 -19.64 22.58
CA LEU C 33 18.05 -18.44 22.12
C LEU C 33 17.86 -17.43 23.27
N HIS C 34 18.20 -16.17 23.00
CA HIS C 34 17.97 -15.05 23.91
C HIS C 34 16.92 -14.10 23.29
N GLU C 35 16.96 -12.81 23.62
CA GLU C 35 15.92 -11.87 23.20
C GLU C 35 16.12 -11.31 21.80
N THR C 36 15.03 -10.78 21.22
CA THR C 36 14.97 -9.98 19.99
C THR C 36 15.78 -8.70 20.15
N ILE C 37 16.72 -8.49 19.25
CA ILE C 37 17.61 -7.33 19.31
C ILE C 37 17.43 -6.42 18.08
N GLY C 38 16.71 -6.88 17.07
CA GLY C 38 16.57 -6.08 15.86
C GLY C 38 15.94 -6.74 14.64
N THR C 39 16.52 -6.44 13.45
CA THR C 39 15.99 -5.74 12.30
C THR C 39 14.60 -6.25 11.82
N ALA C 43 13.07 -9.66 8.40
CA ALA C 43 13.40 -10.77 9.30
C ALA C 43 13.83 -10.25 10.68
N LYS C 44 13.38 -10.93 11.73
CA LYS C 44 13.67 -10.69 13.12
C LYS C 44 15.11 -11.17 13.38
N VAL C 45 15.86 -10.40 14.20
CA VAL C 45 17.17 -10.79 14.66
C VAL C 45 17.12 -11.01 16.19
N LYS C 46 17.62 -12.19 16.63
CA LYS C 46 17.64 -12.57 18.02
C LYS C 46 19.07 -12.72 18.48
N LEU C 47 19.35 -12.31 19.74
CA LEU C 47 20.58 -12.70 20.41
C LEU C 47 20.55 -14.23 20.66
N ALA C 48 21.67 -14.90 20.44
CA ALA C 48 21.80 -16.32 20.77
C ALA C 48 23.19 -16.65 21.28
N CYS C 49 23.30 -17.78 21.99
CA CYS C 49 24.58 -18.30 22.41
C CYS C 49 24.84 -19.60 21.66
N HIS C 50 26.00 -19.71 21.01
CA HIS C 50 26.44 -20.96 20.40
C HIS C 50 26.96 -21.86 21.52
N ILE C 51 26.26 -22.99 21.78
CA ILE C 51 26.44 -23.87 22.96
C ILE C 51 27.89 -24.45 23.08
N LEU C 52 28.45 -24.99 21.97
CA LEU C 52 29.79 -25.57 21.97
C LEU C 52 30.90 -24.58 22.32
N THR C 53 30.78 -23.31 21.90
CA THR C 53 31.86 -22.34 22.11
C THR C 53 31.58 -21.38 23.25
N GLY C 54 30.31 -21.35 23.68
CA GLY C 54 29.77 -20.29 24.54
C GLY C 54 29.72 -18.89 23.93
N GLU C 55 30.03 -18.76 22.63
CA GLU C 55 30.12 -17.46 21.93
C GLU C 55 28.77 -16.93 21.53
N MET C 56 28.57 -15.62 21.73
CA MET C 56 27.36 -14.90 21.36
C MET C 56 27.28 -14.63 19.86
N VAL C 57 26.05 -14.68 19.34
CA VAL C 57 25.74 -14.78 17.94
C VAL C 57 24.41 -14.00 17.69
N ALA C 58 24.24 -13.43 16.48
CA ALA C 58 22.99 -12.85 16.02
C ALA C 58 22.28 -13.91 15.13
N ILE C 59 21.01 -14.21 15.40
CA ILE C 59 20.28 -15.14 14.54
C ILE C 59 19.16 -14.40 13.88
N LYS C 60 19.20 -14.36 12.54
CA LYS C 60 18.19 -13.83 11.65
C LYS C 60 17.18 -14.93 11.36
N ILE C 61 15.88 -14.69 11.65
CA ILE C 61 14.80 -15.67 11.46
C ILE C 61 13.84 -15.22 10.33
N MET C 62 13.78 -16.00 9.23
CA MET C 62 12.91 -15.78 8.06
C MET C 62 11.77 -16.79 8.09
N ASP C 63 10.53 -16.34 8.30
CA ASP C 63 9.35 -17.18 8.12
C ASP C 63 9.14 -17.28 6.59
N LYS C 64 9.33 -18.49 6.02
CA LYS C 64 9.14 -18.71 4.57
C LYS C 64 7.69 -19.17 4.28
N ASN C 65 6.80 -18.17 4.07
CA ASN C 65 5.36 -18.28 3.76
C ASN C 65 4.86 -16.90 3.30
N SER C 69 8.22 -14.26 1.83
CA SER C 69 7.73 -12.98 1.32
C SER C 69 8.66 -12.39 0.23
N ASP C 70 9.97 -12.33 0.53
CA ASP C 70 11.04 -12.00 -0.42
C ASP C 70 12.22 -12.97 -0.27
N LEU C 71 11.97 -14.24 -0.64
CA LEU C 71 12.92 -15.36 -0.58
C LEU C 71 14.03 -15.32 -1.66
N PRO C 72 13.87 -14.71 -2.86
CA PRO C 72 15.07 -14.49 -3.69
C PRO C 72 16.08 -13.52 -3.07
N ARG C 73 15.61 -12.52 -2.28
CA ARG C 73 16.44 -11.54 -1.55
C ARG C 73 17.29 -12.23 -0.46
N ILE C 74 16.68 -13.21 0.26
CA ILE C 74 17.29 -14.04 1.30
C ILE C 74 18.43 -14.88 0.68
N LYS C 75 18.16 -15.52 -0.47
CA LYS C 75 19.07 -16.39 -1.21
C LYS C 75 20.25 -15.67 -1.85
N THR C 76 20.05 -14.43 -2.36
CA THR C 76 21.11 -13.54 -2.87
C THR C 76 22.07 -13.15 -1.74
N GLU C 77 21.53 -12.80 -0.56
CA GLU C 77 22.33 -12.46 0.62
C GLU C 77 23.22 -13.64 1.04
N ILE C 78 22.59 -14.83 1.31
CA ILE C 78 23.22 -16.10 1.70
C ILE C 78 24.34 -16.47 0.75
N GLU C 79 24.06 -16.47 -0.56
CA GLU C 79 25.03 -16.82 -1.59
C GLU C 79 26.21 -15.81 -1.67
N ALA C 80 25.97 -14.51 -1.44
CA ALA C 80 27.03 -13.50 -1.36
C ALA C 80 27.89 -13.73 -0.12
N LEU C 81 27.24 -13.86 1.05
CA LEU C 81 27.87 -14.10 2.35
C LEU C 81 28.63 -15.44 2.45
N LYS C 82 28.25 -16.44 1.62
CA LYS C 82 29.01 -17.68 1.44
C LYS C 82 30.36 -17.41 0.76
N ASN C 83 30.42 -16.43 -0.17
CA ASN C 83 31.62 -16.12 -0.96
C ASN C 83 32.41 -14.92 -0.45
N LEU C 84 31.86 -14.11 0.50
CA LEU C 84 32.56 -12.97 1.07
C LEU C 84 32.92 -13.27 2.52
N ARG C 85 34.19 -13.06 2.89
CA ARG C 85 34.73 -13.30 4.24
C ARG C 85 35.74 -12.19 4.47
N HIS C 86 35.45 -11.28 5.38
CA HIS C 86 36.28 -10.07 5.50
C HIS C 86 36.14 -9.49 6.90
N GLN C 87 37.21 -8.87 7.41
CA GLN C 87 37.26 -8.18 8.71
C GLN C 87 36.22 -7.06 8.88
N HIS C 88 35.68 -6.52 7.76
CA HIS C 88 34.69 -5.44 7.83
C HIS C 88 33.34 -5.84 7.21
N ILE C 89 33.10 -7.16 7.07
CA ILE C 89 31.84 -7.74 6.63
C ILE C 89 31.36 -8.62 7.78
N CYS C 90 30.12 -8.41 8.20
CA CYS C 90 29.50 -9.23 9.24
C CYS C 90 29.38 -10.67 8.77
N GLN C 91 30.06 -11.56 9.48
CA GLN C 91 30.30 -12.95 9.16
C GLN C 91 29.08 -13.85 9.29
N LEU C 92 28.77 -14.58 8.17
CA LEU C 92 27.85 -15.72 8.18
C LEU C 92 28.54 -16.97 8.72
N TYR C 93 27.91 -17.59 9.73
CA TYR C 93 28.41 -18.78 10.38
C TYR C 93 27.70 -20.04 9.93
N HIS C 94 26.37 -19.98 9.72
CA HIS C 94 25.49 -21.16 9.69
C HIS C 94 24.13 -20.77 9.04
N VAL C 95 23.73 -21.54 8.05
CA VAL C 95 22.39 -21.48 7.50
C VAL C 95 21.67 -22.79 7.87
N LEU C 96 20.50 -22.65 8.48
CA LEU C 96 19.53 -23.72 8.75
C LEU C 96 18.24 -23.41 7.99
N GLU C 97 17.60 -24.44 7.40
CA GLU C 97 16.32 -24.30 6.72
C GLU C 97 15.39 -25.42 7.16
N THR C 98 14.15 -25.06 7.57
CA THR C 98 13.15 -26.04 8.02
C THR C 98 11.89 -26.03 7.12
N ALA C 99 10.73 -26.37 7.68
CA ALA C 99 9.41 -26.37 7.03
C ALA C 99 8.99 -24.95 6.68
N ASN C 100 8.95 -24.06 7.69
CA ASN C 100 8.45 -22.71 7.50
C ASN C 100 9.47 -21.64 7.85
N LYS C 101 10.78 -22.02 7.91
CA LYS C 101 11.83 -21.10 8.39
C LYS C 101 13.19 -21.22 7.65
N ILE C 102 13.92 -20.09 7.55
CA ILE C 102 15.36 -20.00 7.26
C ILE C 102 16.04 -19.25 8.43
N PHE C 103 17.06 -19.86 9.04
CA PHE C 103 17.91 -19.21 10.06
C PHE C 103 19.25 -18.89 9.45
N MET C 104 19.72 -17.65 9.69
CA MET C 104 21.07 -17.22 9.37
C MET C 104 21.75 -16.88 10.70
N VAL C 105 22.83 -17.59 11.03
CA VAL C 105 23.61 -17.35 12.21
C VAL C 105 24.75 -16.44 11.79
N LEU C 106 24.81 -15.27 12.40
CA LEU C 106 25.70 -14.17 11.98
C LEU C 106 26.55 -13.65 13.15
N GLU C 107 27.60 -12.89 12.81
CA GLU C 107 28.51 -12.22 13.75
C GLU C 107 27.74 -11.19 14.61
N TYR C 108 27.79 -11.35 15.94
CA TYR C 108 27.13 -10.44 16.86
C TYR C 108 27.86 -9.12 16.88
N CYS C 109 27.12 -8.02 16.64
CA CYS C 109 27.64 -6.66 16.59
C CYS C 109 26.88 -5.83 17.63
N PRO C 110 27.37 -5.80 18.89
CA PRO C 110 26.65 -5.07 19.94
C PRO C 110 26.77 -3.54 19.90
N GLY C 111 27.65 -3.01 19.05
CA GLY C 111 27.99 -1.60 19.00
C GLY C 111 26.99 -0.67 18.36
N GLY C 112 25.90 -1.23 17.87
CA GLY C 112 24.84 -0.49 17.18
C GLY C 112 25.21 -0.14 15.75
N GLU C 113 24.41 0.74 15.14
CA GLU C 113 24.59 1.18 13.77
C GLU C 113 25.39 2.45 13.71
N LEU C 114 26.12 2.65 12.61
CA LEU C 114 26.70 3.94 12.28
C LEU C 114 25.64 5.07 12.30
N PHE C 115 24.38 4.75 11.89
CA PHE C 115 23.22 5.65 11.95
C PHE C 115 23.08 6.28 13.33
N ASP C 116 23.07 5.44 14.38
CA ASP C 116 22.88 5.81 15.78
C ASP C 116 23.93 6.80 16.25
N TYR C 117 25.18 6.56 15.83
CA TYR C 117 26.38 7.37 16.11
CA TYR C 117 26.33 7.42 16.13
C TYR C 117 26.27 8.78 15.45
N ILE C 118 25.80 8.83 14.18
CA ILE C 118 25.58 10.06 13.42
C ILE C 118 24.49 10.90 14.11
N ILE C 119 23.37 10.29 14.50
CA ILE C 119 22.22 11.03 15.02
C ILE C 119 22.39 11.47 16.49
N SER C 120 23.31 10.83 17.25
CA SER C 120 23.57 11.14 18.67
C SER C 120 24.41 12.40 18.85
N GLN C 121 25.35 12.64 17.93
CA GLN C 121 26.21 13.83 17.91
C GLN C 121 25.84 14.77 16.75
N ASP C 122 26.55 15.92 16.63
CA ASP C 122 26.23 16.98 15.68
C ASP C 122 26.81 16.73 14.32
N ARG C 123 28.13 16.50 14.27
CA ARG C 123 28.87 16.05 13.10
C ARG C 123 30.13 15.33 13.60
N LEU C 124 31.01 14.87 12.68
CA LEU C 124 32.34 14.38 13.05
C LEU C 124 33.42 15.26 12.42
N SER C 125 34.58 15.35 13.08
CA SER C 125 35.78 15.99 12.51
C SER C 125 36.27 15.18 11.30
N GLU C 126 37.03 15.82 10.38
CA GLU C 126 37.65 15.16 9.23
C GLU C 126 38.40 13.87 9.65
N GLU C 127 39.17 13.96 10.74
CA GLU C 127 40.01 12.91 11.33
C GLU C 127 39.21 11.73 11.90
N GLU C 128 38.07 12.02 12.55
CA GLU C 128 37.10 11.03 13.04
C GLU C 128 36.42 10.27 11.88
N THR C 129 36.04 10.99 10.83
CA THR C 129 35.40 10.41 9.64
C THR C 129 36.38 9.57 8.82
N ARG C 130 37.67 9.93 8.77
CA ARG C 130 38.73 9.12 8.13
C ARG C 130 38.88 7.74 8.76
N VAL C 131 38.91 7.67 10.12
CA VAL C 131 38.95 6.45 10.94
C VAL C 131 37.87 5.48 10.49
N VAL C 132 36.60 5.96 10.49
CA VAL C 132 35.41 5.22 10.16
C VAL C 132 35.35 4.93 8.64
N PHE C 133 35.67 5.92 7.80
CA PHE C 133 35.55 5.88 6.32
C PHE C 133 36.52 4.95 5.65
N ARG C 134 37.75 4.83 6.20
CA ARG C 134 38.76 3.86 5.77
C ARG C 134 38.31 2.42 5.98
N GLN C 135 37.51 2.12 7.05
CA GLN C 135 36.87 0.82 7.23
C GLN C 135 35.78 0.53 6.18
N ILE C 136 34.89 1.55 5.89
CA ILE C 136 33.91 1.46 4.81
C ILE C 136 34.59 1.19 3.45
N VAL C 137 35.67 1.93 3.11
CA VAL C 137 36.41 1.74 1.86
C VAL C 137 36.99 0.31 1.75
N SER C 138 37.67 -0.17 2.82
CA SER C 138 38.19 -1.53 2.97
C SER C 138 37.18 -2.61 2.61
N ALA C 139 35.98 -2.56 3.24
CA ALA C 139 34.90 -3.52 3.03
C ALA C 139 34.36 -3.51 1.60
N VAL C 140 34.09 -2.32 1.02
CA VAL C 140 33.50 -2.11 -0.32
C VAL C 140 34.50 -2.48 -1.41
N ALA C 141 35.78 -2.07 -1.28
CA ALA C 141 36.83 -2.52 -2.20
C ALA C 141 36.96 -4.06 -2.22
N TYR C 142 36.90 -4.73 -1.02
CA TYR C 142 36.82 -6.18 -0.97
C TYR C 142 35.58 -6.75 -1.69
N VAL C 143 34.35 -6.24 -1.39
CA VAL C 143 33.11 -6.63 -2.11
C VAL C 143 33.30 -6.56 -3.67
N HIS C 144 33.85 -5.46 -4.16
CA HIS C 144 34.06 -5.18 -5.59
C HIS C 144 35.12 -6.03 -6.24
N SER C 145 36.17 -6.41 -5.48
CA SER C 145 37.22 -7.34 -5.93
C SER C 145 36.69 -8.75 -6.14
N GLN C 146 35.59 -9.08 -5.46
CA GLN C 146 34.93 -10.39 -5.57
C GLN C 146 33.86 -10.44 -6.69
N GLY C 147 33.70 -9.33 -7.41
CA GLY C 147 32.75 -9.19 -8.52
C GLY C 147 31.34 -8.86 -8.09
N TYR C 148 31.19 -8.29 -6.89
CA TYR C 148 29.89 -7.87 -6.35
C TYR C 148 29.79 -6.36 -6.26
N ALA C 149 28.56 -5.87 -6.19
CA ALA C 149 28.22 -4.51 -5.79
C ALA C 149 27.17 -4.67 -4.71
N HIS C 150 27.27 -3.90 -3.62
CA HIS C 150 26.36 -3.91 -2.48
C HIS C 150 25.00 -3.29 -2.83
N ARG C 151 24.99 -2.13 -3.50
CA ARG C 151 23.79 -1.40 -3.98
C ARG C 151 22.90 -0.76 -2.87
N ASP C 152 23.13 -1.05 -1.57
CA ASP C 152 22.37 -0.44 -0.48
C ASP C 152 23.30 0.09 0.62
N LEU C 153 24.31 0.89 0.21
CA LEU C 153 25.23 1.46 1.20
C LEU C 153 24.59 2.64 1.88
N LYS C 154 24.52 2.58 3.21
CA LYS C 154 23.83 3.54 4.08
C LYS C 154 24.28 3.30 5.51
N PRO C 155 24.11 4.25 6.46
CA PRO C 155 24.71 4.05 7.81
C PRO C 155 23.95 3.04 8.68
N GLU C 156 22.73 2.64 8.28
CA GLU C 156 21.95 1.56 8.90
C GLU C 156 22.56 0.19 8.57
N ASN C 157 23.40 0.12 7.50
CA ASN C 157 23.98 -1.14 7.00
C ASN C 157 25.41 -1.34 7.42
N LEU C 158 25.82 -0.51 8.36
CA LEU C 158 27.12 -0.61 9.01
C LEU C 158 26.90 -0.68 10.50
N LEU C 159 27.46 -1.71 11.13
CA LEU C 159 27.30 -2.00 12.57
C LEU C 159 28.64 -2.06 13.21
N PHE C 160 28.77 -1.60 14.46
CA PHE C 160 30.04 -1.70 15.21
C PHE C 160 30.09 -3.01 15.94
N ASP C 161 31.23 -3.73 15.83
CA ASP C 161 31.40 -4.99 16.53
C ASP C 161 31.64 -4.75 18.07
N GLU C 162 32.26 -5.70 18.80
CA GLU C 162 32.58 -5.48 20.22
C GLU C 162 33.82 -4.58 20.39
N TYR C 163 34.63 -4.49 19.30
CA TYR C 163 35.87 -3.75 19.28
C TYR C 163 35.70 -2.36 18.60
N HIS C 164 34.43 -1.86 18.45
CA HIS C 164 34.07 -0.60 17.78
C HIS C 164 34.74 -0.44 16.39
N LYS C 165 34.62 -1.50 15.58
CA LYS C 165 35.04 -1.63 14.19
C LYS C 165 33.81 -1.99 13.37
N LEU C 166 33.67 -1.36 12.19
CA LEU C 166 32.51 -1.48 11.30
C LEU C 166 32.42 -2.84 10.60
N LYS C 167 31.18 -3.34 10.48
CA LYS C 167 30.83 -4.59 9.82
C LYS C 167 29.70 -4.25 8.92
N LEU C 168 29.91 -4.44 7.63
CA LEU C 168 28.92 -4.28 6.59
C LEU C 168 27.93 -5.46 6.56
N ILE C 169 26.60 -5.14 6.53
CA ILE C 169 25.46 -6.06 6.54
C ILE C 169 24.51 -5.81 5.31
N ASP C 170 23.43 -6.59 5.21
CA ASP C 170 22.34 -6.51 4.22
C ASP C 170 22.84 -6.59 2.76
N PHE C 171 23.00 -7.83 2.27
CA PHE C 171 23.44 -8.13 0.91
C PHE C 171 22.29 -8.59 0.00
N GLY C 172 21.06 -8.38 0.46
CA GLY C 172 19.83 -8.76 -0.23
C GLY C 172 19.62 -8.14 -1.60
N LEU C 173 20.04 -6.85 -1.80
CA LEU C 173 19.91 -6.11 -3.08
C LEU C 173 21.19 -6.07 -3.85
N CYS C 174 22.17 -6.93 -3.49
CA CYS C 174 23.47 -6.94 -4.15
C CYS C 174 23.41 -7.56 -5.54
N ALA C 175 24.44 -7.31 -6.35
CA ALA C 175 24.52 -7.91 -7.69
C ALA C 175 25.91 -8.47 -7.92
N LYS C 176 25.99 -9.69 -8.51
CA LYS C 176 27.25 -10.36 -8.89
C LYS C 176 27.62 -10.19 -10.37
N GLY C 190 17.30 0.66 -2.85
CA GLY C 190 17.88 1.18 -1.61
C GLY C 190 17.23 2.45 -1.09
N ALA C 191 17.90 3.13 -0.13
CA ALA C 191 17.50 4.44 0.41
C ALA C 191 17.65 5.47 -0.70
N LEU C 192 16.61 6.32 -0.93
CA LEU C 192 16.57 7.31 -2.02
C LEU C 192 17.71 8.33 -1.91
N ALA C 193 17.97 8.84 -0.69
CA ALA C 193 19.02 9.81 -0.39
C ALA C 193 20.42 9.32 -0.72
N TYR C 194 20.66 7.98 -0.67
CA TYR C 194 21.95 7.31 -0.94
C TYR C 194 22.09 6.74 -2.35
N ALA C 195 20.98 6.72 -3.12
CA ALA C 195 20.89 6.17 -4.46
C ALA C 195 21.56 7.07 -5.52
N ALA C 196 22.41 6.44 -6.36
CA ALA C 196 23.12 7.11 -7.47
C ALA C 196 22.13 7.57 -8.55
N PRO C 197 22.43 8.66 -9.30
CA PRO C 197 21.52 9.10 -10.39
C PRO C 197 21.08 7.98 -11.35
N GLU C 198 22.07 7.22 -11.88
CA GLU C 198 21.85 6.15 -12.85
C GLU C 198 21.02 4.99 -12.29
N LEU C 199 21.01 4.85 -10.96
CA LEU C 199 20.26 3.83 -10.21
C LEU C 199 18.77 4.22 -10.13
N ILE C 200 18.47 5.54 -10.03
CA ILE C 200 17.10 6.07 -9.97
C ILE C 200 16.46 5.99 -11.38
N GLN C 201 17.26 6.18 -12.44
CA GLN C 201 16.77 6.03 -13.82
C GLN C 201 16.59 4.55 -14.22
N GLY C 202 17.47 3.69 -13.70
CA GLY C 202 17.61 2.33 -14.18
C GLY C 202 18.54 2.23 -15.40
N LYS C 203 19.62 3.03 -15.41
CA LYS C 203 20.62 3.13 -16.48
C LYS C 203 21.94 2.41 -16.12
N GLY C 207 27.78 -1.00 -12.30
CA GLY C 207 27.02 -1.18 -11.06
C GLY C 207 27.80 -0.88 -9.79
N SER C 208 29.13 -1.10 -9.85
CA SER C 208 30.03 -0.81 -8.74
C SER C 208 30.23 0.68 -8.56
N GLU C 209 29.96 1.48 -9.60
CA GLU C 209 30.10 2.95 -9.61
C GLU C 209 29.05 3.59 -8.74
N ALA C 210 27.86 2.98 -8.69
CA ALA C 210 26.76 3.40 -7.80
C ALA C 210 27.16 3.31 -6.33
N ASP C 211 28.09 2.37 -5.99
CA ASP C 211 28.57 2.10 -4.64
C ASP C 211 29.53 3.18 -4.11
N VAL C 212 30.29 3.76 -5.03
CA VAL C 212 31.17 4.92 -4.85
C VAL C 212 30.32 6.17 -4.56
N TRP C 213 29.28 6.45 -5.38
CA TRP C 213 28.32 7.53 -5.09
C TRP C 213 27.80 7.42 -3.64
N SER C 214 27.33 6.24 -3.22
CA SER C 214 26.77 5.99 -1.88
C SER C 214 27.75 6.26 -0.70
N MET C 215 29.05 5.90 -0.88
CA MET C 215 30.17 6.22 0.01
C MET C 215 30.44 7.71 0.07
N GLY C 216 30.21 8.40 -1.05
CA GLY C 216 30.30 9.86 -1.17
C GLY C 216 29.22 10.60 -0.39
N ILE C 217 28.01 10.03 -0.37
CA ILE C 217 26.88 10.56 0.43
C ILE C 217 27.21 10.27 1.90
N LEU C 218 27.70 9.05 2.20
CA LEU C 218 28.16 8.64 3.51
C LEU C 218 29.26 9.57 4.08
N LEU C 219 30.32 9.83 3.27
CA LEU C 219 31.37 10.78 3.54
C LEU C 219 30.84 12.18 3.93
N TYR C 220 29.87 12.71 3.16
CA TYR C 220 29.24 13.99 3.46
C TYR C 220 28.50 13.99 4.83
N VAL C 221 27.55 13.06 5.04
CA VAL C 221 26.69 12.98 6.23
C VAL C 221 27.49 12.89 7.52
N LEU C 222 28.64 12.22 7.43
CA LEU C 222 29.53 11.95 8.54
C LEU C 222 30.23 13.25 9.00
N MET C 223 30.79 14.03 8.05
CA MET C 223 31.50 15.30 8.25
C MET C 223 30.56 16.54 8.37
N CYS C 224 29.28 16.45 7.89
CA CYS C 224 28.32 17.59 7.87
C CYS C 224 27.20 17.43 8.87
N GLY C 225 26.74 16.20 9.08
CA GLY C 225 25.62 15.94 10.00
C GLY C 225 24.25 15.99 9.36
N PHE C 226 24.22 16.28 8.05
CA PHE C 226 23.05 16.36 7.19
C PHE C 226 23.43 15.79 5.81
N LEU C 227 22.43 15.44 4.99
CA LEU C 227 22.59 14.90 3.62
C LEU C 227 23.00 15.92 2.50
N PRO C 228 23.78 15.55 1.42
CA PRO C 228 24.02 16.55 0.33
C PRO C 228 22.71 16.92 -0.40
N PHE C 229 21.84 15.92 -0.61
CA PHE C 229 20.54 16.03 -1.27
C PHE C 229 19.45 15.57 -0.28
N ASP C 230 18.53 16.48 0.03
CA ASP C 230 17.46 16.25 0.99
C ASP C 230 16.29 17.17 0.70
N ASP C 231 15.07 16.62 0.65
CA ASP C 231 13.88 17.45 0.50
C ASP C 231 12.67 16.91 1.31
N ASP C 232 11.55 17.71 1.30
CA ASP C 232 10.29 17.42 1.96
C ASP C 232 9.42 16.44 1.16
N THR C 233 9.69 16.29 -0.18
CA THR C 233 9.04 15.27 -1.02
C THR C 233 10.08 14.35 -1.65
N ALA C 234 9.68 13.15 -2.07
CA ALA C 234 10.57 12.20 -2.77
C ALA C 234 10.94 12.70 -4.18
N ALA C 235 9.99 13.32 -4.89
CA ALA C 235 10.17 13.87 -6.25
C ALA C 235 11.21 15.03 -6.29
N ALA C 236 11.17 15.91 -5.28
CA ALA C 236 12.20 16.96 -5.11
C ALA C 236 13.54 16.42 -4.64
N LEU C 237 13.58 15.34 -3.86
CA LEU C 237 14.82 14.62 -3.55
C LEU C 237 15.47 14.04 -4.86
N VAL C 238 14.70 13.24 -5.64
CA VAL C 238 15.08 12.69 -6.96
C VAL C 238 15.71 13.76 -7.88
N ALA C 239 14.99 14.88 -8.10
CA ALA C 239 15.38 15.98 -8.99
C ALA C 239 16.66 16.65 -8.52
N LYS C 240 16.84 16.87 -7.17
CA LYS C 240 18.07 17.31 -6.55
C LYS C 240 19.28 16.41 -6.86
N ILE C 241 19.10 15.07 -6.78
CA ILE C 241 20.12 14.05 -7.06
C ILE C 241 20.51 14.06 -8.54
N MET C 242 19.51 14.21 -9.44
CA MET C 242 19.73 14.28 -10.90
C MET C 242 20.52 15.55 -11.30
N ARG C 243 20.24 16.72 -10.66
CA ARG C 243 21.06 17.95 -10.79
C ARG C 243 22.51 17.67 -10.34
N GLY C 244 22.70 17.33 -9.07
CA GLY C 244 24.00 17.03 -8.48
C GLY C 244 24.69 18.17 -7.74
N LYS C 245 23.92 19.24 -7.47
CA LYS C 245 24.41 20.43 -6.77
C LYS C 245 24.08 20.32 -5.29
N TYR C 246 25.07 20.58 -4.46
CA TYR C 246 24.96 20.49 -3.01
C TYR C 246 25.75 21.61 -2.34
N ASP C 247 25.35 21.93 -1.11
CA ASP C 247 26.04 22.93 -0.31
C ASP C 247 27.36 22.39 0.16
N VAL C 248 28.36 23.26 0.11
CA VAL C 248 29.68 22.98 0.65
C VAL C 248 29.80 23.84 1.94
N PRO C 249 29.57 23.25 3.13
CA PRO C 249 29.78 24.00 4.38
C PRO C 249 31.20 24.50 4.60
N LYS C 250 31.34 25.61 5.38
CA LYS C 250 32.59 26.37 5.63
C LYS C 250 33.67 25.50 6.26
N TRP C 251 33.28 24.62 7.20
CA TRP C 251 34.16 23.77 7.99
C TRP C 251 34.88 22.66 7.18
N LEU C 252 34.36 22.32 5.98
CA LEU C 252 34.95 21.39 5.06
C LEU C 252 36.29 21.92 4.53
N SER C 253 37.37 21.13 4.71
CA SER C 253 38.69 21.43 4.15
C SER C 253 38.67 21.31 2.61
N PRO C 254 39.54 22.04 1.86
CA PRO C 254 39.65 21.79 0.41
C PRO C 254 39.85 20.32 -0.02
N SER C 255 40.64 19.54 0.74
CA SER C 255 40.84 18.09 0.53
C SER C 255 39.52 17.32 0.56
N SER C 256 38.69 17.55 1.60
CA SER C 256 37.33 17.02 1.73
C SER C 256 36.46 17.34 0.52
N ILE C 257 36.48 18.61 0.08
CA ILE C 257 35.71 19.16 -1.05
C ILE C 257 36.08 18.44 -2.35
N LEU C 258 37.40 18.30 -2.62
CA LEU C 258 37.91 17.59 -3.78
C LEU C 258 37.43 16.14 -3.82
N LEU C 259 37.63 15.36 -2.72
CA LEU C 259 37.15 13.98 -2.62
C LEU C 259 35.66 13.88 -2.86
N LEU C 260 34.85 14.81 -2.28
CA LEU C 260 33.39 14.85 -2.46
C LEU C 260 32.96 15.06 -3.91
N GLN C 261 33.66 15.94 -4.64
CA GLN C 261 33.39 16.20 -6.06
C GLN C 261 33.71 14.99 -6.95
N GLN C 262 34.75 14.23 -6.59
CA GLN C 262 35.19 13.02 -7.30
C GLN C 262 34.24 11.85 -7.09
N MET C 263 33.66 11.75 -5.88
CA MET C 263 32.73 10.68 -5.54
C MET C 263 31.30 11.02 -5.92
N LEU C 264 30.93 12.30 -5.79
CA LEU C 264 29.59 12.77 -6.07
C LEU C 264 29.48 13.38 -7.47
N GLN C 265 30.11 12.71 -8.46
CA GLN C 265 29.92 12.94 -9.89
C GLN C 265 28.64 12.25 -10.36
N VAL C 266 27.71 13.01 -10.97
CA VAL C 266 26.41 12.49 -11.46
C VAL C 266 26.62 11.45 -12.62
N ASP C 267 27.61 11.71 -13.51
CA ASP C 267 28.01 10.78 -14.58
C ASP C 267 28.85 9.63 -13.98
N PRO C 268 28.33 8.36 -13.93
CA PRO C 268 29.09 7.28 -13.25
C PRO C 268 30.45 6.93 -13.85
N LYS C 269 30.69 7.39 -15.10
CA LYS C 269 31.95 7.23 -15.85
C LYS C 269 32.99 8.26 -15.36
N LYS C 270 32.51 9.39 -14.81
CA LYS C 270 33.34 10.48 -14.30
C LYS C 270 33.71 10.32 -12.82
N ARG C 271 33.08 9.35 -12.13
CA ARG C 271 33.30 9.09 -10.71
C ARG C 271 34.64 8.43 -10.45
N ILE C 272 35.30 8.84 -9.33
CA ILE C 272 36.54 8.23 -8.85
C ILE C 272 36.44 6.69 -8.89
N SER C 273 37.55 6.04 -9.32
CA SER C 273 37.63 4.59 -9.36
C SER C 273 37.94 4.08 -7.95
N MET C 274 37.61 2.81 -7.67
CA MET C 274 38.06 2.18 -6.42
C MET C 274 39.58 2.25 -6.28
N LYS C 275 40.33 1.97 -7.39
CA LYS C 275 41.80 2.04 -7.46
C LYS C 275 42.35 3.36 -6.90
N ASN C 276 41.80 4.50 -7.37
CA ASN C 276 42.28 5.84 -6.99
C ASN C 276 41.70 6.32 -5.66
N LEU C 277 40.53 5.78 -5.24
CA LEU C 277 39.99 6.00 -3.89
C LEU C 277 40.90 5.38 -2.81
N LEU C 278 41.42 4.14 -3.04
CA LEU C 278 42.23 3.40 -2.05
C LEU C 278 43.47 4.19 -1.55
N ASN C 279 44.17 4.87 -2.47
CA ASN C 279 45.35 5.71 -2.14
C ASN C 279 45.10 7.20 -2.40
N HIS C 280 43.83 7.64 -2.39
CA HIS C 280 43.51 9.06 -2.52
C HIS C 280 44.26 9.88 -1.44
N PRO C 281 44.85 11.05 -1.79
CA PRO C 281 45.48 11.94 -0.77
C PRO C 281 44.67 12.21 0.51
N TRP C 282 43.31 12.41 0.42
CA TRP C 282 42.40 12.56 1.58
C TRP C 282 42.43 11.30 2.46
N ILE C 283 42.34 10.11 1.84
CA ILE C 283 42.30 8.78 2.43
C ILE C 283 43.58 8.46 3.23
N MET C 284 44.71 9.02 2.75
CA MET C 284 46.02 8.74 3.31
C MET C 284 46.57 9.86 4.17
N GLN C 285 45.76 10.92 4.39
CA GLN C 285 46.15 12.21 4.97
C GLN C 285 46.44 12.17 6.48
N ASP C 286 46.42 10.97 7.08
CA ASP C 286 46.90 10.77 8.46
C ASP C 286 47.65 9.45 8.55
N TYR C 287 47.11 8.41 7.86
CA TYR C 287 47.66 7.05 7.67
C TYR C 287 48.40 7.12 6.33
N ASN C 288 49.70 7.40 6.36
CA ASN C 288 50.48 7.56 5.13
C ASN C 288 50.77 6.20 4.45
N TYR C 289 49.74 5.32 4.46
CA TYR C 289 49.62 4.04 3.77
C TYR C 289 48.20 3.84 3.23
N PRO C 290 48.01 3.21 2.04
CA PRO C 290 46.65 3.10 1.48
C PRO C 290 45.76 2.13 2.25
N VAL C 291 44.44 2.21 2.02
CA VAL C 291 43.46 1.32 2.67
C VAL C 291 43.82 -0.13 2.37
N GLU C 292 43.96 -0.94 3.43
CA GLU C 292 44.19 -2.37 3.31
C GLU C 292 42.83 -3.04 3.21
N TRP C 293 42.44 -3.40 1.98
CA TRP C 293 41.13 -3.92 1.62
C TRP C 293 41.11 -5.44 1.59
N GLN C 294 42.27 -6.06 1.30
CA GLN C 294 42.37 -7.51 1.18
C GLN C 294 42.10 -8.19 2.51
N SER C 295 41.31 -9.26 2.43
CA SER C 295 40.84 -10.04 3.58
C SER C 295 41.96 -10.63 4.44
N LYS C 296 41.81 -10.51 5.77
CA LYS C 296 42.65 -11.16 6.77
C LYS C 296 41.94 -12.42 7.29
N ASN C 297 40.82 -12.80 6.63
CA ASN C 297 39.91 -13.88 7.04
C ASN C 297 39.86 -14.96 5.94
N PRO C 298 40.69 -16.04 6.03
CA PRO C 298 40.86 -16.90 4.86
C PRO C 298 39.80 -17.98 4.67
N PHE C 299 39.65 -18.44 3.41
CA PHE C 299 38.93 -19.66 3.06
C PHE C 299 39.92 -20.83 3.04
N ILE C 300 41.23 -20.56 2.80
CA ILE C 300 42.28 -21.55 2.51
C ILE C 300 43.10 -21.91 3.75
N HIS C 301 43.84 -20.95 4.37
CA HIS C 301 44.59 -21.27 5.60
C HIS C 301 43.64 -21.61 6.75
N LEU C 302 43.91 -22.73 7.43
CA LEU C 302 43.15 -23.28 8.55
C LEU C 302 43.99 -23.18 9.82
N ASP C 303 43.43 -22.61 10.88
CA ASP C 303 44.11 -22.51 12.17
C ASP C 303 44.24 -23.89 12.81
N ASP C 304 45.51 -24.33 13.03
CA ASP C 304 45.90 -25.64 13.57
C ASP C 304 45.30 -25.93 14.94
N ASP C 305 45.33 -24.92 15.87
CA ASP C 305 44.74 -24.97 17.22
C ASP C 305 43.23 -25.29 17.19
N CYS C 306 42.49 -24.70 16.22
CA CYS C 306 41.06 -24.93 16.00
C CYS C 306 40.79 -26.29 15.41
N VAL C 307 41.59 -26.69 14.41
CA VAL C 307 41.58 -28.01 13.78
C VAL C 307 41.84 -29.13 14.78
N THR C 308 42.78 -28.92 15.72
CA THR C 308 43.15 -29.94 16.72
C THR C 308 42.09 -30.03 17.81
N GLU C 309 41.53 -28.88 18.27
CA GLU C 309 40.37 -28.84 19.20
C GLU C 309 39.06 -29.39 18.58
N LEU C 310 38.91 -29.31 17.25
CA LEU C 310 37.73 -29.87 16.60
C LEU C 310 37.89 -31.35 16.38
N SER C 311 39.16 -31.80 16.07
CA SER C 311 39.56 -33.20 15.86
C SER C 311 39.25 -34.09 17.03
N VAL C 312 39.43 -33.63 18.29
CA VAL C 312 38.95 -34.35 19.48
C VAL C 312 37.44 -34.59 19.42
N HIS C 313 36.62 -33.52 19.22
CA HIS C 313 35.17 -33.51 19.36
C HIS C 313 34.45 -34.57 18.53
N HIS C 314 34.87 -34.83 17.28
CA HIS C 314 34.29 -35.92 16.48
C HIS C 314 35.26 -37.13 16.31
N ARG C 315 36.39 -37.12 17.07
CA ARG C 315 37.36 -38.19 17.27
C ARG C 315 37.97 -38.66 15.92
N ASN C 316 38.80 -37.77 15.33
CA ASN C 316 39.30 -37.84 13.94
C ASN C 316 40.84 -37.72 13.88
N ASN C 317 41.38 -37.78 12.64
CA ASN C 317 42.73 -37.34 12.31
C ASN C 317 42.68 -35.97 11.58
N ARG C 318 43.78 -35.19 11.67
CA ARG C 318 43.92 -33.84 11.12
C ARG C 318 43.46 -33.69 9.66
N GLN C 319 44.03 -34.48 8.71
CA GLN C 319 43.65 -34.55 7.29
C GLN C 319 42.14 -34.70 7.04
N THR C 320 41.45 -35.54 7.83
CA THR C 320 40.02 -35.88 7.72
C THR C 320 39.14 -34.69 8.15
N MET C 321 39.54 -34.03 9.25
CA MET C 321 38.96 -32.84 9.85
C MET C 321 39.18 -31.62 8.97
N GLU C 322 40.41 -31.43 8.47
CA GLU C 322 40.76 -30.31 7.59
C GLU C 322 40.02 -30.35 6.24
N ASP C 323 39.83 -31.57 5.67
CA ASP C 323 39.04 -31.79 4.45
C ASP C 323 37.57 -31.46 4.67
N LEU C 324 37.03 -31.80 5.87
CA LEU C 324 35.68 -31.52 6.36
C LEU C 324 35.47 -30.00 6.53
N ILE C 325 36.42 -29.31 7.23
CA ILE C 325 36.40 -27.86 7.43
C ILE C 325 36.41 -27.12 6.09
N SER C 326 37.25 -27.57 5.14
CA SER C 326 37.49 -26.94 3.82
C SER C 326 36.31 -27.04 2.84
N LEU C 327 35.35 -27.95 3.12
CA LEU C 327 34.07 -28.02 2.41
C LEU C 327 33.17 -26.74 2.55
N TRP C 328 33.34 -25.94 3.64
CA TRP C 328 32.58 -24.71 3.98
C TRP C 328 31.10 -24.78 3.63
N GLN C 329 30.37 -25.69 4.28
CA GLN C 329 28.96 -25.94 3.95
C GLN C 329 27.97 -24.99 4.63
N TYR C 330 28.45 -24.18 5.60
CA TYR C 330 27.68 -23.24 6.45
C TYR C 330 26.66 -24.04 7.28
N ASP C 331 27.21 -25.09 7.87
CA ASP C 331 26.59 -26.02 8.80
C ASP C 331 27.19 -25.78 10.17
N HIS C 332 26.88 -26.65 11.15
CA HIS C 332 27.36 -26.50 12.53
C HIS C 332 28.89 -26.52 12.63
N LEU C 333 29.57 -27.27 11.73
CA LEU C 333 31.02 -27.30 11.65
C LEU C 333 31.64 -25.95 11.29
N THR C 334 31.14 -25.29 10.21
CA THR C 334 31.56 -23.94 9.79
C THR C 334 31.44 -22.97 10.97
N ALA C 335 30.23 -22.92 11.61
CA ALA C 335 29.89 -22.13 12.78
C ALA C 335 30.92 -22.29 13.91
N THR C 336 31.14 -23.55 14.35
CA THR C 336 32.06 -23.94 15.42
C THR C 336 33.52 -23.64 15.09
N TYR C 337 34.00 -23.98 13.88
CA TYR C 337 35.33 -23.58 13.43
C TYR C 337 35.58 -22.07 13.51
N LEU C 338 34.68 -21.27 12.90
CA LEU C 338 34.80 -19.83 12.80
C LEU C 338 34.61 -19.15 14.15
N LEU C 339 33.73 -19.71 15.01
CA LEU C 339 33.56 -19.17 16.35
C LEU C 339 34.70 -19.55 17.29
N LEU C 340 35.29 -20.76 17.14
CA LEU C 340 36.54 -21.10 17.84
C LEU C 340 37.68 -20.17 17.46
N LEU C 341 37.82 -19.88 16.14
CA LEU C 341 38.76 -18.91 15.59
C LEU C 341 38.58 -17.51 16.20
N ALA C 342 37.30 -17.04 16.39
CA ALA C 342 36.92 -15.82 17.09
C ALA C 342 37.18 -15.84 18.62
N LYS C 343 36.98 -17.00 19.28
CA LYS C 343 37.29 -17.29 20.69
C LYS C 343 38.81 -17.24 20.95
N LYS C 344 39.62 -17.75 20.00
CA LYS C 344 41.09 -17.66 20.02
C LYS C 344 41.58 -16.21 19.83
N ALA C 345 40.96 -15.47 18.89
CA ALA C 345 41.28 -14.08 18.56
C ALA C 345 40.96 -13.07 19.67
N ARG C 346 40.14 -13.43 20.66
CA ARG C 346 40.00 -12.54 21.81
C ARG C 346 41.06 -12.80 22.86
N GLY C 347 41.60 -14.03 22.87
CA GLY C 347 42.62 -14.46 23.83
C GLY C 347 42.22 -15.67 24.66
N LYS C 348 40.91 -15.90 24.82
CA LYS C 348 40.29 -17.02 25.54
C LYS C 348 40.77 -18.38 24.99
N PRO C 349 40.70 -19.50 25.77
CA PRO C 349 41.26 -20.77 25.25
C PRO C 349 40.48 -21.34 24.07
N VAL C 350 41.21 -22.07 23.20
CA VAL C 350 40.64 -22.76 22.03
C VAL C 350 40.01 -24.04 22.56
N ARG C 351 38.82 -23.92 23.17
CA ARG C 351 38.16 -25.06 23.80
C ARG C 351 36.66 -25.08 23.52
N LEU C 352 36.19 -26.29 23.17
CA LEU C 352 34.79 -26.65 23.03
C LEU C 352 34.28 -27.19 24.36
N ARG C 353 33.10 -26.73 24.79
CA ARG C 353 32.42 -27.13 26.01
C ARG C 353 31.58 -28.37 25.72
N LYS D 22 -21.99 -15.53 -18.60
CA LYS D 22 -21.83 -14.41 -17.68
C LYS D 22 -21.61 -13.07 -18.40
N ASP D 23 -20.60 -13.02 -19.35
CA ASP D 23 -19.76 -11.88 -19.80
C ASP D 23 -18.36 -11.89 -19.15
N TYR D 24 -18.23 -12.61 -18.02
CA TYR D 24 -17.03 -12.66 -17.19
C TYR D 24 -16.42 -14.08 -17.08
N ASP D 25 -16.94 -15.07 -17.83
CA ASP D 25 -16.52 -16.48 -17.75
C ASP D 25 -15.10 -16.73 -18.24
N GLU D 26 -14.77 -16.22 -19.45
CA GLU D 26 -13.44 -16.34 -20.04
C GLU D 26 -12.41 -15.48 -19.29
N LEU D 27 -12.77 -14.22 -18.91
CA LEU D 27 -11.94 -13.35 -18.08
C LEU D 27 -11.51 -14.05 -16.77
N LEU D 28 -12.47 -14.65 -16.07
CA LEU D 28 -12.21 -15.17 -14.73
C LEU D 28 -11.47 -16.51 -14.73
N LYS D 29 -11.26 -17.13 -15.92
CA LYS D 29 -10.32 -18.25 -16.11
C LYS D 29 -8.87 -17.76 -15.88
N TYR D 30 -8.59 -16.47 -16.21
CA TYR D 30 -7.23 -15.94 -16.31
C TYR D 30 -6.90 -14.92 -15.24
N TYR D 31 -7.91 -14.16 -14.77
CA TYR D 31 -7.74 -13.01 -13.87
C TYR D 31 -8.63 -13.11 -12.63
N GLU D 32 -8.06 -12.76 -11.45
CA GLU D 32 -8.81 -12.55 -10.23
C GLU D 32 -9.15 -11.05 -10.18
N LEU D 33 -10.42 -10.72 -10.39
CA LEU D 33 -10.90 -9.34 -10.44
C LEU D 33 -10.91 -8.71 -9.03
N HIS D 34 -10.39 -7.51 -8.92
CA HIS D 34 -10.41 -6.71 -7.68
C HIS D 34 -11.33 -5.47 -7.90
N GLU D 35 -11.08 -4.39 -7.15
CA GLU D 35 -12.00 -3.25 -7.15
C GLU D 35 -11.77 -2.27 -8.32
N THR D 36 -12.82 -1.46 -8.61
CA THR D 36 -12.80 -0.31 -9.50
C THR D 36 -11.77 0.73 -9.01
N ILE D 37 -10.83 1.11 -9.88
CA ILE D 37 -9.79 2.07 -9.50
C ILE D 37 -9.90 3.34 -10.34
N GLY D 38 -10.69 3.33 -11.39
CA GLY D 38 -10.70 4.48 -12.29
C GLY D 38 -11.50 4.40 -13.57
N THR D 39 -11.02 5.14 -14.57
CA THR D 39 -11.71 5.47 -15.83
C THR D 39 -10.65 5.54 -16.91
N GLY D 40 -11.00 4.99 -18.07
CA GLY D 40 -10.21 5.10 -19.29
C GLY D 40 -11.13 5.45 -20.45
N GLY D 41 -11.04 6.70 -20.89
CA GLY D 41 -11.90 7.31 -21.90
C GLY D 41 -13.27 7.62 -21.34
N PHE D 42 -14.11 6.59 -21.32
CA PHE D 42 -15.49 6.63 -20.82
C PHE D 42 -15.83 5.19 -20.44
N ALA D 43 -14.92 4.55 -19.70
CA ALA D 43 -15.00 3.13 -19.36
C ALA D 43 -14.30 2.82 -18.07
N LYS D 44 -14.82 1.81 -17.40
CA LYS D 44 -14.40 1.45 -16.06
C LYS D 44 -13.04 0.75 -16.10
N VAL D 45 -12.16 1.10 -15.17
CA VAL D 45 -10.91 0.39 -14.97
C VAL D 45 -10.92 -0.29 -13.61
N LYS D 46 -10.63 -1.59 -13.61
CA LYS D 46 -10.58 -2.41 -12.41
C LYS D 46 -9.19 -2.94 -12.16
N LEU D 47 -8.76 -2.98 -10.89
CA LEU D 47 -7.59 -3.74 -10.50
C LEU D 47 -7.86 -5.26 -10.71
N ALA D 48 -6.85 -6.02 -11.16
CA ALA D 48 -6.97 -7.48 -11.22
C ALA D 48 -5.63 -8.12 -11.01
N CYS D 49 -5.64 -9.44 -10.73
CA CYS D 49 -4.44 -10.27 -10.61
C CYS D 49 -4.43 -11.32 -11.75
N HIS D 50 -3.31 -11.43 -12.48
CA HIS D 50 -3.12 -12.48 -13.48
C HIS D 50 -2.80 -13.75 -12.73
N ILE D 51 -3.75 -14.71 -12.75
CA ILE D 51 -3.72 -15.98 -12.01
C ILE D 51 -2.36 -16.73 -12.16
N LEU D 52 -1.89 -16.97 -13.43
CA LEU D 52 -0.67 -17.75 -13.73
C LEU D 52 0.60 -17.14 -13.17
N THR D 53 0.81 -15.81 -13.38
CA THR D 53 2.03 -15.11 -13.01
C THR D 53 1.93 -14.45 -11.62
N GLY D 54 0.72 -14.39 -11.08
CA GLY D 54 0.39 -13.63 -9.87
C GLY D 54 0.48 -12.12 -9.96
N GLU D 55 0.86 -11.57 -11.15
CA GLU D 55 1.13 -10.15 -11.38
C GLU D 55 -0.15 -9.31 -11.45
N MET D 56 -0.09 -8.09 -10.86
CA MET D 56 -1.19 -7.10 -10.84
C MET D 56 -1.29 -6.37 -12.15
N VAL D 57 -2.52 -6.06 -12.53
CA VAL D 57 -2.96 -5.73 -13.87
C VAL D 57 -4.14 -4.69 -13.79
N ALA D 58 -4.25 -3.77 -14.76
CA ALA D 58 -5.41 -2.88 -14.89
C ALA D 58 -6.32 -3.44 -15.99
N ILE D 59 -7.61 -3.57 -15.73
CA ILE D 59 -8.52 -4.07 -16.78
C ILE D 59 -9.54 -2.99 -17.06
N LYS D 60 -9.53 -2.52 -18.32
CA LYS D 60 -10.45 -1.56 -18.89
C LYS D 60 -11.65 -2.36 -19.44
N ILE D 61 -12.86 -2.05 -18.99
CA ILE D 61 -14.10 -2.75 -19.36
C ILE D 61 -15.00 -1.82 -20.24
N MET D 62 -15.19 -2.20 -21.53
CA MET D 62 -16.07 -1.58 -22.54
C MET D 62 -17.32 -2.41 -22.72
N ASP D 63 -18.50 -1.86 -22.37
CA ASP D 63 -19.80 -2.44 -22.68
C ASP D 63 -20.11 -2.17 -24.20
N LYS D 64 -20.31 -3.23 -25.01
CA LYS D 64 -20.47 -3.16 -26.47
C LYS D 64 -21.74 -2.43 -26.95
N ASN D 65 -22.88 -2.62 -26.26
CA ASN D 65 -24.18 -2.07 -26.68
C ASN D 65 -24.62 -0.84 -25.86
N THR D 66 -23.65 -0.19 -25.21
CA THR D 66 -23.85 1.00 -24.37
C THR D 66 -23.12 2.22 -24.95
N LEU D 67 -21.84 2.06 -25.37
CA LEU D 67 -20.97 3.16 -25.80
C LEU D 67 -21.17 3.58 -27.28
N GLY D 68 -21.50 2.60 -28.15
CA GLY D 68 -21.91 2.80 -29.54
C GLY D 68 -21.02 3.67 -30.39
N SER D 69 -21.27 5.01 -30.36
CA SER D 69 -20.53 6.04 -31.11
C SER D 69 -19.03 6.15 -30.74
N ASP D 70 -18.61 5.48 -29.63
CA ASP D 70 -17.21 5.46 -29.24
C ASP D 70 -16.49 4.13 -29.52
N LEU D 71 -17.15 3.18 -30.23
CA LEU D 71 -16.56 1.91 -30.68
C LEU D 71 -15.35 2.10 -31.64
N PRO D 72 -15.35 3.04 -32.64
CA PRO D 72 -14.14 3.21 -33.48
C PRO D 72 -12.92 3.74 -32.70
N ARG D 73 -13.16 4.49 -31.60
CA ARG D 73 -12.15 5.02 -30.68
C ARG D 73 -11.43 3.88 -29.92
N ILE D 74 -12.20 2.85 -29.48
CA ILE D 74 -11.70 1.64 -28.82
C ILE D 74 -10.75 0.87 -29.75
N LYS D 75 -11.16 0.70 -31.02
CA LYS D 75 -10.46 -0.07 -32.06
C LYS D 75 -9.17 0.61 -32.52
N THR D 76 -9.17 1.96 -32.64
CA THR D 76 -7.98 2.81 -32.92
C THR D 76 -6.93 2.67 -31.81
N GLU D 77 -7.36 2.71 -30.53
CA GLU D 77 -6.49 2.51 -29.37
C GLU D 77 -5.82 1.14 -29.42
N ILE D 78 -6.63 0.05 -29.50
CA ILE D 78 -6.21 -1.36 -29.54
C ILE D 78 -5.21 -1.60 -30.67
N GLU D 79 -5.50 -1.12 -31.88
CA GLU D 79 -4.62 -1.26 -33.04
C GLU D 79 -3.29 -0.46 -32.89
N ALA D 80 -3.31 0.73 -32.24
CA ALA D 80 -2.07 1.45 -31.92
C ALA D 80 -1.26 0.69 -30.88
N LEU D 81 -1.91 0.28 -29.76
CA LEU D 81 -1.32 -0.45 -28.64
C LEU D 81 -0.80 -1.87 -29.03
N LYS D 82 -1.34 -2.46 -30.11
CA LYS D 82 -0.81 -3.67 -30.74
C LYS D 82 0.57 -3.42 -31.39
N ASN D 83 0.76 -2.23 -31.99
CA ASN D 83 2.00 -1.85 -32.67
C ASN D 83 2.99 -1.01 -31.85
N LEU D 84 2.60 -0.53 -30.64
CA LEU D 84 3.50 0.24 -29.76
C LEU D 84 3.86 -0.53 -28.51
N ARG D 85 5.14 -0.69 -28.26
CA ARG D 85 5.68 -1.42 -27.13
C ARG D 85 6.86 -0.59 -26.64
N HIS D 86 6.74 0.07 -25.46
CA HIS D 86 7.77 1.01 -25.03
C HIS D 86 7.75 1.17 -23.51
N GLN D 87 8.91 1.41 -22.90
CA GLN D 87 9.09 1.66 -21.47
C GLN D 87 8.25 2.83 -20.90
N HIS D 88 7.80 3.76 -21.75
CA HIS D 88 7.01 4.90 -21.33
C HIS D 88 5.61 4.93 -21.94
N ILE D 89 5.14 3.79 -22.46
CA ILE D 89 3.79 3.56 -22.96
C ILE D 89 3.18 2.47 -22.10
N CYS D 90 2.01 2.74 -21.53
CA CYS D 90 1.31 1.72 -20.74
C CYS D 90 0.91 0.52 -21.64
N GLN D 91 1.49 -0.64 -21.33
CA GLN D 91 1.48 -1.89 -22.09
C GLN D 91 0.14 -2.58 -22.15
N LEU D 92 -0.29 -2.91 -23.39
CA LEU D 92 -1.40 -3.82 -23.65
C LEU D 92 -0.93 -5.27 -23.60
N TYR D 93 -1.63 -6.08 -22.76
CA TYR D 93 -1.32 -7.48 -22.56
C TYR D 93 -2.26 -8.42 -23.31
N HIS D 94 -3.56 -8.07 -23.35
CA HIS D 94 -4.64 -9.02 -23.64
C HIS D 94 -5.91 -8.24 -24.02
N VAL D 95 -6.49 -8.58 -25.16
CA VAL D 95 -7.81 -8.14 -25.55
C VAL D 95 -8.73 -9.37 -25.51
N LEU D 96 -9.81 -9.25 -24.72
CA LEU D 96 -10.93 -10.19 -24.69
C LEU D 96 -12.16 -9.50 -25.21
N GLU D 97 -12.93 -10.18 -26.06
CA GLU D 97 -14.20 -9.67 -26.54
C GLU D 97 -15.28 -10.75 -26.37
N THR D 98 -16.39 -10.40 -25.70
CA THR D 98 -17.50 -11.33 -25.45
C THR D 98 -18.78 -10.89 -26.22
N ALA D 99 -19.95 -11.23 -25.67
CA ALA D 99 -21.27 -10.87 -26.17
C ALA D 99 -21.47 -9.34 -26.12
N ASN D 100 -21.34 -8.77 -24.93
CA ASN D 100 -21.64 -7.39 -24.67
C ASN D 100 -20.45 -6.62 -24.11
N LYS D 101 -19.21 -7.18 -24.22
CA LYS D 101 -18.02 -6.59 -23.59
C LYS D 101 -16.72 -6.66 -24.44
N ILE D 102 -15.79 -5.66 -24.24
CA ILE D 102 -14.38 -5.58 -24.69
C ILE D 102 -13.54 -5.35 -23.40
N PHE D 103 -12.66 -6.30 -23.07
CA PHE D 103 -11.70 -6.13 -22.00
C PHE D 103 -10.34 -5.83 -22.59
N MET D 104 -9.69 -4.77 -22.08
CA MET D 104 -8.29 -4.49 -22.36
C MET D 104 -7.52 -4.71 -21.08
N VAL D 105 -6.55 -5.66 -21.10
CA VAL D 105 -5.72 -5.96 -19.95
C VAL D 105 -4.46 -5.16 -20.16
N LEU D 106 -4.17 -4.26 -19.20
CA LEU D 106 -3.13 -3.24 -19.36
C LEU D 106 -2.17 -3.26 -18.18
N GLU D 107 -1.01 -2.62 -18.35
CA GLU D 107 0.02 -2.41 -17.34
C GLU D 107 -0.52 -1.59 -16.15
N TYR D 108 -0.45 -2.13 -14.94
CA TYR D 108 -0.89 -1.45 -13.72
C TYR D 108 0.03 -0.29 -13.36
N CYS D 109 -0.58 0.92 -13.18
CA CYS D 109 0.10 2.15 -12.83
C CYS D 109 -0.52 2.70 -11.52
N PRO D 110 0.00 2.29 -10.36
CA PRO D 110 -0.60 2.74 -9.09
C PRO D 110 -0.22 4.17 -8.64
N GLY D 111 0.71 4.84 -9.34
CA GLY D 111 1.27 6.12 -8.95
C GLY D 111 0.42 7.36 -9.24
N GLY D 112 -0.76 7.15 -9.82
CA GLY D 112 -1.66 8.24 -10.20
C GLY D 112 -1.28 8.93 -11.50
N GLU D 113 -1.96 10.07 -11.80
CA GLU D 113 -1.74 10.86 -13.00
C GLU D 113 -0.74 11.96 -12.75
N LEU D 114 -0.03 12.38 -13.82
CA LEU D 114 0.78 13.61 -13.79
C LEU D 114 -0.07 14.84 -13.35
N PHE D 115 -1.38 14.87 -13.76
CA PHE D 115 -2.36 15.87 -13.32
C PHE D 115 -2.35 16.03 -11.81
N ASP D 116 -2.48 14.92 -11.06
CA ASP D 116 -2.51 14.85 -9.60
C ASP D 116 -1.27 15.46 -8.94
N TYR D 117 -0.11 15.18 -9.51
CA TYR D 117 1.21 15.66 -9.16
C TYR D 117 1.32 17.21 -9.31
N ILE D 118 0.86 17.75 -10.45
CA ILE D 118 0.78 19.17 -10.77
C ILE D 118 -0.14 19.89 -9.75
N ILE D 119 -1.34 19.36 -9.47
CA ILE D 119 -2.35 20.02 -8.66
C ILE D 119 -2.04 19.95 -7.15
N SER D 120 -1.17 19.01 -6.71
CA SER D 120 -0.84 18.77 -5.29
C SER D 120 0.12 19.79 -4.73
N GLN D 121 0.92 20.40 -5.57
CA GLN D 121 1.92 21.35 -5.12
C GLN D 121 1.83 22.60 -5.96
N ASP D 122 2.71 23.55 -5.66
CA ASP D 122 2.91 24.69 -6.52
C ASP D 122 3.50 24.17 -7.83
N ARG D 123 3.87 25.05 -8.75
CA ARG D 123 4.59 24.65 -9.96
C ARG D 123 5.79 23.72 -9.62
N LEU D 124 6.28 22.91 -10.58
CA LEU D 124 7.50 22.11 -10.33
C LEU D 124 8.69 22.97 -10.59
N SER D 125 9.78 22.72 -9.89
CA SER D 125 11.06 23.31 -10.24
C SER D 125 11.45 22.85 -11.64
N GLU D 126 12.27 23.65 -12.36
CA GLU D 126 12.82 23.28 -13.66
C GLU D 126 13.38 21.84 -13.69
N GLU D 127 14.13 21.48 -12.62
CA GLU D 127 14.84 20.20 -12.43
C GLU D 127 13.88 19.02 -12.23
N GLU D 128 12.77 19.24 -11.50
CA GLU D 128 11.66 18.30 -11.35
C GLU D 128 10.95 18.08 -12.70
N THR D 129 10.77 19.18 -13.46
CA THR D 129 10.12 19.20 -14.77
C THR D 129 10.93 18.36 -15.76
N ARG D 130 12.26 18.55 -15.79
CA ARG D 130 13.17 17.85 -16.70
C ARG D 130 13.08 16.33 -16.55
N VAL D 131 13.10 15.86 -15.28
CA VAL D 131 12.94 14.43 -14.89
C VAL D 131 11.73 13.83 -15.62
N VAL D 132 10.57 14.45 -15.40
CA VAL D 132 9.29 14.05 -15.93
C VAL D 132 9.21 14.26 -17.47
N PHE D 133 9.69 15.42 -17.97
CA PHE D 133 9.55 15.88 -19.36
C PHE D 133 10.38 15.06 -20.34
N ARG D 134 11.59 14.64 -19.92
CA ARG D 134 12.45 13.68 -20.67
C ARG D 134 11.78 12.32 -20.89
N GLN D 135 10.94 11.86 -19.96
CA GLN D 135 10.11 10.65 -20.12
C GLN D 135 8.98 10.87 -21.14
N ILE D 136 8.23 12.03 -21.07
CA ILE D 136 7.25 12.41 -22.08
C ILE D 136 7.89 12.47 -23.49
N VAL D 137 9.08 13.11 -23.63
CA VAL D 137 9.79 13.20 -24.90
C VAL D 137 10.13 11.82 -25.48
N SER D 138 10.73 10.93 -24.66
CA SER D 138 11.02 9.55 -24.95
C SER D 138 9.84 8.81 -25.58
N ALA D 139 8.68 8.83 -24.91
CA ALA D 139 7.45 8.16 -25.33
C ALA D 139 6.91 8.67 -26.65
N VAL D 140 6.81 10.02 -26.82
CA VAL D 140 6.27 10.71 -28.02
C VAL D 140 7.22 10.54 -29.22
N ALA D 141 8.56 10.63 -29.00
CA ALA D 141 9.54 10.36 -30.06
C ALA D 141 9.43 8.91 -30.57
N TYR D 142 9.20 7.95 -29.66
CA TYR D 142 8.89 6.60 -30.05
C TYR D 142 7.59 6.47 -30.85
N VAL D 143 6.45 7.01 -30.34
CA VAL D 143 5.16 7.08 -31.06
C VAL D 143 5.36 7.60 -32.51
N HIS D 144 6.08 8.73 -32.67
CA HIS D 144 6.33 9.38 -33.96
C HIS D 144 7.21 8.60 -34.92
N SER D 145 8.20 7.85 -34.38
CA SER D 145 9.08 6.96 -35.15
C SER D 145 8.29 5.78 -35.75
N GLN D 146 7.16 5.43 -35.13
CA GLN D 146 6.26 4.36 -35.54
C GLN D 146 5.19 4.80 -36.58
N GLY D 147 5.22 6.09 -36.95
CA GLY D 147 4.30 6.70 -37.90
C GLY D 147 2.97 7.14 -37.30
N TYR D 148 2.95 7.35 -35.96
CA TYR D 148 1.75 7.79 -35.27
C TYR D 148 1.92 9.21 -34.74
N ALA D 149 0.79 9.88 -34.50
CA ALA D 149 0.67 11.06 -33.66
C ALA D 149 -0.37 10.71 -32.60
N HIS D 150 -0.09 11.04 -31.32
CA HIS D 150 -0.97 10.75 -30.19
C HIS D 150 -2.28 11.56 -30.27
N ARG D 151 -2.15 12.87 -30.54
CA ARG D 151 -3.18 13.90 -30.70
C ARG D 151 -3.95 14.29 -29.41
N ASP D 152 -3.73 13.61 -28.25
CA ASP D 152 -4.43 14.00 -27.02
C ASP D 152 -3.49 14.07 -25.78
N LEU D 153 -2.28 14.65 -25.99
CA LEU D 153 -1.31 14.76 -24.92
C LEU D 153 -1.80 15.80 -23.92
N LYS D 154 -1.90 15.38 -22.65
CA LYS D 154 -2.38 16.16 -21.50
C LYS D 154 -1.94 15.43 -20.23
N PRO D 155 -1.92 16.09 -19.04
CA PRO D 155 -1.35 15.40 -17.86
C PRO D 155 -2.23 14.29 -17.26
N GLU D 156 -3.53 14.24 -17.66
CA GLU D 156 -4.44 13.14 -17.33
C GLU D 156 -4.10 11.85 -18.09
N ASN D 157 -3.47 11.97 -19.29
CA ASN D 157 -3.06 10.83 -20.10
C ASN D 157 -1.63 10.31 -19.82
N LEU D 158 -1.01 10.75 -18.73
CA LEU D 158 0.28 10.25 -18.26
C LEU D 158 0.13 9.77 -16.83
N LEU D 159 0.52 8.51 -16.57
CA LEU D 159 0.35 7.82 -15.28
C LEU D 159 1.69 7.39 -14.77
N PHE D 160 1.90 7.41 -13.44
CA PHE D 160 3.14 6.90 -12.84
C PHE D 160 3.01 5.44 -12.52
N ASP D 161 4.05 4.64 -12.88
CA ASP D 161 4.03 3.22 -12.45
C ASP D 161 4.48 3.10 -10.97
N GLU D 162 4.70 1.87 -10.44
CA GLU D 162 5.08 1.69 -9.04
C GLU D 162 6.56 2.10 -8.70
N TYR D 163 7.37 2.46 -9.72
CA TYR D 163 8.73 3.00 -9.54
C TYR D 163 8.82 4.49 -9.94
N HIS D 164 7.64 5.12 -10.19
CA HIS D 164 7.44 6.55 -10.40
C HIS D 164 7.90 6.99 -11.81
N LYS D 165 7.66 6.14 -12.79
CA LYS D 165 8.01 6.38 -14.18
C LYS D 165 6.74 6.56 -14.98
N LEU D 166 6.71 7.54 -15.89
CA LEU D 166 5.53 7.87 -16.69
C LEU D 166 5.22 6.82 -17.77
N LYS D 167 3.91 6.60 -17.96
CA LYS D 167 3.33 5.68 -18.93
C LYS D 167 2.27 6.47 -19.62
N LEU D 168 2.43 6.61 -20.95
CA LEU D 168 1.45 7.23 -21.85
C LEU D 168 0.26 6.30 -22.10
N ILE D 169 -0.95 6.87 -21.96
CA ILE D 169 -2.25 6.21 -22.03
C ILE D 169 -3.18 6.98 -23.02
N ASP D 170 -4.38 6.42 -23.33
CA ASP D 170 -5.45 6.98 -24.17
C ASP D 170 -5.02 7.26 -25.64
N PHE D 171 -5.04 6.21 -26.44
CA PHE D 171 -4.68 6.29 -27.84
C PHE D 171 -5.91 6.33 -28.79
N GLY D 172 -7.08 6.59 -28.21
CA GLY D 172 -8.36 6.66 -28.90
C GLY D 172 -8.44 7.69 -30.00
N LEU D 173 -7.72 8.82 -29.83
CA LEU D 173 -7.59 9.85 -30.88
C LEU D 173 -6.25 9.83 -31.63
N CYS D 174 -5.46 8.72 -31.52
CA CYS D 174 -4.20 8.67 -32.27
C CYS D 174 -4.43 8.46 -33.80
N ALA D 175 -3.51 8.96 -34.65
CA ALA D 175 -3.63 8.89 -36.09
C ALA D 175 -2.31 8.47 -36.71
N LYS D 176 -2.37 7.90 -37.92
CA LYS D 176 -1.16 7.81 -38.76
C LYS D 176 -1.22 9.02 -39.71
N PRO D 177 -0.39 10.07 -39.48
CA PRO D 177 -0.44 11.27 -40.35
C PRO D 177 -0.05 11.05 -41.82
N LYS D 178 0.81 10.05 -42.09
CA LYS D 178 1.17 9.67 -43.46
C LYS D 178 0.38 8.44 -43.96
N GLY D 179 -0.40 7.83 -43.08
CA GLY D 179 -1.21 6.66 -43.42
C GLY D 179 -2.63 6.94 -43.88
N ASN D 180 -3.50 5.94 -43.66
CA ASN D 180 -4.95 5.99 -43.87
C ASN D 180 -5.61 6.86 -42.83
N LYS D 181 -6.67 7.60 -43.23
CA LYS D 181 -7.35 8.57 -42.33
C LYS D 181 -8.32 7.89 -41.33
N ASP D 182 -8.78 8.68 -40.36
CA ASP D 182 -9.66 8.28 -39.26
C ASP D 182 -11.07 8.72 -39.60
N GLY D 190 -8.63 16.44 -28.97
CA GLY D 190 -8.31 16.40 -27.54
C GLY D 190 -8.80 17.60 -26.74
N ALA D 191 -8.11 17.88 -25.57
CA ALA D 191 -8.34 19.08 -24.76
C ALA D 191 -7.98 20.35 -25.57
N LEU D 192 -8.86 21.36 -25.56
CA LEU D 192 -8.71 22.58 -26.36
C LEU D 192 -7.46 23.37 -25.95
N ALA D 193 -7.18 23.47 -24.64
CA ALA D 193 -6.01 24.14 -24.10
C ALA D 193 -4.65 23.54 -24.57
N TYR D 194 -4.64 22.24 -24.95
CA TYR D 194 -3.45 21.47 -25.40
C TYR D 194 -3.35 21.37 -26.91
N ALA D 195 -4.44 21.76 -27.62
CA ALA D 195 -4.58 21.67 -29.09
C ALA D 195 -3.77 22.74 -29.87
N ALA D 196 -3.02 22.31 -30.90
CA ALA D 196 -2.19 23.16 -31.75
C ALA D 196 -3.04 24.07 -32.63
N PRO D 197 -2.54 25.28 -33.03
CA PRO D 197 -3.34 26.17 -33.91
C PRO D 197 -3.92 25.48 -35.15
N GLU D 198 -3.06 24.76 -35.90
CA GLU D 198 -3.40 24.08 -37.16
C GLU D 198 -4.41 22.96 -36.96
N LEU D 199 -4.49 22.42 -35.73
CA LEU D 199 -5.41 21.37 -35.31
C LEU D 199 -6.83 21.92 -35.08
N ILE D 200 -6.96 23.09 -34.43
CA ILE D 200 -8.24 23.80 -34.25
C ILE D 200 -8.81 24.23 -35.61
N GLN D 201 -7.95 24.63 -36.57
CA GLN D 201 -8.42 25.03 -37.91
C GLN D 201 -8.56 23.85 -38.89
N GLY D 202 -7.77 22.79 -38.71
CA GLY D 202 -7.81 21.57 -39.53
C GLY D 202 -7.05 21.67 -40.84
N LYS D 203 -5.71 21.67 -40.77
CA LYS D 203 -4.79 21.91 -41.91
C LYS D 203 -4.34 20.61 -42.62
N SER D 204 -3.58 20.77 -43.74
CA SER D 204 -2.93 19.67 -44.50
C SER D 204 -1.56 19.34 -43.89
N TYR D 205 -1.57 18.59 -42.77
CA TYR D 205 -0.41 18.38 -41.91
C TYR D 205 0.22 16.99 -41.98
N LEU D 206 1.54 16.92 -41.68
CA LEU D 206 2.30 15.72 -41.31
C LEU D 206 2.09 15.37 -39.82
N GLY D 207 1.15 16.09 -39.17
CA GLY D 207 0.36 15.72 -37.99
C GLY D 207 1.07 15.54 -36.66
N SER D 208 2.38 15.29 -36.72
CA SER D 208 3.24 15.02 -35.59
C SER D 208 3.74 16.33 -34.93
N GLU D 209 3.73 17.45 -35.70
CA GLU D 209 4.12 18.79 -35.21
C GLU D 209 3.14 19.29 -34.15
N ALA D 210 1.86 18.90 -34.27
CA ALA D 210 0.81 19.21 -33.29
C ALA D 210 1.12 18.62 -31.91
N ASP D 211 1.81 17.44 -31.84
CA ASP D 211 2.20 16.84 -30.58
C ASP D 211 3.31 17.60 -29.85
N VAL D 212 4.25 18.21 -30.61
CA VAL D 212 5.30 19.11 -30.13
C VAL D 212 4.68 20.35 -29.46
N TRP D 213 3.73 21.01 -30.14
CA TRP D 213 2.92 22.06 -29.49
C TRP D 213 2.37 21.62 -28.14
N SER D 214 1.64 20.47 -28.07
CA SER D 214 1.05 19.91 -26.83
C SER D 214 2.05 19.64 -25.67
N MET D 215 3.28 19.14 -25.97
CA MET D 215 4.40 18.98 -25.05
C MET D 215 4.95 20.33 -24.53
N GLY D 216 4.93 21.35 -25.39
CA GLY D 216 5.21 22.71 -24.97
C GLY D 216 4.20 23.28 -23.98
N ILE D 217 2.91 22.95 -24.16
CA ILE D 217 1.78 23.31 -23.26
C ILE D 217 1.98 22.63 -21.95
N LEU D 218 2.32 21.34 -22.01
CA LEU D 218 2.72 20.49 -20.89
C LEU D 218 3.93 21.02 -20.12
N LEU D 219 5.04 21.35 -20.84
CA LEU D 219 6.23 21.98 -20.27
C LEU D 219 5.91 23.25 -19.47
N TYR D 220 5.04 24.12 -20.02
CA TYR D 220 4.61 25.36 -19.37
C TYR D 220 3.78 25.05 -18.06
N VAL D 221 2.65 24.28 -18.15
CA VAL D 221 1.80 23.94 -16.99
C VAL D 221 2.61 23.30 -15.82
N LEU D 222 3.67 22.51 -16.14
CA LEU D 222 4.58 21.91 -15.19
C LEU D 222 5.42 22.96 -14.42
N MET D 223 6.02 23.93 -15.13
CA MET D 223 6.84 24.99 -14.51
C MET D 223 6.06 26.22 -14.02
N CYS D 224 4.80 26.37 -14.43
CA CYS D 224 4.01 27.55 -14.10
C CYS D 224 2.83 27.24 -13.18
N GLY D 225 2.21 26.09 -13.35
CA GLY D 225 1.03 25.72 -12.57
C GLY D 225 -0.29 26.17 -13.17
N PHE D 226 -0.21 26.87 -14.29
CA PHE D 226 -1.34 27.36 -15.07
C PHE D 226 -1.01 27.20 -16.55
N LEU D 227 -2.05 27.24 -17.40
CA LEU D 227 -1.91 27.04 -18.85
C LEU D 227 -1.45 28.32 -19.59
N PRO D 228 -0.63 28.25 -20.68
CA PRO D 228 -0.21 29.51 -21.37
C PRO D 228 -1.36 30.29 -22.04
N PHE D 229 -2.38 29.56 -22.48
CA PHE D 229 -3.61 30.03 -23.09
C PHE D 229 -4.79 29.44 -22.28
N ASP D 230 -5.59 30.32 -21.66
CA ASP D 230 -6.71 29.92 -20.82
C ASP D 230 -7.75 30.99 -20.79
N ASP D 231 -9.02 30.61 -21.01
CA ASP D 231 -10.14 31.54 -20.88
C ASP D 231 -11.40 30.87 -20.32
N ASP D 232 -12.44 31.69 -20.03
CA ASP D 232 -13.73 31.28 -19.50
C ASP D 232 -14.65 30.72 -20.60
N THR D 233 -14.37 31.03 -21.90
CA THR D 233 -15.11 30.48 -23.04
C THR D 233 -14.16 29.74 -23.98
N ALA D 234 -14.70 28.85 -24.83
CA ALA D 234 -13.94 28.11 -25.82
C ALA D 234 -13.44 29.02 -26.95
N ALA D 235 -14.28 29.98 -27.40
CA ALA D 235 -13.98 30.92 -28.49
C ALA D 235 -12.83 31.89 -28.13
N ALA D 236 -12.82 32.35 -26.86
CA ALA D 236 -11.72 33.17 -26.35
C ALA D 236 -10.43 32.38 -26.10
N LEU D 237 -10.53 31.09 -25.72
CA LEU D 237 -9.38 30.16 -25.66
C LEU D 237 -8.79 29.96 -27.06
N VAL D 238 -9.62 29.58 -28.07
CA VAL D 238 -9.22 29.43 -29.51
C VAL D 238 -8.45 30.66 -30.04
N ALA D 239 -9.00 31.87 -29.86
CA ALA D 239 -8.41 33.15 -30.30
C ALA D 239 -7.05 33.40 -29.65
N LYS D 240 -6.92 33.09 -28.34
CA LYS D 240 -5.67 33.18 -27.60
C LYS D 240 -4.58 32.24 -28.19
N ILE D 241 -4.96 31.00 -28.56
CA ILE D 241 -4.11 29.97 -29.19
C ILE D 241 -3.65 30.41 -30.59
N MET D 242 -4.55 31.02 -31.38
CA MET D 242 -4.26 31.57 -32.72
C MET D 242 -3.26 32.73 -32.70
N ARG D 243 -3.36 33.65 -31.68
CA ARG D 243 -2.41 34.77 -31.49
C ARG D 243 -1.03 34.26 -31.13
N GLY D 244 -0.98 33.31 -30.17
CA GLY D 244 0.24 32.66 -29.72
C GLY D 244 1.02 33.42 -28.68
N LYS D 245 0.40 34.43 -28.08
CA LYS D 245 1.00 35.30 -27.09
C LYS D 245 0.66 34.80 -25.68
N TYR D 246 1.68 34.64 -24.84
CA TYR D 246 1.53 34.10 -23.51
C TYR D 246 2.46 34.84 -22.54
N ASP D 247 2.11 34.83 -21.26
CA ASP D 247 2.94 35.39 -20.21
C ASP D 247 4.15 34.50 -19.98
N VAL D 248 5.26 35.14 -19.74
CA VAL D 248 6.48 34.51 -19.33
C VAL D 248 6.66 34.93 -17.85
N PRO D 249 6.27 34.06 -16.87
CA PRO D 249 6.51 34.39 -15.46
C PRO D 249 7.98 34.56 -15.09
N LYS D 250 8.25 35.33 -14.01
CA LYS D 250 9.59 35.78 -13.58
C LYS D 250 10.51 34.63 -13.19
N TRP D 251 9.93 33.58 -12.58
CA TRP D 251 10.63 32.40 -12.10
C TRP D 251 11.18 31.46 -13.22
N LEU D 252 10.65 31.60 -14.45
CA LEU D 252 11.14 30.91 -15.64
C LEU D 252 12.55 31.36 -16.00
N SER D 253 13.48 30.40 -16.11
CA SER D 253 14.86 30.65 -16.53
C SER D 253 14.87 31.01 -18.01
N PRO D 254 15.85 31.80 -18.49
CA PRO D 254 16.01 32.00 -19.94
C PRO D 254 16.04 30.73 -20.81
N SER D 255 16.71 29.65 -20.35
CA SER D 255 16.71 28.32 -21.00
C SER D 255 15.29 27.79 -21.23
N SER D 256 14.45 27.78 -20.17
CA SER D 256 13.02 27.43 -20.22
C SER D 256 12.27 28.26 -21.28
N ILE D 257 12.48 29.59 -21.30
CA ILE D 257 11.84 30.57 -22.20
C ILE D 257 12.18 30.25 -23.66
N LEU D 258 13.46 30.02 -23.95
CA LEU D 258 13.93 29.63 -25.28
C LEU D 258 13.25 28.37 -25.78
N LEU D 259 13.29 27.28 -24.99
CA LEU D 259 12.62 26.01 -25.33
C LEU D 259 11.14 26.21 -25.56
N LEU D 260 10.47 27.01 -24.70
CA LEU D 260 9.01 27.31 -24.86
C LEU D 260 8.67 28.03 -26.14
N GLN D 261 9.50 28.98 -26.59
CA GLN D 261 9.32 29.72 -27.85
C GLN D 261 9.48 28.82 -29.07
N GLN D 262 10.38 27.84 -28.99
CA GLN D 262 10.66 26.87 -30.06
C GLN D 262 9.52 25.88 -30.21
N MET D 263 8.91 25.47 -29.08
CA MET D 263 7.81 24.49 -29.07
C MET D 263 6.46 25.15 -29.27
N LEU D 264 6.29 26.37 -28.73
CA LEU D 264 5.04 27.12 -28.84
C LEU D 264 5.09 28.15 -30.00
N GLN D 265 5.64 27.72 -31.15
CA GLN D 265 5.53 28.38 -32.45
C GLN D 265 4.17 28.07 -33.06
N VAL D 266 3.37 29.10 -33.39
CA VAL D 266 2.03 28.93 -33.98
C VAL D 266 2.12 28.28 -35.42
N ASP D 267 3.17 28.63 -36.20
CA ASP D 267 3.44 28.03 -37.52
C ASP D 267 4.12 26.64 -37.33
N PRO D 268 3.44 25.50 -37.63
CA PRO D 268 4.03 24.17 -37.32
C PRO D 268 5.34 23.83 -38.06
N LYS D 269 5.65 24.62 -39.11
CA LYS D 269 6.88 24.53 -39.90
C LYS D 269 8.04 25.23 -39.18
N LYS D 270 7.73 26.19 -38.31
CA LYS D 270 8.70 26.94 -37.49
C LYS D 270 8.96 26.29 -36.12
N ARG D 271 8.07 25.35 -35.68
CA ARG D 271 8.23 24.58 -34.42
C ARG D 271 9.46 23.71 -34.48
N ILE D 272 10.09 23.52 -33.31
CA ILE D 272 11.23 22.60 -33.12
CA ILE D 272 11.21 22.60 -33.11
C ILE D 272 10.86 21.18 -33.59
N SER D 273 11.77 20.52 -34.31
CA SER D 273 11.58 19.14 -34.74
C SER D 273 11.82 18.18 -33.55
N MET D 274 11.30 16.95 -33.63
CA MET D 274 11.62 15.90 -32.65
C MET D 274 13.14 15.69 -32.56
N LYS D 275 13.84 15.64 -33.73
CA LYS D 275 15.30 15.50 -33.79
C LYS D 275 16.05 16.53 -32.92
N ASN D 276 15.66 17.81 -33.00
CA ASN D 276 16.35 18.88 -32.27
C ASN D 276 15.86 19.03 -30.82
N LEU D 277 14.62 18.59 -30.55
CA LEU D 277 14.11 18.47 -29.17
C LEU D 277 14.91 17.44 -28.37
N LEU D 278 15.27 16.30 -28.96
CA LEU D 278 15.98 15.16 -28.30
C LEU D 278 17.32 15.52 -27.67
N ASN D 279 18.09 16.41 -28.34
CA ASN D 279 19.37 16.92 -27.81
C ASN D 279 19.35 18.42 -27.57
N HIS D 280 18.15 19.01 -27.40
CA HIS D 280 18.06 20.44 -27.11
C HIS D 280 18.91 20.79 -25.84
N PRO D 281 19.65 21.92 -25.80
CA PRO D 281 20.37 22.31 -24.56
C PRO D 281 19.61 22.22 -23.23
N TRP D 282 18.32 22.68 -23.16
CA TRP D 282 17.46 22.57 -21.97
C TRP D 282 17.26 21.11 -21.57
N ILE D 283 17.00 20.25 -22.54
CA ILE D 283 16.88 18.80 -22.39
C ILE D 283 18.17 18.16 -21.77
N MET D 284 19.35 18.55 -22.29
CA MET D 284 20.73 18.07 -22.03
C MET D 284 21.27 18.51 -20.65
N GLN D 285 20.85 19.70 -20.20
CA GLN D 285 21.16 20.29 -18.91
C GLN D 285 21.08 19.24 -17.77
N ASP D 286 22.21 19.08 -17.03
CA ASP D 286 22.40 18.22 -15.86
C ASP D 286 22.63 16.70 -16.23
N TYR D 287 21.91 16.16 -17.25
CA TYR D 287 22.05 14.78 -17.80
C TYR D 287 23.24 14.58 -18.73
N ASN D 288 23.50 15.56 -19.64
CA ASN D 288 24.58 15.64 -20.62
C ASN D 288 24.63 14.48 -21.62
N TYR D 289 23.46 13.83 -21.85
CA TYR D 289 23.21 12.84 -22.91
C TYR D 289 21.78 13.05 -23.45
N PRO D 290 21.53 12.85 -24.78
CA PRO D 290 20.17 13.12 -25.30
C PRO D 290 19.12 12.11 -24.86
N VAL D 291 17.83 12.46 -24.99
CA VAL D 291 16.72 11.56 -24.65
C VAL D 291 16.88 10.23 -25.44
N GLU D 292 16.88 9.13 -24.71
CA GLU D 292 16.86 7.78 -25.27
C GLU D 292 15.37 7.38 -25.45
N TRP D 293 14.91 7.46 -26.70
CA TRP D 293 13.53 7.28 -27.11
C TRP D 293 13.25 5.87 -27.60
N GLN D 294 14.28 5.18 -28.13
CA GLN D 294 14.13 3.85 -28.71
C GLN D 294 13.73 2.85 -27.65
N SER D 295 12.78 1.98 -28.02
CA SER D 295 12.16 0.99 -27.15
C SER D 295 13.16 -0.05 -26.63
N LYS D 296 13.08 -0.33 -25.31
CA LYS D 296 13.83 -1.40 -24.66
C LYS D 296 12.94 -2.67 -24.52
N ASN D 297 11.75 -2.64 -25.16
CA ASN D 297 10.69 -3.65 -25.03
C ASN D 297 10.42 -4.32 -26.42
N PRO D 298 11.09 -5.45 -26.77
CA PRO D 298 11.07 -5.90 -28.17
C PRO D 298 9.85 -6.71 -28.61
N PHE D 299 9.62 -6.75 -29.94
CA PHE D 299 8.67 -7.65 -30.59
C PHE D 299 9.40 -8.94 -31.04
N ILE D 300 10.75 -8.83 -31.25
CA ILE D 300 11.60 -9.87 -31.84
C ILE D 300 12.42 -10.67 -30.79
N HIS D 301 13.31 -9.99 -30.01
CA HIS D 301 14.41 -10.62 -29.24
C HIS D 301 14.02 -11.31 -27.90
N LEU D 302 13.17 -12.39 -27.96
CA LEU D 302 12.53 -13.09 -26.81
C LEU D 302 13.49 -13.58 -25.70
N ASP D 303 13.29 -13.16 -24.42
CA ASP D 303 14.17 -13.57 -23.31
C ASP D 303 13.67 -14.90 -22.72
N ASP D 304 14.43 -15.99 -23.02
CA ASP D 304 13.92 -17.35 -23.16
C ASP D 304 13.85 -18.20 -21.86
N ASP D 305 14.24 -17.62 -20.70
CA ASP D 305 13.75 -18.08 -19.38
C ASP D 305 12.20 -18.16 -19.37
N CYS D 306 11.53 -17.20 -20.06
CA CYS D 306 10.07 -17.11 -20.24
C CYS D 306 9.58 -18.15 -21.22
N VAL D 307 10.27 -18.34 -22.36
CA VAL D 307 9.96 -19.37 -23.36
C VAL D 307 10.08 -20.79 -22.73
N THR D 308 11.13 -21.03 -21.90
CA THR D 308 11.36 -22.33 -21.27
C THR D 308 10.32 -22.59 -20.18
N GLU D 309 9.91 -21.55 -19.41
CA GLU D 309 8.82 -21.74 -18.45
C GLU D 309 7.43 -21.81 -19.11
N LEU D 310 7.30 -21.23 -20.30
CA LEU D 310 6.12 -21.32 -21.17
C LEU D 310 6.01 -22.67 -21.89
N SER D 311 7.17 -23.33 -22.09
CA SER D 311 7.27 -24.69 -22.64
C SER D 311 6.93 -25.80 -21.62
N VAL D 312 7.39 -25.67 -20.34
CA VAL D 312 7.10 -26.63 -19.26
C VAL D 312 5.61 -26.61 -18.89
N HIS D 313 5.08 -25.43 -18.51
CA HIS D 313 3.69 -25.26 -18.10
C HIS D 313 2.78 -25.67 -19.26
N HIS D 314 2.75 -24.89 -20.36
CA HIS D 314 1.98 -25.22 -21.55
C HIS D 314 2.78 -26.29 -22.30
N ARG D 315 2.33 -27.57 -22.20
CA ARG D 315 3.07 -28.75 -22.64
C ARG D 315 3.22 -28.85 -24.18
N ASN D 316 4.20 -28.08 -24.73
CA ASN D 316 4.64 -28.06 -26.14
C ASN D 316 6.04 -27.41 -26.30
N ASN D 317 6.54 -27.38 -27.56
CA ASN D 317 7.96 -27.12 -27.84
C ASN D 317 8.30 -25.67 -28.26
N ARG D 318 9.58 -25.31 -28.10
CA ARG D 318 10.23 -24.04 -28.39
C ARG D 318 10.39 -23.78 -29.90
N GLN D 319 9.27 -23.77 -30.64
CA GLN D 319 9.16 -23.15 -31.96
C GLN D 319 8.07 -22.06 -31.84
N THR D 320 8.18 -21.25 -30.74
CA THR D 320 7.29 -20.21 -30.18
C THR D 320 6.03 -20.82 -29.58
N ILE D 325 4.28 -17.54 -29.51
CA ILE D 325 4.59 -16.27 -28.86
C ILE D 325 4.74 -15.16 -29.89
N SER D 326 5.45 -15.43 -31.01
CA SER D 326 5.81 -14.46 -32.06
C SER D 326 4.62 -14.03 -32.94
N LEU D 327 3.50 -14.78 -32.89
CA LEU D 327 2.23 -14.39 -33.50
C LEU D 327 1.59 -13.11 -32.89
N TRP D 328 1.93 -12.77 -31.61
CA TRP D 328 1.43 -11.60 -30.84
C TRP D 328 -0.07 -11.33 -31.06
N GLN D 329 -0.92 -12.28 -30.67
CA GLN D 329 -2.36 -12.18 -30.93
C GLN D 329 -3.14 -11.37 -29.88
N TYR D 330 -2.47 -10.99 -28.76
CA TYR D 330 -3.02 -10.28 -27.59
C TYR D 330 -4.14 -11.12 -26.95
N ASP D 331 -3.80 -12.39 -26.78
CA ASP D 331 -4.57 -13.45 -26.13
C ASP D 331 -3.86 -13.77 -24.81
N HIS D 332 -4.28 -14.86 -24.11
CA HIS D 332 -3.72 -15.25 -22.81
C HIS D 332 -2.21 -15.54 -22.90
N LEU D 333 -1.75 -16.03 -24.07
CA LEU D 333 -0.34 -16.31 -24.29
C LEU D 333 0.52 -15.03 -24.28
N THR D 334 0.12 -13.98 -25.05
CA THR D 334 0.76 -12.66 -25.06
C THR D 334 0.85 -12.10 -23.62
N ALA D 335 -0.31 -12.09 -22.88
CA ALA D 335 -0.42 -11.62 -21.50
C ALA D 335 0.60 -12.30 -20.59
N THR D 336 0.59 -13.65 -20.58
CA THR D 336 1.45 -14.49 -19.75
C THR D 336 2.92 -14.32 -20.11
N TYR D 337 3.27 -14.32 -21.42
CA TYR D 337 4.65 -14.05 -21.83
C TYR D 337 5.17 -12.70 -21.32
N LEU D 338 4.41 -11.61 -21.58
CA LEU D 338 4.78 -10.24 -21.23
C LEU D 338 4.78 -10.02 -19.71
N LEU D 339 3.84 -10.65 -18.99
CA LEU D 339 3.83 -10.56 -17.53
C LEU D 339 4.90 -11.43 -16.88
N LEU D 340 5.25 -12.58 -17.50
CA LEU D 340 6.41 -13.37 -17.04
C LEU D 340 7.70 -12.59 -17.19
N LEU D 341 7.87 -11.93 -18.35
CA LEU D 341 8.96 -11.00 -18.64
C LEU D 341 9.04 -9.84 -17.64
N ALA D 342 7.87 -9.26 -17.26
CA ALA D 342 7.73 -8.24 -16.22
C ALA D 342 8.13 -8.80 -14.82
N LYS D 343 7.68 -10.04 -14.47
CA LYS D 343 7.92 -10.72 -13.19
C LYS D 343 9.40 -11.07 -13.03
N LYS D 344 10.09 -11.39 -14.15
CA LYS D 344 11.54 -11.57 -14.21
C LYS D 344 12.27 -10.24 -13.99
N ALA D 345 11.77 -9.14 -14.61
CA ALA D 345 12.31 -7.77 -14.49
C ALA D 345 12.16 -7.17 -13.09
N ARG D 346 11.23 -7.72 -12.28
CA ARG D 346 10.96 -7.39 -10.88
C ARG D 346 11.94 -8.10 -9.92
N GLY D 347 12.63 -9.12 -10.43
CA GLY D 347 13.55 -9.96 -9.67
C GLY D 347 12.95 -11.27 -9.22
N LYS D 348 11.61 -11.30 -9.09
CA LYS D 348 10.78 -12.45 -8.71
C LYS D 348 11.02 -13.66 -9.65
N PRO D 349 10.76 -14.92 -9.23
CA PRO D 349 11.09 -16.06 -10.11
C PRO D 349 10.27 -16.13 -11.39
N VAL D 350 10.88 -16.62 -12.48
CA VAL D 350 10.20 -16.88 -13.76
C VAL D 350 9.39 -18.19 -13.58
N ARG D 351 8.17 -18.09 -12.99
CA ARG D 351 7.37 -19.27 -12.60
C ARG D 351 5.88 -19.19 -12.96
N LEU D 352 5.34 -20.31 -13.49
CA LEU D 352 3.95 -20.48 -13.93
C LEU D 352 3.30 -21.64 -13.17
N ARG D 353 2.34 -21.33 -12.28
CA ARG D 353 1.64 -22.31 -11.44
C ARG D 353 0.66 -23.19 -12.23
O1 5QM E . -25.04 9.24 -7.64
C2 5QM E . -23.90 9.59 -8.42
C3 5QM E . -22.66 8.97 -7.90
C4 5QM E . -21.67 8.48 -7.48
C5 5QM E . -20.46 7.88 -6.97
C6 5QM E . -19.64 7.13 -7.82
C7 5QM E . -18.48 6.54 -7.34
C8 5QM E . -18.10 6.72 -5.99
C9 5QM E . -16.94 6.12 -5.43
C10 5QM E . -16.64 6.34 -4.10
N11 5QM E . -17.41 7.08 -3.29
C12 5QM E . -18.54 7.62 -3.78
C13 5QM E . -18.93 7.48 -5.13
C14 5QM E . -20.11 8.04 -5.64
HO1 5QM E . -25.75 9.62 -7.99
H2 5QM E . -24.04 9.29 -9.34
H2A 5QM E . -23.80 10.56 -8.43
H6 5QM E . -19.89 7.00 -8.72
H7 5QM E . -17.94 6.03 -7.92
H9 5QM E . -16.36 5.62 -5.97
H10 5QM E . -15.86 5.97 -3.75
H12 5QM E . -19.07 8.12 -3.21
H14 5QM E . -20.65 8.55 -5.07
O1 5QM F . 1.36 -3.06 17.41
C2 5QM F . 2.55 -3.03 16.62
C3 5QM F . 3.77 -3.16 17.42
C4 5QM F . 4.76 -3.26 18.08
C5 5QM F . 5.96 -3.38 18.87
C6 5QM F . 7.03 -4.13 18.40
C7 5QM F . 8.19 -4.25 19.15
C8 5QM F . 8.28 -3.64 20.44
C9 5QM F . 9.41 -3.76 21.27
C10 5QM F . 9.39 -3.16 22.52
N11 5QM F . 8.35 -2.46 22.98
C12 5QM F . 7.26 -2.35 22.22
C13 5QM F . 7.16 -2.94 20.93
C14 5QM F . 6.01 -2.82 20.14
HO1 5QM F . 0.67 -2.98 16.88
H2 5QM F . 2.51 -3.77 15.97
H2A 5QM F . 2.57 -2.20 16.11
H6 5QM F . 7.00 -4.52 17.55
H7 5QM F . 8.93 -4.74 18.82
H9 5QM F . 10.17 -4.23 20.98
H10 5QM F . 10.17 -3.22 23.06
H12 5QM F . 6.54 -1.88 22.55
H14 5QM F . 5.27 -2.34 20.47
O1 5QM G . 24.18 -9.44 6.57
C2 5QM G . 22.94 -9.81 7.13
C3 5QM G . 22.80 -9.34 8.52
C4 5QM G . 22.68 -8.97 9.64
C5 5QM G . 22.55 -8.51 11.00
C6 5QM G . 21.38 -7.89 11.42
C7 5QM G . 21.24 -7.45 12.72
C8 5QM G . 22.30 -7.60 13.65
C9 5QM G . 22.22 -7.14 14.98
C10 5QM G . 23.31 -7.34 15.81
N11 5QM G . 24.45 -7.92 15.42
C12 5QM G . 24.55 -8.36 14.16
C13 5QM G . 23.50 -8.23 13.23
C14 5QM G . 23.61 -8.66 11.89
HO1 5QM G . 24.20 -9.68 5.73
H2 5QM G . 22.21 -9.43 6.59
H2A 5QM G . 22.84 -10.78 7.10
H6 5QM G . 20.67 -7.78 10.80
H7 5QM G . 20.44 -7.03 12.99
H9 5QM G . 21.44 -6.74 15.30
H10 5QM G . 23.24 -7.05 16.71
H12 5QM G . 25.35 -8.76 13.89
H14 5QM G . 24.41 -9.07 11.60
O1 5QM H . -3.95 3.49 -22.98
C2 5QM H . -5.07 2.78 -22.46
C3 5QM H . -5.13 2.85 -20.99
C4 5QM H . -5.19 2.90 -19.79
C5 5QM H . -5.25 2.96 -18.36
C6 5QM H . -6.21 3.76 -17.73
C7 5QM H . -6.27 3.84 -16.35
C8 5QM H . -5.35 3.12 -15.55
C9 5QM H . -5.36 3.15 -14.13
C10 5QM H . -4.41 2.43 -13.44
N11 5QM H . -3.47 1.70 -14.03
C12 5QM H . -3.42 1.67 -15.37
C13 5QM H . -4.35 2.33 -16.19
C14 5QM H . -4.33 2.25 -17.59
HO1 5QM H . -4.05 3.60 -23.83
H2 5QM H . -5.89 3.15 -22.83
H2A 5QM H . -5.01 1.84 -22.73
H6 5QM H . -6.84 4.22 -18.26
H7 5QM H . -6.95 4.36 -15.94
H9 5QM H . -6.00 3.66 -13.67
H10 5QM H . -4.42 2.46 -12.49
H12 5QM H . -2.77 1.12 -15.78
H14 5QM H . -3.65 1.76 -18.00
#